data_4AD9
#
_entry.id   4AD9
#
_cell.length_a   107.470
_cell.length_b   95.690
_cell.length_c   135.760
_cell.angle_alpha   90.00
_cell.angle_beta   112.84
_cell.angle_gamma   90.00
#
_symmetry.space_group_name_H-M   'P 1 21 1'
#
loop_
_entity.id
_entity.type
_entity.pdbx_description
1 polymer 'BETA-LACTAMASE-LIKE PROTEIN 2'
2 non-polymer 'ZINC ION'
3 non-polymer 1,2-ETHANEDIOL
4 water water
#
_entity_poly.entity_id   1
_entity_poly.type   'polypeptide(L)'
_entity_poly.pdbx_seq_one_letter_code
;SMAAVLQRVERLSNRVVRVLGCNPGPMTLQGTNTYLVGTGPRRILIDTGEPAIPEYISCLKQALTEFNTAIQEIVVTHWH
RDHSGGIGDICKSINNDTTYCIKKLPRNPQREEIIGNGEQQYVYLKDGDVIKTEGATLRVLYTPGHTDDHMALLLEEENA
IFSGDCILGEGTTVFEDLYDYMNSLKELLKIKADIIYPGHGPVIHNAEAKIQQYISHRNIREQQILTLFRENFEKSFTVM
ELVKIIYKNTPENLHEMAKHNLLLHLKKLEKEGKIFSNTDPDKKWKAHL
;
_entity_poly.pdbx_strand_id   A,B,C,D,E,F
#
loop_
_chem_comp.id
_chem_comp.type
_chem_comp.name
_chem_comp.formula
EDO non-polymer 1,2-ETHANEDIOL 'C2 H6 O2'
ZN non-polymer 'ZINC ION' 'Zn 2'
#
# COMPACT_ATOMS: atom_id res chain seq x y z
N MET A 2 15.31 -22.17 2.42
CA MET A 2 16.75 -22.04 2.60
C MET A 2 17.26 -20.59 2.32
N ALA A 3 16.64 -19.81 1.41
CA ALA A 3 17.05 -18.42 1.16
C ALA A 3 16.95 -17.55 2.47
N ALA A 4 17.94 -16.65 2.68
CA ALA A 4 18.00 -15.77 3.87
C ALA A 4 16.91 -14.72 3.82
N VAL A 5 16.34 -14.41 4.99
CA VAL A 5 15.31 -13.38 5.15
C VAL A 5 16.00 -12.11 5.58
N LEU A 6 16.15 -11.17 4.63
CA LEU A 6 16.78 -9.85 4.81
C LEU A 6 15.78 -8.85 5.35
N GLN A 7 16.24 -7.97 6.24
CA GLN A 7 15.36 -6.94 6.81
C GLN A 7 15.36 -5.73 5.90
N ARG A 8 14.25 -4.99 5.86
CA ARG A 8 14.11 -3.83 4.96
C ARG A 8 15.17 -2.74 5.20
N VAL A 9 15.48 -2.43 6.46
CA VAL A 9 16.50 -1.41 6.76
C VAL A 9 17.46 -2.07 7.67
N GLU A 10 18.75 -1.98 7.36
CA GLU A 10 19.77 -2.59 8.19
C GLU A 10 21.11 -1.90 8.06
N ARG A 11 21.74 -1.57 9.21
CA ARG A 11 23.10 -1.03 9.36
C ARG A 11 24.04 -2.23 9.28
N LEU A 12 24.82 -2.33 8.19
CA LEU A 12 25.76 -3.42 7.94
C LEU A 12 27.15 -3.11 8.53
N SER A 13 27.53 -1.83 8.54
CA SER A 13 28.80 -1.36 9.10
C SER A 13 28.66 0.10 9.54
N ASN A 14 29.75 0.70 10.03
CA ASN A 14 29.82 2.11 10.46
C ASN A 14 29.57 3.05 9.28
N ARG A 15 29.79 2.56 8.04
CA ARG A 15 29.68 3.32 6.81
C ARG A 15 28.56 2.86 5.86
N VAL A 16 28.03 1.64 6.02
CA VAL A 16 27.03 1.10 5.10
C VAL A 16 25.71 0.76 5.81
N VAL A 17 24.59 1.23 5.24
CA VAL A 17 23.21 0.96 5.64
C VAL A 17 22.53 0.41 4.42
N ARG A 18 21.88 -0.75 4.50
CA ARG A 18 21.20 -1.33 3.34
C ARG A 18 19.67 -1.15 3.44
N VAL A 19 19.05 -0.65 2.37
CA VAL A 19 17.60 -0.52 2.26
C VAL A 19 17.16 -1.49 1.16
N LEU A 20 16.27 -2.46 1.47
CA LEU A 20 15.73 -3.37 0.44
C LEU A 20 14.77 -2.65 -0.49
N GLY A 21 14.86 -2.96 -1.78
CA GLY A 21 14.01 -2.40 -2.83
C GLY A 21 12.53 -2.74 -2.73
N CYS A 22 12.19 -3.76 -1.90
CA CYS A 22 10.83 -4.28 -1.64
C CYS A 22 10.24 -4.81 -2.95
N ASN A 23 11.11 -5.34 -3.80
CA ASN A 23 10.81 -5.89 -5.11
C ASN A 23 11.32 -7.32 -5.21
N PRO A 24 10.89 -8.28 -4.32
CA PRO A 24 11.36 -9.67 -4.51
C PRO A 24 10.85 -10.27 -5.82
N GLY A 25 11.63 -11.19 -6.36
CA GLY A 25 11.27 -11.87 -7.59
C GLY A 25 12.30 -12.88 -7.99
N PRO A 26 12.04 -13.62 -9.09
CA PRO A 26 13.01 -14.64 -9.54
C PRO A 26 14.40 -14.08 -9.86
N MET A 27 14.49 -12.86 -10.44
CA MET A 27 15.75 -12.25 -10.83
C MET A 27 16.34 -11.31 -9.79
N THR A 28 15.52 -10.77 -8.87
CA THR A 28 15.97 -9.82 -7.84
C THR A 28 16.15 -10.45 -6.45
N LEU A 29 15.85 -11.74 -6.28
CA LEU A 29 15.92 -12.51 -5.04
C LEU A 29 14.99 -11.85 -4.00
N GLN A 30 15.50 -11.35 -2.89
CA GLN A 30 14.68 -10.70 -1.82
C GLN A 30 14.35 -9.23 -2.17
N GLY A 31 14.99 -8.72 -3.21
CA GLY A 31 14.80 -7.37 -3.71
C GLY A 31 16.11 -6.78 -4.09
N THR A 32 16.09 -5.55 -4.59
CA THR A 32 17.33 -4.84 -4.92
C THR A 32 17.93 -4.36 -3.61
N ASN A 33 19.25 -4.51 -3.47
CA ASN A 33 19.96 -4.03 -2.30
C ASN A 33 20.48 -2.66 -2.67
N THR A 34 19.86 -1.62 -2.11
CA THR A 34 20.24 -0.23 -2.28
C THR A 34 21.02 0.08 -1.01
N TYR A 35 22.15 0.85 -1.11
CA TYR A 35 23.01 1.13 0.05
C TYR A 35 23.24 2.61 0.25
N LEU A 36 23.21 3.03 1.53
CA LEU A 36 23.56 4.38 1.97
C LEU A 36 24.98 4.31 2.51
N VAL A 37 25.93 4.91 1.79
CA VAL A 37 27.36 4.88 2.13
C VAL A 37 27.80 6.28 2.63
N GLY A 38 28.50 6.27 3.77
CA GLY A 38 28.99 7.46 4.44
C GLY A 38 28.71 7.44 5.92
N THR A 39 29.27 8.40 6.65
CA THR A 39 29.10 8.50 8.11
C THR A 39 28.49 9.85 8.52
N GLY A 40 28.25 10.73 7.54
CA GLY A 40 27.75 12.07 7.79
C GLY A 40 26.30 12.37 7.53
N PRO A 41 25.91 13.67 7.61
CA PRO A 41 24.51 14.06 7.40
C PRO A 41 24.07 14.01 5.93
N ARG A 42 25.01 13.76 5.00
CA ARG A 42 24.75 13.59 3.56
C ARG A 42 25.50 12.33 3.10
N ARG A 43 24.77 11.33 2.58
CA ARG A 43 25.34 10.05 2.18
C ARG A 43 25.08 9.70 0.70
N ILE A 44 25.92 8.82 0.14
CA ILE A 44 25.77 8.38 -1.25
C ILE A 44 24.79 7.21 -1.27
N LEU A 45 23.84 7.27 -2.24
CA LEU A 45 22.88 6.22 -2.46
C LEU A 45 23.30 5.37 -3.63
N ILE A 46 23.60 4.08 -3.41
CA ILE A 46 23.94 3.11 -4.48
C ILE A 46 22.66 2.33 -4.82
N ASP A 47 22.17 2.51 -6.06
CA ASP A 47 20.99 1.90 -6.71
C ASP A 47 19.69 2.45 -6.09
N THR A 48 18.58 2.32 -6.83
CA THR A 48 17.29 2.93 -6.50
C THR A 48 16.08 1.98 -6.55
N GLY A 49 16.35 0.69 -6.82
CA GLY A 49 15.32 -0.34 -6.96
C GLY A 49 14.56 -0.22 -8.26
N GLU A 50 13.29 -0.68 -8.26
CA GLU A 50 12.37 -0.69 -9.40
C GLU A 50 11.51 0.55 -9.52
N PRO A 51 10.90 0.81 -10.69
CA PRO A 51 10.00 1.97 -10.77
C PRO A 51 8.70 1.66 -10.07
N ALA A 52 8.05 2.71 -9.52
CA ALA A 52 6.73 2.66 -8.87
C ALA A 52 6.57 1.62 -7.74
N ILE A 53 7.54 1.53 -6.83
CA ILE A 53 7.45 0.68 -5.62
C ILE A 53 7.30 1.69 -4.43
N PRO A 54 6.05 2.04 -4.01
CA PRO A 54 5.87 3.02 -2.92
C PRO A 54 6.42 2.62 -1.54
N GLU A 55 6.52 1.32 -1.29
CA GLU A 55 7.04 0.73 -0.06
C GLU A 55 8.52 1.03 0.10
N TYR A 56 9.30 1.05 -1.00
CA TYR A 56 10.72 1.39 -0.94
C TYR A 56 10.97 2.83 -0.50
N ILE A 57 10.17 3.78 -1.02
CA ILE A 57 10.28 5.20 -0.70
C ILE A 57 10.07 5.41 0.82
N SER A 58 9.11 4.66 1.41
CA SER A 58 8.82 4.66 2.85
C SER A 58 10.03 4.14 3.65
N CYS A 59 10.64 3.04 3.19
CA CYS A 59 11.83 2.42 3.80
C CYS A 59 13.03 3.35 3.72
N LEU A 60 13.22 4.00 2.55
CA LEU A 60 14.30 4.93 2.33
C LEU A 60 14.15 6.16 3.24
N LYS A 61 12.91 6.68 3.40
CA LYS A 61 12.59 7.81 4.27
C LYS A 61 12.84 7.45 5.74
N GLN A 62 12.51 6.21 6.14
CA GLN A 62 12.72 5.66 7.49
C GLN A 62 14.22 5.58 7.79
N ALA A 63 15.06 5.07 6.87
CA ALA A 63 16.53 4.98 7.00
C ALA A 63 17.16 6.36 7.14
N LEU A 64 16.78 7.30 6.28
CA LEU A 64 17.32 8.66 6.34
C LEU A 64 16.94 9.34 7.65
N THR A 65 15.74 9.10 8.20
CA THR A 65 15.29 9.67 9.48
C THR A 65 16.03 8.96 10.63
N GLU A 66 16.00 7.61 10.65
CA GLU A 66 16.64 6.72 11.63
C GLU A 66 18.13 7.01 11.78
N PHE A 67 18.82 7.23 10.64
CA PHE A 67 20.27 7.43 10.64
C PHE A 67 20.64 8.90 10.51
N ASN A 68 19.64 9.78 10.69
CA ASN A 68 19.73 11.25 10.65
C ASN A 68 20.65 11.72 9.51
N THR A 69 20.25 11.40 8.29
CA THR A 69 21.02 11.69 7.10
C THR A 69 20.09 12.07 5.92
N ALA A 70 20.72 12.39 4.79
CA ALA A 70 20.09 12.79 3.53
C ALA A 70 20.91 12.22 2.36
N ILE A 71 20.36 12.27 1.13
CA ILE A 71 21.07 11.78 -0.05
C ILE A 71 21.97 12.92 -0.57
N GLN A 72 23.26 12.62 -0.74
CA GLN A 72 24.27 13.50 -1.32
C GLN A 72 24.20 13.43 -2.86
N GLU A 73 24.18 12.21 -3.38
CA GLU A 73 24.13 11.87 -4.78
C GLU A 73 23.69 10.42 -4.91
N ILE A 74 23.22 10.06 -6.12
CA ILE A 74 22.79 8.72 -6.46
C ILE A 74 23.78 8.14 -7.48
N VAL A 75 24.22 6.89 -7.25
CA VAL A 75 25.14 6.14 -8.08
C VAL A 75 24.39 4.87 -8.52
N VAL A 76 24.29 4.64 -9.83
CA VAL A 76 23.56 3.49 -10.42
C VAL A 76 24.60 2.50 -11.00
N THR A 77 24.59 1.22 -10.58
CA THR A 77 25.56 0.22 -11.06
C THR A 77 25.35 -0.11 -12.56
N HIS A 78 24.10 -0.24 -13.00
CA HIS A 78 23.84 -0.53 -14.40
C HIS A 78 22.44 -0.09 -14.77
N TRP A 79 22.12 -0.11 -16.08
CA TRP A 79 20.86 0.36 -16.62
C TRP A 79 19.62 -0.48 -16.26
N HIS A 80 19.77 -1.75 -15.82
CA HIS A 80 18.64 -2.63 -15.54
C HIS A 80 17.67 -1.93 -14.61
N ARG A 81 16.35 -1.97 -14.92
CA ARG A 81 15.30 -1.22 -14.22
C ARG A 81 15.11 -1.54 -12.73
N ASP A 82 15.71 -2.62 -12.19
CA ASP A 82 15.66 -2.92 -10.77
C ASP A 82 16.82 -2.17 -10.03
N HIS A 83 17.68 -1.43 -10.76
CA HIS A 83 18.80 -0.63 -10.22
C HIS A 83 18.64 0.86 -10.52
N SER A 84 18.00 1.20 -11.64
CA SER A 84 17.75 2.54 -12.13
C SER A 84 16.28 3.00 -12.15
N GLY A 85 15.31 2.15 -11.82
CA GLY A 85 13.89 2.48 -11.93
C GLY A 85 13.34 3.48 -10.94
N GLY A 86 13.89 3.49 -9.75
CA GLY A 86 13.41 4.37 -8.69
C GLY A 86 13.94 5.79 -8.71
N ILE A 87 14.81 6.15 -9.69
CA ILE A 87 15.42 7.48 -9.75
C ILE A 87 14.36 8.57 -9.73
N GLY A 88 13.38 8.53 -10.65
CA GLY A 88 12.29 9.50 -10.71
C GLY A 88 11.44 9.60 -9.46
N ASP A 89 11.18 8.45 -8.82
CA ASP A 89 10.38 8.33 -7.58
C ASP A 89 11.08 8.98 -6.39
N ILE A 90 12.42 8.84 -6.29
CA ILE A 90 13.25 9.44 -5.23
C ILE A 90 13.29 10.96 -5.40
N CYS A 91 13.46 11.45 -6.63
CA CYS A 91 13.52 12.88 -6.90
C CYS A 91 12.21 13.55 -6.51
N LYS A 92 11.07 12.94 -6.84
CA LYS A 92 9.74 13.47 -6.55
C LYS A 92 9.34 13.36 -5.07
N SER A 93 9.70 12.26 -4.40
CA SER A 93 9.26 11.96 -3.04
C SER A 93 10.28 12.30 -1.91
N ILE A 94 11.58 12.17 -2.15
CA ILE A 94 12.55 12.47 -1.08
C ILE A 94 13.02 13.91 -1.31
N ASN A 95 12.26 14.85 -0.70
CA ASN A 95 12.45 16.29 -0.73
C ASN A 95 13.90 16.69 -0.43
N ASN A 96 14.41 17.66 -1.19
CA ASN A 96 15.78 18.18 -1.04
C ASN A 96 15.84 19.65 -1.49
N ASP A 97 16.86 20.38 -0.99
CA ASP A 97 17.08 21.79 -1.32
C ASP A 97 17.45 21.91 -2.82
N THR A 98 18.39 21.06 -3.28
CA THR A 98 18.85 20.99 -4.67
C THR A 98 18.35 19.70 -5.33
N THR A 99 18.34 19.66 -6.69
CA THR A 99 17.97 18.47 -7.48
C THR A 99 19.06 17.40 -7.29
N TYR A 100 18.73 16.10 -7.39
CA TYR A 100 19.76 15.07 -7.18
C TYR A 100 20.68 14.89 -8.35
N CYS A 101 21.94 14.60 -8.03
CA CYS A 101 22.95 14.30 -9.02
C CYS A 101 22.99 12.79 -9.16
N ILE A 102 22.70 12.28 -10.37
CA ILE A 102 22.66 10.85 -10.63
C ILE A 102 23.82 10.50 -11.54
N LYS A 103 24.73 9.69 -10.99
CA LYS A 103 25.96 9.25 -11.66
C LYS A 103 25.86 7.80 -12.08
N LYS A 104 26.49 7.46 -13.19
CA LYS A 104 26.47 6.15 -13.79
C LYS A 104 27.62 6.04 -14.79
N LEU A 105 27.99 4.82 -15.21
CA LEU A 105 28.93 4.64 -16.32
C LEU A 105 28.15 4.73 -17.64
N PRO A 106 28.75 5.23 -18.76
CA PRO A 106 27.96 5.28 -20.02
C PRO A 106 27.73 3.90 -20.63
N ARG A 107 26.77 3.84 -21.57
CA ARG A 107 26.53 2.60 -22.29
C ARG A 107 27.69 2.40 -23.26
N ASN A 108 28.03 1.15 -23.61
CA ASN A 108 29.10 0.86 -24.56
C ASN A 108 28.60 -0.07 -25.69
N PRO A 109 28.32 0.45 -26.91
CA PRO A 109 28.46 1.84 -27.38
C PRO A 109 27.46 2.79 -26.72
N GLN A 110 27.78 4.11 -26.78
CA GLN A 110 26.99 5.17 -26.17
C GLN A 110 25.56 5.20 -26.71
N ARG A 111 24.62 5.56 -25.83
CA ARG A 111 23.18 5.65 -26.05
C ARG A 111 22.56 6.74 -25.22
N GLU A 112 21.45 7.30 -25.70
CA GLU A 112 20.65 8.25 -24.93
C GLU A 112 19.88 7.46 -23.84
N GLU A 113 20.04 7.85 -22.57
CA GLU A 113 19.37 7.19 -21.44
C GLU A 113 18.47 8.20 -20.75
N ILE A 114 17.16 7.96 -20.75
CA ILE A 114 16.18 8.91 -20.19
C ILE A 114 15.86 8.59 -18.71
N ILE A 115 15.98 9.62 -17.86
CA ILE A 115 15.65 9.61 -16.43
C ILE A 115 14.32 10.32 -16.26
N GLY A 116 13.41 9.71 -15.50
CA GLY A 116 12.10 10.28 -15.19
C GLY A 116 11.34 10.82 -16.37
N ASN A 117 10.97 12.11 -16.30
CA ASN A 117 10.18 12.80 -17.33
C ASN A 117 11.05 13.25 -18.51
N GLY A 118 12.38 13.31 -18.30
CA GLY A 118 13.36 13.65 -19.32
C GLY A 118 14.15 14.91 -19.05
N GLU A 119 13.85 15.64 -17.97
CA GLU A 119 14.53 16.89 -17.61
C GLU A 119 15.79 16.66 -16.77
N GLN A 120 15.90 15.47 -16.17
CA GLN A 120 17.07 15.06 -15.41
C GLN A 120 18.00 14.28 -16.36
N GLN A 121 19.33 14.41 -16.18
CA GLN A 121 20.32 13.71 -17.00
C GLN A 121 21.35 13.01 -16.13
N TYR A 122 21.98 11.95 -16.63
CA TYR A 122 23.05 11.27 -15.92
C TYR A 122 24.34 12.04 -16.04
N VAL A 123 25.14 12.01 -14.96
CA VAL A 123 26.51 12.52 -14.96
C VAL A 123 27.32 11.25 -15.21
N TYR A 124 28.00 11.15 -16.35
CA TYR A 124 28.72 9.92 -16.64
C TYR A 124 30.12 9.93 -16.07
N LEU A 125 30.46 8.81 -15.45
CA LEU A 125 31.76 8.56 -14.83
C LEU A 125 32.63 7.77 -15.78
N LYS A 126 33.88 7.53 -15.39
CA LYS A 126 34.84 6.72 -16.13
C LYS A 126 35.52 5.81 -15.15
N ASP A 127 36.10 4.70 -15.63
CA ASP A 127 36.84 3.75 -14.81
C ASP A 127 37.94 4.49 -14.03
N GLY A 128 38.02 4.22 -12.73
CA GLY A 128 39.00 4.81 -11.83
C GLY A 128 38.56 6.11 -11.19
N ASP A 129 37.34 6.61 -11.53
CA ASP A 129 36.84 7.85 -10.93
C ASP A 129 36.60 7.63 -9.44
N VAL A 130 36.72 8.70 -8.63
CA VAL A 130 36.53 8.59 -7.19
C VAL A 130 35.31 9.41 -6.77
N ILE A 131 34.39 8.78 -6.01
CA ILE A 131 33.21 9.41 -5.43
C ILE A 131 33.47 9.52 -3.92
N LYS A 132 33.57 10.76 -3.41
CA LYS A 132 33.87 11.03 -2.00
C LYS A 132 32.66 11.57 -1.24
N THR A 133 32.56 11.16 0.03
CA THR A 133 31.54 11.59 1.00
C THR A 133 32.24 11.62 2.39
N GLU A 134 31.56 12.16 3.42
CA GLU A 134 32.09 12.17 4.76
C GLU A 134 32.17 10.72 5.24
N GLY A 135 33.38 10.28 5.52
CA GLY A 135 33.66 8.94 6.02
C GLY A 135 33.73 7.83 5.00
N ALA A 136 33.62 8.13 3.69
CA ALA A 136 33.69 7.08 2.67
C ALA A 136 34.20 7.58 1.33
N THR A 137 35.06 6.76 0.70
CA THR A 137 35.69 7.00 -0.61
C THR A 137 35.40 5.79 -1.49
N LEU A 138 34.70 6.02 -2.61
CA LEU A 138 34.32 4.97 -3.57
C LEU A 138 35.08 5.11 -4.89
N ARG A 139 35.90 4.11 -5.25
CA ARG A 139 36.58 4.09 -6.54
C ARG A 139 35.69 3.34 -7.53
N VAL A 140 35.47 3.92 -8.72
CA VAL A 140 34.66 3.33 -9.80
C VAL A 140 35.45 2.23 -10.55
N LEU A 141 34.92 0.98 -10.54
CA LEU A 141 35.56 -0.15 -11.24
C LEU A 141 34.65 -0.66 -12.37
N TYR A 142 35.01 -0.35 -13.64
CA TYR A 142 34.27 -0.79 -14.82
C TYR A 142 34.34 -2.31 -14.92
N THR A 143 33.18 -2.99 -14.73
CA THR A 143 33.12 -4.44 -14.76
C THR A 143 32.09 -4.88 -15.82
N PRO A 144 32.43 -4.83 -17.14
CA PRO A 144 31.44 -5.28 -18.14
C PRO A 144 31.25 -6.81 -18.17
N GLY A 145 30.17 -7.26 -18.80
CA GLY A 145 29.83 -8.66 -18.91
C GLY A 145 28.35 -8.81 -18.63
N HIS A 146 27.94 -8.41 -17.39
CA HIS A 146 26.56 -8.44 -16.97
C HIS A 146 25.78 -7.55 -17.85
N THR A 147 26.32 -6.31 -18.06
CA THR A 147 25.83 -5.27 -18.97
C THR A 147 27.03 -4.52 -19.45
N ASP A 148 26.91 -3.82 -20.57
CA ASP A 148 28.03 -3.07 -21.17
C ASP A 148 28.44 -1.80 -20.37
N ASP A 149 27.64 -1.40 -19.37
CA ASP A 149 27.84 -0.20 -18.52
C ASP A 149 28.08 -0.54 -17.04
N HIS A 150 28.30 -1.82 -16.74
CA HIS A 150 28.33 -2.31 -15.39
C HIS A 150 29.49 -1.77 -14.57
N MET A 151 29.09 -1.15 -13.47
CA MET A 151 29.94 -0.46 -12.53
C MET A 151 29.89 -1.13 -11.18
N ALA A 152 31.05 -1.54 -10.69
CA ALA A 152 31.30 -2.03 -9.33
C ALA A 152 32.01 -0.91 -8.61
N LEU A 153 31.86 -0.82 -7.30
CA LEU A 153 32.49 0.29 -6.56
C LEU A 153 33.32 -0.24 -5.44
N LEU A 154 34.48 0.36 -5.23
CA LEU A 154 35.37 -0.03 -4.15
C LEU A 154 35.32 0.98 -3.04
N LEU A 155 34.82 0.56 -1.86
CA LEU A 155 34.80 1.35 -0.64
C LEU A 155 36.16 1.14 0.00
N GLU A 156 37.06 2.11 -0.21
CA GLU A 156 38.47 2.06 0.19
C GLU A 156 38.68 1.86 1.68
N GLU A 157 37.87 2.53 2.54
CA GLU A 157 37.94 2.49 4.02
C GLU A 157 37.64 1.14 4.62
N GLU A 158 36.93 0.27 3.90
CA GLU A 158 36.54 -1.07 4.35
C GLU A 158 37.16 -2.19 3.50
N ASN A 159 37.73 -1.83 2.33
CA ASN A 159 38.24 -2.75 1.30
C ASN A 159 37.07 -3.67 0.89
N ALA A 160 35.94 -3.01 0.61
CA ALA A 160 34.65 -3.63 0.28
C ALA A 160 34.26 -3.29 -1.14
N ILE A 161 33.62 -4.24 -1.82
CA ILE A 161 33.15 -4.06 -3.17
C ILE A 161 31.62 -4.09 -3.20
N PHE A 162 31.01 -3.11 -3.88
CA PHE A 162 29.59 -3.05 -4.21
C PHE A 162 29.58 -3.66 -5.59
N SER A 163 29.21 -4.94 -5.69
CA SER A 163 29.36 -5.68 -6.93
C SER A 163 28.24 -5.55 -7.91
N GLY A 164 27.13 -4.93 -7.52
CA GLY A 164 25.94 -4.83 -8.38
C GLY A 164 25.44 -6.23 -8.73
N ASP A 165 25.25 -6.49 -10.03
CA ASP A 165 24.78 -7.81 -10.47
C ASP A 165 25.89 -8.70 -11.05
N CYS A 166 27.17 -8.31 -10.89
CA CYS A 166 28.34 -9.06 -11.29
C CYS A 166 28.53 -10.29 -10.35
N ILE A 167 28.33 -10.09 -9.05
CA ILE A 167 28.42 -11.12 -8.02
C ILE A 167 27.19 -10.95 -7.13
N LEU A 168 26.42 -12.05 -6.93
CA LEU A 168 25.20 -12.07 -6.11
C LEU A 168 25.43 -12.83 -4.80
N GLY A 169 24.72 -12.41 -3.76
CA GLY A 169 24.81 -12.97 -2.42
C GLY A 169 24.41 -14.42 -2.30
N GLU A 170 23.51 -14.87 -3.16
CA GLU A 170 23.12 -16.27 -3.22
C GLU A 170 22.77 -16.63 -4.65
N GLY A 171 23.18 -17.82 -5.06
CA GLY A 171 22.99 -18.32 -6.42
C GLY A 171 23.93 -17.70 -7.44
N THR A 172 23.61 -17.88 -8.71
CA THR A 172 24.43 -17.33 -9.79
C THR A 172 23.73 -16.17 -10.46
N THR A 173 24.41 -15.55 -11.39
CA THR A 173 23.86 -14.41 -12.08
C THR A 173 23.83 -14.70 -13.59
N VAL A 174 23.27 -13.76 -14.32
CA VAL A 174 23.18 -13.78 -15.76
C VAL A 174 24.17 -12.72 -16.28
N PHE A 175 24.48 -12.82 -17.57
CA PHE A 175 25.39 -11.90 -18.24
C PHE A 175 25.08 -11.99 -19.72
N GLU A 176 25.45 -10.93 -20.45
CA GLU A 176 25.32 -10.75 -21.88
C GLU A 176 26.52 -11.33 -22.59
N ASP A 177 27.75 -11.12 -22.02
CA ASP A 177 29.02 -11.55 -22.62
C ASP A 177 29.87 -12.25 -21.58
N LEU A 178 30.04 -13.58 -21.73
CA LEU A 178 30.85 -14.40 -20.82
C LEU A 178 32.36 -13.98 -20.87
N TYR A 179 32.89 -13.58 -22.06
CA TYR A 179 34.29 -13.17 -22.14
C TYR A 179 34.58 -11.97 -21.23
N ASP A 180 33.74 -10.93 -21.25
CA ASP A 180 33.94 -9.74 -20.43
C ASP A 180 33.61 -10.02 -18.99
N TYR A 181 32.62 -10.86 -18.75
CA TYR A 181 32.22 -11.27 -17.41
C TYR A 181 33.37 -11.97 -16.67
N MET A 182 33.97 -12.99 -17.29
CA MET A 182 35.12 -13.72 -16.73
C MET A 182 36.32 -12.78 -16.53
N ASN A 183 36.48 -11.81 -17.41
CA ASN A 183 37.57 -10.87 -17.29
C ASN A 183 37.37 -9.92 -16.11
N SER A 184 36.10 -9.52 -15.84
CA SER A 184 35.73 -8.64 -14.73
C SER A 184 35.92 -9.36 -13.40
N LEU A 185 35.53 -10.65 -13.35
CA LEU A 185 35.73 -11.49 -12.17
C LEU A 185 37.22 -11.61 -11.84
N LYS A 186 38.08 -11.77 -12.87
CA LYS A 186 39.55 -11.87 -12.75
C LYS A 186 40.15 -10.54 -12.25
N GLU A 187 39.55 -9.42 -12.65
CA GLU A 187 39.96 -8.08 -12.21
C GLU A 187 39.56 -7.83 -10.78
N LEU A 188 38.31 -8.23 -10.38
CA LEU A 188 37.83 -8.09 -9.00
C LEU A 188 38.69 -8.92 -8.04
N LEU A 189 39.23 -10.07 -8.51
CA LEU A 189 40.10 -10.95 -7.75
C LEU A 189 41.40 -10.23 -7.36
N LYS A 190 41.88 -9.34 -8.24
CA LYS A 190 43.14 -8.59 -8.03
C LYS A 190 43.00 -7.51 -6.93
N ILE A 191 41.76 -7.02 -6.69
CA ILE A 191 41.46 -6.01 -5.66
C ILE A 191 41.76 -6.60 -4.25
N LYS A 192 41.50 -7.93 -4.07
CA LYS A 192 41.72 -8.68 -2.83
C LYS A 192 40.84 -8.09 -1.75
N ALA A 193 39.55 -7.88 -2.07
CA ALA A 193 38.55 -7.28 -1.16
C ALA A 193 38.20 -8.23 -0.03
N ASP A 194 37.81 -7.63 1.09
CA ASP A 194 37.44 -8.33 2.32
C ASP A 194 36.00 -8.78 2.31
N ILE A 195 35.06 -7.90 1.92
CA ILE A 195 33.62 -8.10 1.89
C ILE A 195 33.03 -7.63 0.56
N ILE A 196 31.97 -8.29 0.11
CA ILE A 196 31.23 -7.91 -1.09
C ILE A 196 29.79 -7.60 -0.66
N TYR A 197 29.31 -6.40 -1.02
CA TYR A 197 27.94 -5.93 -0.85
C TYR A 197 27.24 -6.11 -2.21
N PRO A 198 26.50 -7.21 -2.44
CA PRO A 198 25.96 -7.46 -3.79
C PRO A 198 24.67 -6.67 -4.07
N GLY A 199 24.28 -6.67 -5.33
CA GLY A 199 23.06 -6.01 -5.80
C GLY A 199 21.83 -6.74 -5.35
N HIS A 200 21.95 -8.04 -5.10
CA HIS A 200 20.88 -8.91 -4.58
C HIS A 200 21.48 -9.98 -3.68
N GLY A 201 20.74 -10.39 -2.66
CA GLY A 201 21.15 -11.44 -1.74
C GLY A 201 21.94 -10.92 -0.55
N PRO A 202 22.31 -11.80 0.40
CA PRO A 202 23.03 -11.31 1.59
C PRO A 202 24.48 -10.92 1.31
N VAL A 203 25.12 -10.26 2.27
CA VAL A 203 26.52 -9.82 2.28
C VAL A 203 27.45 -11.03 2.13
N ILE A 204 28.55 -10.88 1.41
CA ILE A 204 29.51 -11.96 1.14
C ILE A 204 30.73 -11.64 1.93
N HIS A 205 31.08 -12.47 2.92
CA HIS A 205 32.28 -12.23 3.75
C HIS A 205 33.51 -12.92 3.17
N ASN A 206 33.32 -13.99 2.38
CA ASN A 206 34.40 -14.74 1.73
C ASN A 206 34.38 -14.41 0.23
N ALA A 207 34.84 -13.19 -0.10
CA ALA A 207 34.92 -12.62 -1.45
C ALA A 207 35.74 -13.50 -2.39
N GLU A 208 36.99 -13.85 -2.00
CA GLU A 208 37.90 -14.65 -2.83
C GLU A 208 37.29 -15.98 -3.18
N ALA A 209 36.79 -16.74 -2.21
CA ALA A 209 36.15 -18.05 -2.43
C ALA A 209 34.91 -17.96 -3.34
N LYS A 210 34.00 -16.95 -3.17
CA LYS A 210 32.85 -16.79 -4.06
C LYS A 210 33.29 -16.51 -5.49
N ILE A 211 34.18 -15.50 -5.75
CA ILE A 211 34.63 -15.15 -7.11
C ILE A 211 35.25 -16.41 -7.74
N GLN A 212 36.06 -17.18 -6.99
CA GLN A 212 36.69 -18.41 -7.50
C GLN A 212 35.67 -19.50 -7.82
N GLN A 213 34.57 -19.55 -7.05
CA GLN A 213 33.44 -20.47 -7.26
C GLN A 213 32.74 -20.15 -8.58
N TYR A 214 32.54 -18.84 -8.85
CA TYR A 214 31.93 -18.27 -10.06
C TYR A 214 32.78 -18.57 -11.30
N ILE A 215 34.13 -18.43 -11.19
CA ILE A 215 35.09 -18.68 -12.28
C ILE A 215 35.13 -20.17 -12.61
N SER A 216 35.25 -21.04 -11.60
CA SER A 216 35.32 -22.49 -11.72
C SER A 216 34.07 -23.09 -12.37
N HIS A 217 32.89 -22.59 -12.01
CA HIS A 217 31.57 -23.02 -12.52
C HIS A 217 31.50 -22.87 -14.05
N ARG A 218 31.97 -21.72 -14.55
CA ARG A 218 31.96 -21.43 -15.96
C ARG A 218 33.10 -22.18 -16.68
N ASN A 219 34.29 -22.29 -16.04
CA ASN A 219 35.48 -22.97 -16.61
C ASN A 219 35.30 -24.46 -16.78
N ILE A 220 34.57 -25.15 -15.86
CA ILE A 220 34.30 -26.60 -15.95
C ILE A 220 33.48 -26.90 -17.25
N ARG A 221 32.39 -26.10 -17.49
CA ARG A 221 31.55 -26.20 -18.69
C ARG A 221 32.35 -25.88 -19.96
N GLU A 222 33.22 -24.84 -19.94
CA GLU A 222 34.07 -24.48 -21.07
C GLU A 222 35.02 -25.61 -21.39
N GLN A 223 35.59 -26.27 -20.36
CA GLN A 223 36.50 -27.39 -20.57
C GLN A 223 35.77 -28.58 -21.22
N GLN A 224 34.50 -28.80 -20.86
CA GLN A 224 33.67 -29.87 -21.41
C GLN A 224 33.42 -29.66 -22.92
N ILE A 225 33.07 -28.42 -23.30
CA ILE A 225 32.78 -27.98 -24.66
C ILE A 225 34.06 -28.08 -25.52
N LEU A 226 35.22 -27.55 -25.05
CA LEU A 226 36.51 -27.64 -25.78
C LEU A 226 36.96 -29.08 -26.00
N THR A 227 36.85 -29.94 -24.95
CA THR A 227 37.19 -31.35 -25.05
C THR A 227 36.41 -32.00 -26.23
N LEU A 228 35.09 -31.71 -26.35
CA LEU A 228 34.27 -32.24 -27.43
C LEU A 228 34.80 -31.82 -28.81
N PHE A 229 35.17 -30.54 -28.97
CA PHE A 229 35.71 -29.98 -30.21
C PHE A 229 37.08 -30.56 -30.51
N ARG A 230 37.99 -30.60 -29.53
CA ARG A 230 39.36 -31.08 -29.75
C ARG A 230 39.43 -32.61 -29.97
N GLU A 231 38.49 -33.39 -29.39
CA GLU A 231 38.42 -34.84 -29.61
C GLU A 231 37.84 -35.14 -31.01
N ASN A 232 36.89 -34.31 -31.49
CA ASN A 232 36.24 -34.44 -32.80
C ASN A 232 36.58 -33.23 -33.68
N PHE A 233 37.87 -32.99 -33.93
CA PHE A 233 38.41 -31.89 -34.74
C PHE A 233 37.81 -31.82 -36.19
N GLU A 234 37.50 -32.97 -36.77
CA GLU A 234 36.96 -33.08 -38.13
C GLU A 234 35.43 -32.75 -38.22
N LYS A 235 34.71 -32.58 -37.09
CA LYS A 235 33.28 -32.28 -37.17
C LYS A 235 32.96 -30.80 -36.94
N SER A 236 31.95 -30.33 -37.68
CA SER A 236 31.31 -29.01 -37.62
C SER A 236 29.98 -29.23 -36.93
N PHE A 237 29.83 -28.78 -35.67
CA PHE A 237 28.62 -29.00 -34.88
C PHE A 237 27.63 -27.86 -34.93
N THR A 238 26.35 -28.20 -34.95
CA THR A 238 25.26 -27.23 -34.87
C THR A 238 24.96 -27.02 -33.38
N VAL A 239 24.20 -25.97 -33.05
CA VAL A 239 23.80 -25.68 -31.67
C VAL A 239 22.99 -26.88 -31.11
N MET A 240 21.98 -27.39 -31.87
CA MET A 240 21.14 -28.53 -31.51
C MET A 240 21.97 -29.79 -31.28
N GLU A 241 23.00 -30.02 -32.11
CA GLU A 241 23.91 -31.17 -31.95
C GLU A 241 24.63 -31.06 -30.61
N LEU A 242 25.24 -29.89 -30.35
CA LEU A 242 26.00 -29.58 -29.14
C LEU A 242 25.16 -29.64 -27.86
N VAL A 243 23.92 -29.12 -27.90
CA VAL A 243 23.00 -29.10 -26.75
C VAL A 243 22.68 -30.56 -26.30
N LYS A 244 22.38 -31.46 -27.27
CA LYS A 244 22.07 -32.86 -27.01
C LYS A 244 23.25 -33.60 -26.37
N ILE A 245 24.50 -33.27 -26.77
CA ILE A 245 25.73 -33.90 -26.25
C ILE A 245 26.16 -33.30 -24.86
N ILE A 246 26.39 -31.98 -24.79
CA ILE A 246 26.90 -31.27 -23.62
C ILE A 246 25.91 -31.26 -22.44
N TYR A 247 24.63 -30.95 -22.70
CA TYR A 247 23.61 -30.81 -21.65
C TYR A 247 22.71 -32.05 -21.60
N LYS A 248 23.33 -33.24 -21.55
CA LYS A 248 22.63 -34.53 -21.49
C LYS A 248 21.90 -34.70 -20.13
N ASN A 249 22.50 -34.17 -19.04
CA ASN A 249 21.97 -34.26 -17.67
C ASN A 249 21.04 -33.07 -17.31
N THR A 250 20.47 -32.40 -18.34
CA THR A 250 19.52 -31.28 -18.21
C THR A 250 18.12 -31.72 -18.73
N PRO A 251 17.02 -31.45 -17.96
CA PRO A 251 15.68 -31.85 -18.45
C PRO A 251 15.22 -31.02 -19.66
N GLU A 252 14.27 -31.58 -20.45
CA GLU A 252 13.72 -30.97 -21.66
C GLU A 252 13.02 -29.62 -21.39
N ASN A 253 12.51 -29.41 -20.15
CA ASN A 253 11.85 -28.15 -19.77
C ASN A 253 12.88 -27.00 -19.64
N LEU A 254 14.18 -27.32 -19.55
CA LEU A 254 15.26 -26.33 -19.47
C LEU A 254 16.08 -26.26 -20.78
N HIS A 255 15.55 -26.80 -21.90
CA HIS A 255 16.21 -26.81 -23.21
C HIS A 255 16.63 -25.41 -23.70
N GLU A 256 15.76 -24.42 -23.59
CA GLU A 256 16.06 -23.07 -24.07
C GLU A 256 17.10 -22.38 -23.19
N MET A 257 17.18 -22.73 -21.90
CA MET A 257 18.16 -22.18 -20.97
C MET A 257 19.55 -22.78 -21.29
N ALA A 258 19.59 -24.10 -21.63
CA ALA A 258 20.78 -24.84 -22.01
C ALA A 258 21.35 -24.28 -23.31
N LYS A 259 20.49 -24.10 -24.33
CA LYS A 259 20.80 -23.56 -25.64
C LYS A 259 21.39 -22.16 -25.49
N HIS A 260 20.81 -21.34 -24.60
CA HIS A 260 21.27 -19.99 -24.34
C HIS A 260 22.66 -20.01 -23.65
N ASN A 261 22.83 -20.90 -22.65
CA ASN A 261 24.07 -21.07 -21.92
C ASN A 261 25.19 -21.49 -22.87
N LEU A 262 24.93 -22.49 -23.73
CA LEU A 262 25.87 -23.00 -24.72
C LEU A 262 26.37 -21.90 -25.65
N LEU A 263 25.44 -21.08 -26.18
CA LEU A 263 25.76 -19.97 -27.06
C LEU A 263 26.65 -18.92 -26.38
N LEU A 264 26.45 -18.65 -25.10
CA LEU A 264 27.28 -17.71 -24.32
C LEU A 264 28.70 -18.26 -24.22
N HIS A 265 28.83 -19.58 -23.99
CA HIS A 265 30.11 -20.29 -23.96
C HIS A 265 30.82 -20.32 -25.32
N LEU A 266 30.07 -20.50 -26.42
CA LEU A 266 30.60 -20.54 -27.79
C LEU A 266 31.09 -19.16 -28.24
N LYS A 267 30.40 -18.08 -27.85
CA LYS A 267 30.80 -16.71 -28.21
C LYS A 267 32.13 -16.35 -27.49
N LYS A 268 32.34 -16.83 -26.24
CA LYS A 268 33.58 -16.63 -25.49
C LYS A 268 34.73 -17.32 -26.23
N LEU A 269 34.61 -18.64 -26.55
CA LEU A 269 35.61 -19.45 -27.28
C LEU A 269 35.90 -18.92 -28.69
N GLU A 270 34.90 -18.31 -29.34
CA GLU A 270 35.01 -17.70 -30.68
C GLU A 270 35.84 -16.41 -30.58
N LYS A 271 35.60 -15.59 -29.56
CA LYS A 271 36.31 -14.34 -29.33
C LYS A 271 37.78 -14.61 -29.02
N GLU A 272 38.06 -15.73 -28.32
CA GLU A 272 39.42 -16.17 -27.97
C GLU A 272 40.11 -16.87 -29.13
N GLY A 273 39.42 -17.08 -30.26
CA GLY A 273 39.95 -17.75 -31.43
C GLY A 273 40.20 -19.24 -31.29
N LYS A 274 39.53 -19.91 -30.36
CA LYS A 274 39.67 -21.34 -30.10
C LYS A 274 38.78 -22.14 -31.05
N ILE A 275 37.60 -21.58 -31.38
CA ILE A 275 36.64 -22.15 -32.33
C ILE A 275 36.24 -21.06 -33.30
N PHE A 276 35.90 -21.45 -34.52
CA PHE A 276 35.40 -20.54 -35.53
C PHE A 276 33.99 -21.04 -35.95
N SER A 277 33.09 -20.14 -36.37
CA SER A 277 31.77 -20.46 -36.91
C SER A 277 31.77 -20.21 -38.42
N ASN A 278 30.72 -20.68 -39.12
CA ASN A 278 30.52 -20.50 -40.56
C ASN A 278 29.27 -19.67 -40.80
N THR A 279 28.90 -19.45 -42.07
CA THR A 279 27.76 -18.62 -42.48
C THR A 279 26.55 -19.48 -42.87
N ASP A 280 26.55 -20.79 -42.52
CA ASP A 280 25.44 -21.72 -42.82
C ASP A 280 24.13 -21.24 -42.17
N PRO A 281 22.93 -21.48 -42.79
CA PRO A 281 21.67 -21.02 -42.17
C PRO A 281 21.49 -21.64 -40.78
N ASP A 282 21.93 -22.91 -40.63
CA ASP A 282 22.04 -23.60 -39.34
C ASP A 282 23.55 -23.56 -38.99
N LYS A 283 23.97 -22.46 -38.33
CA LYS A 283 25.36 -22.10 -37.97
C LYS A 283 26.13 -23.29 -37.40
N LYS A 284 27.30 -23.58 -37.97
CA LYS A 284 28.15 -24.69 -37.53
C LYS A 284 29.43 -24.16 -36.87
N TRP A 285 29.87 -24.79 -35.78
CA TRP A 285 31.12 -24.49 -35.09
C TRP A 285 32.10 -25.61 -35.25
N LYS A 286 33.38 -25.31 -35.41
CA LYS A 286 34.40 -26.33 -35.66
C LYS A 286 35.73 -25.88 -35.15
N ALA A 287 36.51 -26.82 -34.56
CA ALA A 287 37.85 -26.59 -34.05
C ALA A 287 38.76 -26.18 -35.25
N HIS A 288 39.73 -25.28 -35.00
CA HIS A 288 40.62 -24.79 -36.04
C HIS A 288 42.08 -25.14 -35.78
N LEU A 289 42.97 -24.98 -36.83
CA LEU A 289 44.43 -25.19 -36.85
C LEU A 289 44.84 -26.62 -37.30
N ALA B 3 5.39 30.51 -2.57
CA ALA B 3 4.79 29.86 -3.74
C ALA B 3 3.25 29.81 -3.63
N ALA B 4 2.56 30.22 -4.71
CA ALA B 4 1.09 30.26 -4.81
C ALA B 4 0.47 28.86 -4.74
N VAL B 5 -0.67 28.74 -4.04
CA VAL B 5 -1.41 27.47 -3.94
C VAL B 5 -2.49 27.47 -5.04
N LEU B 6 -2.22 26.72 -6.13
CA LEU B 6 -3.12 26.63 -7.27
C LEU B 6 -4.21 25.60 -7.01
N GLN B 7 -5.51 25.95 -7.27
CA GLN B 7 -6.62 25.00 -7.13
C GLN B 7 -6.63 24.13 -8.38
N ARG B 8 -7.05 22.86 -8.25
CA ARG B 8 -7.02 21.83 -9.29
C ARG B 8 -7.80 22.18 -10.58
N VAL B 9 -9.06 22.65 -10.46
CA VAL B 9 -9.90 23.02 -11.60
C VAL B 9 -10.23 24.50 -11.45
N GLU B 10 -9.92 25.31 -12.48
CA GLU B 10 -10.15 26.76 -12.42
C GLU B 10 -10.34 27.38 -13.82
N ARG B 11 -11.40 28.22 -13.94
CA ARG B 11 -11.72 28.99 -15.14
C ARG B 11 -10.85 30.24 -15.07
N LEU B 12 -9.86 30.34 -15.94
CA LEU B 12 -8.92 31.47 -15.93
C LEU B 12 -9.36 32.57 -16.88
N SER B 13 -10.25 32.22 -17.84
CA SER B 13 -10.75 33.11 -18.88
C SER B 13 -12.09 32.63 -19.45
N ASN B 14 -12.74 33.48 -20.27
CA ASN B 14 -13.97 33.11 -21.00
C ASN B 14 -13.69 31.93 -21.97
N ARG B 15 -12.40 31.75 -22.35
CA ARG B 15 -11.94 30.73 -23.29
C ARG B 15 -11.05 29.63 -22.65
N VAL B 16 -10.17 30.01 -21.69
CA VAL B 16 -9.21 29.11 -21.02
C VAL B 16 -9.73 28.65 -19.64
N VAL B 17 -9.60 27.32 -19.39
CA VAL B 17 -9.90 26.61 -18.12
C VAL B 17 -8.66 25.76 -17.83
N ARG B 18 -8.09 25.86 -16.62
CA ARG B 18 -6.91 25.08 -16.27
C ARG B 18 -7.21 23.95 -15.30
N VAL B 19 -6.67 22.77 -15.61
CA VAL B 19 -6.74 21.56 -14.80
C VAL B 19 -5.29 21.20 -14.40
N LEU B 20 -5.00 21.16 -13.09
CA LEU B 20 -3.66 20.77 -12.63
C LEU B 20 -3.47 19.29 -12.78
N GLY B 21 -2.24 18.91 -13.15
CA GLY B 21 -1.83 17.52 -13.37
C GLY B 21 -1.80 16.64 -12.13
N CYS B 22 -1.84 17.24 -10.92
CA CYS B 22 -1.81 16.58 -9.60
C CYS B 22 -0.51 15.78 -9.44
N ASN B 23 0.55 16.31 -10.08
CA ASN B 23 1.89 15.75 -10.13
C ASN B 23 2.91 16.77 -9.61
N PRO B 24 2.81 17.24 -8.33
CA PRO B 24 3.82 18.21 -7.86
C PRO B 24 5.19 17.56 -7.74
N GLY B 25 6.23 18.37 -7.89
CA GLY B 25 7.59 17.87 -7.81
C GLY B 25 8.61 18.93 -8.08
N PRO B 26 9.91 18.58 -7.99
CA PRO B 26 10.96 19.59 -8.16
C PRO B 26 10.95 20.28 -9.52
N MET B 27 10.64 19.54 -10.58
CA MET B 27 10.63 20.06 -11.96
C MET B 27 9.25 20.56 -12.41
N THR B 28 8.15 20.03 -11.84
CA THR B 28 6.78 20.35 -12.24
C THR B 28 6.09 21.38 -11.33
N LEU B 29 6.76 21.85 -10.26
CA LEU B 29 6.25 22.82 -9.29
C LEU B 29 4.99 22.24 -8.63
N GLN B 30 3.79 22.88 -8.78
CA GLN B 30 2.54 22.41 -8.17
C GLN B 30 1.90 21.29 -9.01
N GLY B 31 2.44 21.08 -10.21
CA GLY B 31 1.98 20.09 -11.17
C GLY B 31 1.96 20.66 -12.57
N THR B 32 1.65 19.84 -13.58
CA THR B 32 1.53 20.29 -14.98
C THR B 32 0.23 21.06 -15.11
N ASN B 33 0.29 22.20 -15.79
CA ASN B 33 -0.87 23.00 -16.09
C ASN B 33 -1.38 22.52 -17.42
N THR B 34 -2.54 21.84 -17.40
CA THR B 34 -3.23 21.35 -18.61
C THR B 34 -4.42 22.32 -18.83
N TYR B 35 -4.61 22.79 -20.07
CA TYR B 35 -5.63 23.78 -20.35
C TYR B 35 -6.67 23.32 -21.33
N LEU B 36 -7.94 23.68 -21.04
CA LEU B 36 -9.08 23.45 -21.90
C LEU B 36 -9.39 24.81 -22.57
N VAL B 37 -9.12 24.90 -23.88
CA VAL B 37 -9.29 26.13 -24.65
C VAL B 37 -10.50 26.01 -25.60
N GLY B 38 -11.35 27.04 -25.58
CA GLY B 38 -12.58 27.11 -26.35
C GLY B 38 -13.75 27.58 -25.52
N THR B 39 -14.89 27.88 -26.18
CA THR B 39 -16.10 28.34 -25.51
C THR B 39 -17.30 27.41 -25.76
N GLY B 40 -17.09 26.35 -26.56
CA GLY B 40 -18.15 25.42 -26.95
C GLY B 40 -18.20 24.07 -26.27
N PRO B 41 -19.10 23.19 -26.76
CA PRO B 41 -19.25 21.84 -26.16
C PRO B 41 -18.10 20.88 -26.45
N ARG B 42 -17.15 21.28 -27.30
CA ARG B 42 -15.93 20.53 -27.67
C ARG B 42 -14.74 21.51 -27.58
N ARG B 43 -13.76 21.20 -26.71
CA ARG B 43 -12.62 22.10 -26.49
C ARG B 43 -11.26 21.41 -26.72
N ILE B 44 -10.22 22.21 -26.99
CA ILE B 44 -8.87 21.70 -27.19
C ILE B 44 -8.19 21.55 -25.81
N LEU B 45 -7.51 20.39 -25.60
CA LEU B 45 -6.77 20.15 -24.38
C LEU B 45 -5.28 20.29 -24.65
N ILE B 46 -4.65 21.25 -23.99
CA ILE B 46 -3.21 21.51 -24.09
C ILE B 46 -2.51 20.82 -22.92
N ASP B 47 -1.67 19.78 -23.24
CA ASP B 47 -0.90 18.91 -22.35
C ASP B 47 -1.81 17.96 -21.54
N THR B 48 -1.23 16.84 -21.06
CA THR B 48 -1.99 15.75 -20.45
C THR B 48 -1.48 15.27 -19.09
N GLY B 49 -0.46 15.92 -18.57
CA GLY B 49 0.15 15.52 -17.32
C GLY B 49 1.06 14.30 -17.44
N GLU B 50 1.29 13.65 -16.30
CA GLU B 50 2.15 12.49 -16.19
C GLU B 50 1.41 11.19 -16.42
N PRO B 51 2.14 10.08 -16.70
CA PRO B 51 1.44 8.80 -16.84
C PRO B 51 0.99 8.29 -15.48
N ALA B 52 -0.13 7.55 -15.45
CA ALA B 52 -0.70 6.88 -14.27
C ALA B 52 -0.96 7.78 -13.04
N ILE B 53 -1.56 8.97 -13.24
CA ILE B 53 -1.99 9.85 -12.16
C ILE B 53 -3.54 9.80 -12.19
N PRO B 54 -4.18 8.88 -11.39
CA PRO B 54 -5.67 8.75 -11.45
C PRO B 54 -6.43 9.98 -11.00
N GLU B 55 -5.80 10.81 -10.14
CA GLU B 55 -6.35 12.04 -9.58
C GLU B 55 -6.59 13.07 -10.69
N TYR B 56 -5.70 13.15 -11.69
CA TYR B 56 -5.84 14.08 -12.80
C TYR B 56 -7.06 13.74 -13.67
N ILE B 57 -7.28 12.45 -13.96
CA ILE B 57 -8.41 11.99 -14.77
C ILE B 57 -9.74 12.40 -14.11
N SER B 58 -9.80 12.32 -12.74
CA SER B 58 -10.96 12.75 -11.93
C SER B 58 -11.18 14.26 -12.07
N CYS B 59 -10.09 15.06 -11.98
CA CYS B 59 -10.10 16.52 -12.12
C CYS B 59 -10.55 16.90 -13.53
N LEU B 60 -10.03 16.20 -14.55
CA LEU B 60 -10.37 16.46 -15.95
C LEU B 60 -11.84 16.13 -16.21
N LYS B 61 -12.35 15.04 -15.63
CA LYS B 61 -13.75 14.64 -15.74
C LYS B 61 -14.69 15.65 -15.03
N GLN B 62 -14.23 16.22 -13.89
CA GLN B 62 -14.93 17.23 -13.12
C GLN B 62 -15.06 18.51 -13.93
N ALA B 63 -13.95 18.94 -14.57
CA ALA B 63 -13.85 20.12 -15.43
C ALA B 63 -14.75 20.04 -16.66
N LEU B 64 -14.77 18.88 -17.33
CA LEU B 64 -15.61 18.65 -18.51
C LEU B 64 -17.09 18.64 -18.12
N THR B 65 -17.44 18.10 -16.94
CA THR B 65 -18.82 18.05 -16.43
C THR B 65 -19.25 19.47 -15.99
N GLU B 66 -18.43 20.12 -15.14
CA GLU B 66 -18.62 21.47 -14.59
C GLU B 66 -18.80 22.53 -15.70
N PHE B 67 -17.95 22.49 -16.74
CA PHE B 67 -18.01 23.46 -17.84
C PHE B 67 -18.74 22.91 -19.08
N ASN B 68 -19.55 21.82 -18.89
CA ASN B 68 -20.40 21.13 -19.87
C ASN B 68 -19.75 21.07 -21.25
N THR B 69 -18.59 20.40 -21.29
CA THR B 69 -17.79 20.29 -22.51
C THR B 69 -17.16 18.88 -22.63
N ALA B 70 -16.41 18.68 -23.72
CA ALA B 70 -15.70 17.45 -24.09
C ALA B 70 -14.40 17.79 -24.79
N ILE B 71 -13.50 16.82 -24.98
CA ILE B 71 -12.23 17.06 -25.66
C ILE B 71 -12.45 16.94 -27.19
N GLN B 72 -12.02 17.97 -27.93
CA GLN B 72 -12.06 18.03 -29.39
C GLN B 72 -10.82 17.33 -29.97
N GLU B 73 -9.65 17.69 -29.43
CA GLU B 73 -8.33 17.18 -29.77
C GLU B 73 -7.39 17.51 -28.66
N ILE B 74 -6.24 16.79 -28.62
CA ILE B 74 -5.19 16.99 -27.64
C ILE B 74 -3.95 17.56 -28.36
N VAL B 75 -3.36 18.60 -27.78
CA VAL B 75 -2.17 19.30 -28.28
C VAL B 75 -1.09 19.18 -27.20
N VAL B 76 0.09 18.63 -27.55
CA VAL B 76 1.20 18.39 -26.63
C VAL B 76 2.36 19.37 -26.96
N THR B 77 2.82 20.14 -25.96
CA THR B 77 3.90 21.13 -26.13
C THR B 77 5.26 20.48 -26.42
N HIS B 78 5.63 19.39 -25.70
CA HIS B 78 6.88 18.66 -25.97
C HIS B 78 6.78 17.23 -25.46
N TRP B 79 7.75 16.40 -25.82
CA TRP B 79 7.79 14.98 -25.52
C TRP B 79 7.95 14.61 -24.02
N HIS B 80 8.40 15.57 -23.16
CA HIS B 80 8.62 15.29 -21.74
C HIS B 80 7.37 14.64 -21.15
N ARG B 81 7.57 13.55 -20.38
CA ARG B 81 6.51 12.69 -19.84
C ARG B 81 5.50 13.41 -18.93
N ASP B 82 5.82 14.62 -18.43
CA ASP B 82 4.89 15.38 -17.58
C ASP B 82 3.89 16.18 -18.43
N HIS B 83 4.02 16.12 -19.78
CA HIS B 83 3.18 16.83 -20.74
C HIS B 83 2.53 15.89 -21.76
N SER B 84 3.18 14.77 -22.06
CA SER B 84 2.66 13.78 -23.01
C SER B 84 2.34 12.44 -22.32
N GLY B 85 2.54 12.36 -21.01
CA GLY B 85 2.34 11.13 -20.28
C GLY B 85 0.94 10.58 -20.12
N GLY B 86 -0.02 11.49 -19.98
CA GLY B 86 -1.41 11.14 -19.74
C GLY B 86 -2.24 10.84 -20.95
N ILE B 87 -1.66 10.91 -22.16
CA ILE B 87 -2.38 10.63 -23.41
C ILE B 87 -3.15 9.29 -23.33
N GLY B 88 -2.44 8.18 -23.08
CA GLY B 88 -3.06 6.87 -22.96
C GLY B 88 -4.16 6.76 -21.92
N ASP B 89 -3.97 7.43 -20.76
CA ASP B 89 -4.93 7.44 -19.65
C ASP B 89 -6.21 8.17 -20.02
N ILE B 90 -6.12 9.31 -20.75
CA ILE B 90 -7.26 10.11 -21.23
C ILE B 90 -8.07 9.30 -22.26
N CYS B 91 -7.38 8.64 -23.21
CA CYS B 91 -8.03 7.86 -24.25
C CYS B 91 -8.85 6.74 -23.64
N LYS B 92 -8.30 6.04 -22.63
CA LYS B 92 -8.93 4.91 -21.95
C LYS B 92 -10.07 5.32 -21.02
N SER B 93 -9.92 6.44 -20.29
CA SER B 93 -10.83 6.86 -19.22
C SER B 93 -11.84 7.92 -19.62
N ILE B 94 -11.48 8.89 -20.48
CA ILE B 94 -12.44 9.92 -20.87
C ILE B 94 -13.09 9.43 -22.19
N ASN B 95 -14.23 8.73 -22.01
CA ASN B 95 -15.05 8.11 -23.05
C ASN B 95 -15.45 9.12 -24.13
N ASN B 96 -15.37 8.68 -25.39
CA ASN B 96 -15.71 9.51 -26.55
C ASN B 96 -16.26 8.63 -27.69
N ASP B 97 -17.02 9.25 -28.62
CA ASP B 97 -17.60 8.58 -29.79
C ASP B 97 -16.49 8.12 -30.71
N THR B 98 -15.53 9.02 -31.01
CA THR B 98 -14.36 8.76 -31.86
C THR B 98 -13.08 8.75 -31.00
N THR B 99 -11.99 8.14 -31.52
CA THR B 99 -10.68 8.11 -30.83
C THR B 99 -10.09 9.54 -30.88
N TYR B 100 -9.24 9.92 -29.91
CA TYR B 100 -8.71 11.28 -29.87
C TYR B 100 -7.62 11.52 -30.88
N CYS B 101 -7.63 12.75 -31.44
CA CYS B 101 -6.59 13.22 -32.33
C CYS B 101 -5.54 13.94 -31.49
N ILE B 102 -4.30 13.40 -31.50
CA ILE B 102 -3.23 13.98 -30.68
C ILE B 102 -2.21 14.65 -31.61
N LYS B 103 -2.11 15.97 -31.50
CA LYS B 103 -1.24 16.81 -32.29
C LYS B 103 -0.02 17.26 -31.49
N LYS B 104 1.12 17.38 -32.19
CA LYS B 104 2.42 17.70 -31.64
C LYS B 104 3.36 18.12 -32.76
N LEU B 105 4.47 18.82 -32.43
CA LEU B 105 5.52 19.11 -33.42
C LEU B 105 6.46 17.88 -33.50
N PRO B 106 7.07 17.58 -34.66
CA PRO B 106 7.94 16.39 -34.70
C PRO B 106 9.25 16.60 -33.95
N ARG B 107 9.95 15.49 -33.63
CA ARG B 107 11.26 15.60 -33.03
C ARG B 107 12.24 16.09 -34.12
N ASN B 108 13.31 16.80 -33.73
CA ASN B 108 14.29 17.29 -34.71
C ASN B 108 15.72 16.86 -34.29
N PRO B 109 16.33 15.84 -34.96
CA PRO B 109 15.83 15.05 -36.10
C PRO B 109 14.65 14.14 -35.71
N GLN B 110 13.90 13.70 -36.72
CA GLN B 110 12.71 12.86 -36.55
C GLN B 110 13.03 11.55 -35.84
N ARG B 111 12.08 11.11 -35.02
CA ARG B 111 12.15 9.90 -34.19
C ARG B 111 10.80 9.26 -34.07
N GLU B 112 10.78 7.92 -33.84
CA GLU B 112 9.59 7.16 -33.56
C GLU B 112 9.11 7.54 -32.16
N GLU B 113 7.86 8.03 -32.02
CA GLU B 113 7.28 8.44 -30.75
C GLU B 113 6.05 7.57 -30.48
N ILE B 114 6.12 6.75 -29.42
CA ILE B 114 5.06 5.80 -29.08
C ILE B 114 4.06 6.41 -28.09
N ILE B 115 2.78 6.35 -28.44
CA ILE B 115 1.64 6.76 -27.61
C ILE B 115 1.00 5.49 -27.08
N GLY B 116 0.72 5.44 -25.77
CA GLY B 116 0.04 4.34 -25.11
C GLY B 116 0.60 2.98 -25.43
N ASN B 117 -0.25 2.09 -25.94
CA ASN B 117 0.10 0.70 -26.29
C ASN B 117 0.84 0.60 -27.64
N GLY B 118 0.74 1.65 -28.45
CA GLY B 118 1.43 1.77 -29.73
C GLY B 118 0.53 1.89 -30.93
N GLU B 119 -0.80 1.72 -30.78
CA GLU B 119 -1.76 1.76 -31.89
C GLU B 119 -2.24 3.18 -32.21
N GLN B 120 -2.03 4.12 -31.28
CA GLN B 120 -2.35 5.53 -31.49
C GLN B 120 -1.07 6.21 -32.03
N GLN B 121 -1.21 7.21 -32.91
CA GLN B 121 -0.08 7.95 -33.49
C GLN B 121 -0.29 9.45 -33.38
N TYR B 122 0.80 10.23 -33.38
CA TYR B 122 0.70 11.68 -33.38
C TYR B 122 0.40 12.20 -34.78
N VAL B 123 -0.36 13.29 -34.86
CA VAL B 123 -0.57 14.05 -36.08
C VAL B 123 0.44 15.18 -35.95
N TYR B 124 1.45 15.23 -36.82
CA TYR B 124 2.48 16.24 -36.64
C TYR B 124 2.14 17.53 -37.34
N LEU B 125 2.36 18.63 -36.63
CA LEU B 125 2.14 20.00 -37.07
C LEU B 125 3.44 20.60 -37.55
N LYS B 126 3.37 21.82 -38.07
CA LYS B 126 4.52 22.59 -38.50
C LYS B 126 4.35 24.00 -37.97
N ASP B 127 5.45 24.75 -37.86
CA ASP B 127 5.43 26.14 -37.42
C ASP B 127 4.47 26.94 -38.30
N GLY B 128 3.61 27.72 -37.65
CA GLY B 128 2.63 28.55 -38.33
C GLY B 128 1.27 27.91 -38.54
N ASP B 129 1.13 26.62 -38.22
CA ASP B 129 -0.13 25.90 -38.35
C ASP B 129 -1.18 26.49 -37.40
N VAL B 130 -2.46 26.43 -37.76
CA VAL B 130 -3.53 26.99 -36.95
C VAL B 130 -4.47 25.87 -36.47
N ILE B 131 -4.76 25.84 -35.16
CA ILE B 131 -5.68 24.90 -34.51
C ILE B 131 -6.92 25.71 -34.12
N LYS B 132 -8.08 25.40 -34.73
CA LYS B 132 -9.32 26.13 -34.49
C LYS B 132 -10.34 25.31 -33.69
N THR B 133 -11.10 26.00 -32.83
CA THR B 133 -12.21 25.45 -32.03
C THR B 133 -13.26 26.56 -31.93
N GLU B 134 -14.46 26.24 -31.39
CA GLU B 134 -15.51 27.24 -31.18
C GLU B 134 -15.01 28.23 -30.14
N GLY B 135 -14.89 29.48 -30.54
CA GLY B 135 -14.44 30.57 -29.70
C GLY B 135 -12.94 30.71 -29.48
N ALA B 136 -12.09 29.90 -30.14
CA ALA B 136 -10.64 30.01 -29.95
C ALA B 136 -9.84 29.55 -31.16
N THR B 137 -8.79 30.34 -31.51
CA THR B 137 -7.86 30.11 -32.63
C THR B 137 -6.45 30.10 -32.06
N LEU B 138 -5.73 28.97 -32.21
CA LEU B 138 -4.37 28.77 -31.70
C LEU B 138 -3.34 28.66 -32.84
N ARG B 139 -2.36 29.58 -32.87
CA ARG B 139 -1.29 29.57 -33.87
C ARG B 139 -0.10 28.79 -33.32
N VAL B 140 0.41 27.80 -34.07
CA VAL B 140 1.53 26.96 -33.64
C VAL B 140 2.85 27.75 -33.78
N LEU B 141 3.58 27.88 -32.67
CA LEU B 141 4.87 28.58 -32.61
C LEU B 141 5.96 27.58 -32.23
N TYR B 142 6.86 27.25 -33.18
CA TYR B 142 8.00 26.37 -32.93
C TYR B 142 9.03 27.16 -32.12
N THR B 143 9.20 26.75 -30.85
CA THR B 143 10.11 27.37 -29.91
C THR B 143 11.10 26.31 -29.43
N PRO B 144 12.07 25.86 -30.25
CA PRO B 144 13.05 24.87 -29.74
C PRO B 144 14.00 25.52 -28.71
N GLY B 145 14.68 24.69 -27.93
CA GLY B 145 15.59 25.16 -26.89
C GLY B 145 15.45 24.28 -25.67
N HIS B 146 14.24 24.31 -25.06
CA HIS B 146 13.88 23.46 -23.92
C HIS B 146 14.06 21.98 -24.32
N THR B 147 13.54 21.64 -25.52
CA THR B 147 13.57 20.38 -26.25
C THR B 147 13.57 20.75 -27.75
N ASP B 148 13.89 19.81 -28.65
CA ASP B 148 13.97 20.03 -30.11
C ASP B 148 12.59 20.04 -30.82
N ASP B 149 11.51 19.70 -30.10
CA ASP B 149 10.12 19.63 -30.60
C ASP B 149 9.21 20.61 -29.88
N HIS B 150 9.77 21.49 -29.05
CA HIS B 150 8.98 22.34 -28.19
C HIS B 150 8.06 23.32 -28.97
N MET B 151 6.79 23.29 -28.59
CA MET B 151 5.72 24.06 -29.19
C MET B 151 5.10 24.99 -28.19
N ALA B 152 5.00 26.27 -28.56
CA ALA B 152 4.26 27.29 -27.83
C ALA B 152 3.05 27.63 -28.71
N LEU B 153 1.96 28.15 -28.16
CA LEU B 153 0.77 28.49 -28.95
C LEU B 153 0.24 29.88 -28.59
N LEU B 154 -0.24 30.61 -29.61
CA LEU B 154 -0.79 31.94 -29.46
C LEU B 154 -2.30 31.93 -29.59
N LEU B 155 -3.01 32.21 -28.48
CA LEU B 155 -4.48 32.31 -28.49
C LEU B 155 -4.78 33.70 -29.03
N GLU B 156 -5.09 33.76 -30.33
CA GLU B 156 -5.29 34.99 -31.08
C GLU B 156 -6.32 35.93 -30.46
N GLU B 157 -7.47 35.41 -30.00
CA GLU B 157 -8.53 36.25 -29.41
C GLU B 157 -8.09 36.96 -28.13
N GLU B 158 -7.25 36.31 -27.33
CA GLU B 158 -6.79 36.84 -26.04
C GLU B 158 -5.39 37.46 -26.09
N ASN B 159 -4.63 37.21 -27.18
CA ASN B 159 -3.23 37.61 -27.34
C ASN B 159 -2.45 37.03 -26.14
N ALA B 160 -2.62 35.70 -25.95
CA ALA B 160 -2.02 34.91 -24.89
C ALA B 160 -1.11 33.85 -25.45
N ILE B 161 -0.05 33.50 -24.70
CA ILE B 161 0.91 32.48 -25.10
C ILE B 161 0.86 31.30 -24.13
N PHE B 162 0.61 30.09 -24.67
CA PHE B 162 0.72 28.86 -23.91
C PHE B 162 2.17 28.50 -24.10
N SER B 163 3.01 28.84 -23.12
CA SER B 163 4.45 28.76 -23.25
C SER B 163 5.05 27.39 -23.01
N GLY B 164 4.27 26.44 -22.50
CA GLY B 164 4.79 25.12 -22.14
C GLY B 164 5.89 25.26 -21.10
N ASP B 165 7.06 24.66 -21.40
CA ASP B 165 8.21 24.71 -20.52
C ASP B 165 9.28 25.78 -20.91
N CYS B 166 8.96 26.62 -21.88
CA CYS B 166 9.83 27.68 -22.35
C CYS B 166 9.89 28.83 -21.32
N ILE B 167 8.72 29.19 -20.76
CA ILE B 167 8.56 30.21 -19.73
C ILE B 167 7.67 29.59 -18.63
N LEU B 168 8.15 29.63 -17.37
CA LEU B 168 7.42 29.08 -16.22
C LEU B 168 6.88 30.23 -15.32
N GLY B 169 5.74 29.97 -14.68
CA GLY B 169 5.05 30.92 -13.80
C GLY B 169 5.83 31.34 -12.56
N GLU B 170 6.72 30.46 -12.08
CA GLU B 170 7.57 30.69 -10.91
C GLU B 170 8.93 30.00 -11.17
N GLY B 171 10.00 30.68 -10.79
CA GLY B 171 11.35 30.16 -10.98
C GLY B 171 11.83 30.13 -12.42
N THR B 172 12.93 29.39 -12.63
CA THR B 172 13.57 29.24 -13.92
C THR B 172 13.25 27.88 -14.53
N THR B 173 13.66 27.68 -15.79
CA THR B 173 13.44 26.42 -16.48
C THR B 173 14.80 25.89 -16.92
N VAL B 174 14.80 24.66 -17.45
CA VAL B 174 15.99 24.00 -17.98
C VAL B 174 15.83 23.93 -19.51
N PHE B 175 16.92 23.61 -20.25
CA PHE B 175 16.92 23.56 -21.72
C PHE B 175 18.08 22.71 -22.19
N GLU B 176 17.97 22.21 -23.42
CA GLU B 176 18.95 21.35 -24.08
C GLU B 176 19.92 22.17 -24.92
N ASP B 177 19.44 23.26 -25.55
CA ASP B 177 20.24 24.16 -26.39
C ASP B 177 19.95 25.62 -26.05
N LEU B 178 20.92 26.30 -25.44
CA LEU B 178 20.79 27.71 -25.04
C LEU B 178 20.65 28.63 -26.24
N TYR B 179 21.35 28.32 -27.37
CA TYR B 179 21.27 29.16 -28.56
C TYR B 179 19.82 29.25 -29.07
N ASP B 180 19.13 28.09 -29.19
CA ASP B 180 17.76 28.06 -29.67
C ASP B 180 16.80 28.61 -28.63
N TYR B 181 17.06 28.32 -27.36
CA TYR B 181 16.23 28.80 -26.25
C TYR B 181 16.16 30.33 -26.22
N MET B 182 17.35 31.00 -26.23
CA MET B 182 17.46 32.46 -26.24
C MET B 182 16.78 33.05 -27.45
N ASN B 183 16.87 32.36 -28.61
CA ASN B 183 16.28 32.80 -29.85
C ASN B 183 14.74 32.71 -29.80
N SER B 184 14.20 31.68 -29.14
CA SER B 184 12.76 31.46 -28.96
C SER B 184 12.17 32.52 -28.01
N LEU B 185 12.91 32.88 -26.94
CA LEU B 185 12.51 33.94 -26.01
C LEU B 185 12.42 35.28 -26.74
N LYS B 186 13.39 35.56 -27.64
CA LYS B 186 13.45 36.79 -28.46
C LYS B 186 12.28 36.84 -29.45
N GLU B 187 11.86 35.67 -29.97
CA GLU B 187 10.71 35.54 -30.87
C GLU B 187 9.41 35.76 -30.12
N LEU B 188 9.27 35.17 -28.91
CA LEU B 188 8.06 35.35 -28.08
C LEU B 188 7.89 36.83 -27.66
N LEU B 189 9.01 37.57 -27.49
CA LEU B 189 9.02 39.00 -27.17
C LEU B 189 8.36 39.82 -28.28
N LYS B 190 8.56 39.40 -29.56
CA LYS B 190 8.01 40.07 -30.73
C LYS B 190 6.48 39.94 -30.82
N ILE B 191 5.89 38.86 -30.21
CA ILE B 191 4.44 38.61 -30.19
C ILE B 191 3.72 39.72 -29.40
N LYS B 192 4.39 40.26 -28.34
CA LYS B 192 3.90 41.32 -27.44
C LYS B 192 2.57 40.87 -26.82
N ALA B 193 2.60 39.66 -26.24
CA ALA B 193 1.45 39.02 -25.61
C ALA B 193 1.04 39.72 -24.32
N ASP B 194 -0.25 39.65 -24.00
CA ASP B 194 -0.84 40.25 -22.81
C ASP B 194 -0.68 39.35 -21.59
N ILE B 195 -1.00 38.06 -21.77
CA ILE B 195 -0.93 36.98 -20.78
C ILE B 195 -0.01 35.89 -21.32
N ILE B 196 0.50 35.05 -20.39
CA ILE B 196 1.29 33.84 -20.65
C ILE B 196 0.75 32.78 -19.70
N TYR B 197 0.22 31.69 -20.27
CA TYR B 197 -0.28 30.51 -19.56
C TYR B 197 0.84 29.48 -19.57
N PRO B 198 1.63 29.36 -18.49
CA PRO B 198 2.79 28.46 -18.54
C PRO B 198 2.46 26.99 -18.30
N GLY B 199 3.42 26.12 -18.61
CA GLY B 199 3.31 24.67 -18.41
C GLY B 199 3.31 24.30 -16.93
N HIS B 200 3.93 25.16 -16.09
CA HIS B 200 3.99 25.02 -14.61
C HIS B 200 3.98 26.38 -13.97
N GLY B 201 3.38 26.48 -12.80
CA GLY B 201 3.31 27.72 -12.05
C GLY B 201 2.11 28.59 -12.37
N PRO B 202 1.95 29.74 -11.67
CA PRO B 202 0.77 30.59 -11.91
C PRO B 202 0.83 31.37 -13.22
N VAL B 203 -0.29 32.01 -13.57
CA VAL B 203 -0.45 32.80 -14.79
C VAL B 203 0.54 33.99 -14.77
N ILE B 204 1.06 34.37 -15.95
CA ILE B 204 2.00 35.48 -16.08
C ILE B 204 1.27 36.67 -16.74
N HIS B 205 0.89 37.67 -15.91
CA HIS B 205 0.14 38.85 -16.33
C HIS B 205 1.03 39.91 -16.98
N ASN B 206 2.32 39.99 -16.57
CA ASN B 206 3.29 40.91 -17.15
C ASN B 206 4.29 40.08 -17.96
N ALA B 207 3.87 39.74 -19.19
CA ALA B 207 4.61 38.92 -20.15
C ALA B 207 5.96 39.52 -20.54
N GLU B 208 5.99 40.82 -20.91
CA GLU B 208 7.21 41.55 -21.31
C GLU B 208 8.27 41.46 -20.22
N ALA B 209 7.91 41.82 -18.96
CA ALA B 209 8.81 41.77 -17.80
C ALA B 209 9.35 40.37 -17.54
N LYS B 210 8.51 39.32 -17.69
CA LYS B 210 8.91 37.93 -17.45
C LYS B 210 9.92 37.45 -18.48
N ILE B 211 9.64 37.65 -19.78
CA ILE B 211 10.52 37.24 -20.87
C ILE B 211 11.85 37.99 -20.73
N GLN B 212 11.81 39.31 -20.41
CA GLN B 212 13.03 40.11 -20.25
C GLN B 212 13.83 39.65 -19.02
N GLN B 213 13.16 39.14 -17.96
CA GLN B 213 13.81 38.61 -16.76
C GLN B 213 14.58 37.32 -17.13
N TYR B 214 13.98 36.47 -18.00
CA TYR B 214 14.52 35.20 -18.50
C TYR B 214 15.71 35.41 -19.45
N ILE B 215 15.67 36.49 -20.25
CA ILE B 215 16.73 36.86 -21.18
C ILE B 215 17.91 37.41 -20.40
N SER B 216 17.65 38.35 -19.45
CA SER B 216 18.66 39.02 -18.62
C SER B 216 19.43 38.02 -17.74
N HIS B 217 18.74 37.01 -17.17
CA HIS B 217 19.33 35.95 -16.35
C HIS B 217 20.43 35.17 -17.09
N ARG B 218 20.16 34.82 -18.35
CA ARG B 218 21.10 34.09 -19.19
C ARG B 218 22.19 35.01 -19.75
N ASN B 219 21.83 36.25 -20.10
CA ASN B 219 22.75 37.26 -20.66
C ASN B 219 23.79 37.73 -19.65
N ILE B 220 23.44 37.84 -18.35
CA ILE B 220 24.38 38.26 -17.29
C ILE B 220 25.52 37.24 -17.20
N ARG B 221 25.17 35.93 -17.17
CA ARG B 221 26.13 34.83 -17.12
C ARG B 221 26.98 34.77 -18.39
N GLU B 222 26.38 34.97 -19.58
CA GLU B 222 27.10 35.00 -20.85
C GLU B 222 28.09 36.14 -20.88
N GLN B 223 27.71 37.33 -20.33
CA GLN B 223 28.58 38.49 -20.27
C GLN B 223 29.77 38.23 -19.35
N GLN B 224 29.55 37.51 -18.24
CA GLN B 224 30.58 37.15 -17.26
C GLN B 224 31.64 36.24 -17.90
N ILE B 225 31.17 35.21 -18.66
CA ILE B 225 32.01 34.21 -19.34
C ILE B 225 32.83 34.91 -20.45
N LEU B 226 32.16 35.69 -21.32
CA LEU B 226 32.76 36.39 -22.44
C LEU B 226 33.81 37.40 -21.99
N THR B 227 33.58 38.10 -20.86
CA THR B 227 34.50 39.06 -20.26
C THR B 227 35.80 38.33 -19.85
N LEU B 228 35.68 37.15 -19.21
CA LEU B 228 36.82 36.32 -18.79
C LEU B 228 37.69 35.94 -20.00
N PHE B 229 37.06 35.51 -21.10
CA PHE B 229 37.75 35.13 -22.32
C PHE B 229 38.41 36.31 -23.01
N ARG B 230 37.69 37.44 -23.17
CA ARG B 230 38.22 38.62 -23.86
C ARG B 230 39.32 39.33 -23.07
N GLU B 231 39.27 39.27 -21.71
CA GLU B 231 40.29 39.87 -20.85
C GLU B 231 41.57 39.02 -20.88
N ASN B 232 41.42 37.69 -20.95
CA ASN B 232 42.54 36.74 -21.01
C ASN B 232 42.54 36.05 -22.38
N PHE B 233 42.58 36.89 -23.45
CA PHE B 233 42.50 36.52 -24.88
C PHE B 233 43.63 35.59 -25.36
N GLU B 234 44.77 35.54 -24.65
CA GLU B 234 45.90 34.68 -24.98
C GLU B 234 45.78 33.31 -24.28
N LYS B 235 44.94 33.22 -23.23
CA LYS B 235 44.75 32.03 -22.41
C LYS B 235 43.65 31.09 -22.92
N SER B 236 43.85 29.79 -22.65
CA SER B 236 42.93 28.69 -22.96
C SER B 236 42.46 28.10 -21.65
N PHE B 237 41.16 27.82 -21.53
CA PHE B 237 40.59 27.33 -20.28
C PHE B 237 39.88 26.01 -20.41
N THR B 238 39.98 25.17 -19.38
CA THR B 238 39.26 23.88 -19.35
C THR B 238 37.89 24.13 -18.65
N VAL B 239 36.98 23.11 -18.63
CA VAL B 239 35.65 23.26 -18.02
C VAL B 239 35.78 23.42 -16.49
N MET B 240 36.75 22.71 -15.86
CA MET B 240 37.03 22.78 -14.42
C MET B 240 37.65 24.14 -14.03
N GLU B 241 38.56 24.69 -14.89
CA GLU B 241 39.17 25.99 -14.68
C GLU B 241 38.09 27.07 -14.69
N LEU B 242 37.22 27.05 -15.73
CA LEU B 242 36.16 28.03 -15.95
C LEU B 242 35.08 27.98 -14.87
N VAL B 243 34.72 26.78 -14.34
CA VAL B 243 33.71 26.62 -13.28
C VAL B 243 34.23 27.30 -12.00
N LYS B 244 35.48 27.01 -11.59
CA LYS B 244 36.09 27.57 -10.38
C LYS B 244 36.10 29.10 -10.42
N ILE B 245 36.36 29.71 -11.61
CA ILE B 245 36.42 31.16 -11.78
C ILE B 245 35.00 31.80 -11.92
N ILE B 246 34.20 31.31 -12.90
CA ILE B 246 32.88 31.89 -13.20
C ILE B 246 31.88 31.62 -12.06
N TYR B 247 31.76 30.36 -11.64
CA TYR B 247 30.79 29.96 -10.62
C TYR B 247 31.41 30.01 -9.25
N LYS B 248 31.98 31.17 -8.91
CA LYS B 248 32.60 31.43 -7.61
C LYS B 248 31.51 31.51 -6.52
N ASN B 249 30.31 32.06 -6.86
CA ASN B 249 29.20 32.22 -5.93
C ASN B 249 28.25 30.99 -5.92
N THR B 250 28.71 29.83 -6.43
CA THR B 250 27.96 28.56 -6.45
C THR B 250 28.63 27.55 -5.49
N PRO B 251 27.88 26.93 -4.55
CA PRO B 251 28.52 25.99 -3.60
C PRO B 251 29.00 24.70 -4.28
N GLU B 252 29.96 23.99 -3.64
CA GLU B 252 30.56 22.73 -4.11
C GLU B 252 29.52 21.61 -4.30
N ASN B 253 28.41 21.63 -3.54
CA ASN B 253 27.34 20.63 -3.65
C ASN B 253 26.58 20.77 -4.99
N LEU B 254 26.70 21.94 -5.66
CA LEU B 254 26.04 22.23 -6.94
C LEU B 254 27.05 22.27 -8.12
N HIS B 255 28.27 21.70 -7.93
CA HIS B 255 29.34 21.64 -8.92
C HIS B 255 28.90 21.06 -10.26
N GLU B 256 28.18 19.92 -10.24
CA GLU B 256 27.76 19.27 -11.49
C GLU B 256 26.70 20.09 -12.26
N MET B 257 25.87 20.86 -11.53
CA MET B 257 24.83 21.72 -12.10
C MET B 257 25.50 22.92 -12.78
N ALA B 258 26.54 23.49 -12.11
CA ALA B 258 27.36 24.61 -12.58
C ALA B 258 28.12 24.22 -13.84
N LYS B 259 28.81 23.05 -13.82
CA LYS B 259 29.56 22.48 -14.93
C LYS B 259 28.66 22.28 -16.15
N HIS B 260 27.42 21.82 -15.92
CA HIS B 260 26.43 21.59 -16.95
C HIS B 260 25.94 22.93 -17.55
N ASN B 261 25.66 23.91 -16.67
CA ASN B 261 25.23 25.26 -17.06
C ASN B 261 26.28 25.92 -17.93
N LEU B 262 27.56 25.85 -17.48
CA LEU B 262 28.71 26.41 -18.18
C LEU B 262 28.81 25.86 -19.61
N LEU B 263 28.74 24.53 -19.76
CA LEU B 263 28.83 23.86 -21.05
C LEU B 263 27.72 24.30 -22.01
N LEU B 264 26.49 24.57 -21.49
CA LEU B 264 25.37 25.05 -22.30
C LEU B 264 25.68 26.46 -22.81
N HIS B 265 26.30 27.29 -21.96
CA HIS B 265 26.75 28.64 -22.29
C HIS B 265 27.91 28.63 -23.30
N LEU B 266 28.85 27.68 -23.15
CA LEU B 266 30.00 27.56 -24.05
C LEU B 266 29.59 27.09 -25.45
N LYS B 267 28.58 26.19 -25.55
CA LYS B 267 28.09 25.68 -26.84
C LYS B 267 27.41 26.79 -27.63
N LYS B 268 26.70 27.72 -26.95
CA LYS B 268 26.05 28.87 -27.60
C LYS B 268 27.10 29.81 -28.16
N LEU B 269 28.10 30.21 -27.33
CA LEU B 269 29.20 31.11 -27.74
C LEU B 269 30.07 30.50 -28.84
N GLU B 270 30.18 29.15 -28.89
CA GLU B 270 30.93 28.41 -29.90
C GLU B 270 30.19 28.46 -31.25
N LYS B 271 28.84 28.26 -31.20
CA LYS B 271 27.94 28.30 -32.35
C LYS B 271 27.95 29.69 -32.98
N GLU B 272 28.06 30.73 -32.14
CA GLU B 272 28.10 32.13 -32.55
C GLU B 272 29.50 32.57 -33.01
N GLY B 273 30.50 31.69 -32.88
CA GLY B 273 31.88 31.94 -33.27
C GLY B 273 32.64 32.93 -32.39
N LYS B 274 32.19 33.12 -31.14
CA LYS B 274 32.80 34.04 -30.17
C LYS B 274 33.96 33.37 -29.46
N ILE B 275 33.88 32.03 -29.27
CA ILE B 275 34.93 31.20 -28.67
C ILE B 275 35.12 29.94 -29.53
N PHE B 276 36.29 29.32 -29.43
CA PHE B 276 36.68 28.11 -30.17
C PHE B 276 37.29 27.07 -29.25
N SER B 277 36.96 25.79 -29.47
CA SER B 277 37.50 24.65 -28.72
C SER B 277 38.60 23.95 -29.51
N ASN B 278 39.38 23.10 -28.84
CA ASN B 278 40.45 22.31 -29.45
C ASN B 278 40.14 20.81 -29.31
N THR B 279 41.05 19.96 -29.82
CA THR B 279 40.91 18.51 -29.82
C THR B 279 41.72 17.85 -28.71
N ASP B 280 42.21 18.63 -27.71
CA ASP B 280 42.99 18.14 -26.56
C ASP B 280 42.16 17.12 -25.74
N PRO B 281 42.81 16.10 -25.09
CA PRO B 281 42.04 15.12 -24.30
C PRO B 281 41.24 15.76 -23.17
N LYS B 283 39.89 19.12 -23.04
CA LYS B 283 39.35 20.13 -23.98
C LYS B 283 39.52 21.54 -23.42
N LYS B 284 40.11 22.45 -24.21
CA LYS B 284 40.34 23.83 -23.77
C LYS B 284 39.75 24.85 -24.74
N TRP B 285 38.93 25.78 -24.21
CA TRP B 285 38.28 26.88 -24.92
C TRP B 285 39.12 28.16 -24.87
N LYS B 286 39.18 28.88 -25.99
CA LYS B 286 39.94 30.13 -26.17
C LYS B 286 39.10 31.13 -26.94
N ALA B 287 39.43 32.42 -26.76
CA ALA B 287 38.76 33.54 -27.42
C ALA B 287 39.02 33.57 -28.93
N HIS B 288 38.06 34.16 -29.67
CA HIS B 288 38.06 34.34 -31.13
C HIS B 288 37.33 35.63 -31.47
N VAL C 5 -20.67 -8.63 -23.34
CA VAL C 5 -19.93 -8.61 -22.08
C VAL C 5 -19.19 -9.94 -21.92
N LEU C 6 -17.86 -9.94 -22.14
CA LEU C 6 -17.04 -11.14 -22.03
C LEU C 6 -16.68 -11.37 -20.54
N GLN C 7 -16.87 -12.62 -19.99
CA GLN C 7 -16.49 -12.91 -18.59
C GLN C 7 -14.95 -13.09 -18.57
N ARG C 8 -14.27 -12.75 -17.44
CA ARG C 8 -12.83 -12.72 -17.31
C ARG C 8 -12.12 -14.06 -17.55
N VAL C 9 -12.62 -15.19 -16.97
CA VAL C 9 -12.03 -16.53 -17.18
C VAL C 9 -13.10 -17.39 -17.80
N GLU C 10 -12.80 -18.04 -18.95
CA GLU C 10 -13.79 -18.85 -19.67
C GLU C 10 -13.12 -19.93 -20.55
N ARG C 11 -13.63 -21.18 -20.45
CA ARG C 11 -13.22 -22.33 -21.24
C ARG C 11 -13.97 -22.24 -22.55
N LEU C 12 -13.25 -22.01 -23.64
CA LEU C 12 -13.86 -21.85 -24.98
C LEU C 12 -13.97 -23.18 -25.75
N SER C 13 -13.08 -24.14 -25.45
CA SER C 13 -13.02 -25.47 -26.04
C SER C 13 -12.22 -26.39 -25.10
N ASN C 14 -12.04 -27.65 -25.51
CA ASN C 14 -11.28 -28.66 -24.75
C ASN C 14 -9.82 -28.27 -24.64
N ARG C 15 -9.35 -27.40 -25.55
CA ARG C 15 -7.94 -26.98 -25.62
C ARG C 15 -7.70 -25.51 -25.37
N VAL C 16 -8.74 -24.65 -25.35
CA VAL C 16 -8.55 -23.21 -25.19
C VAL C 16 -9.36 -22.66 -24.00
N VAL C 17 -8.69 -21.81 -23.14
CA VAL C 17 -9.27 -21.07 -22.02
C VAL C 17 -8.97 -19.59 -22.28
N ARG C 18 -9.97 -18.69 -22.30
CA ARG C 18 -9.70 -17.26 -22.49
C ARG C 18 -9.70 -16.52 -21.17
N VAL C 19 -8.58 -15.79 -20.92
CA VAL C 19 -8.40 -14.93 -19.75
C VAL C 19 -8.38 -13.49 -20.29
N LEU C 20 -9.35 -12.65 -19.90
CA LEU C 20 -9.34 -11.26 -20.34
C LEU C 20 -8.28 -10.46 -19.62
N GLY C 21 -7.64 -9.53 -20.35
CA GLY C 21 -6.58 -8.66 -19.83
C GLY C 21 -6.99 -7.63 -18.81
N CYS C 22 -8.34 -7.37 -18.65
CA CYS C 22 -8.98 -6.43 -17.71
C CYS C 22 -8.50 -5.02 -18.01
N ASN C 23 -8.21 -4.77 -19.28
CA ASN C 23 -7.72 -3.52 -19.83
C ASN C 23 -8.67 -3.02 -20.95
N PRO C 24 -9.95 -2.69 -20.68
CA PRO C 24 -10.82 -2.23 -21.76
C PRO C 24 -10.39 -0.85 -22.25
N GLY C 25 -10.67 -0.56 -23.49
CA GLY C 25 -10.30 0.73 -24.05
C GLY C 25 -10.76 0.87 -25.47
N PRO C 26 -10.54 2.06 -26.08
CA PRO C 26 -10.98 2.24 -27.48
C PRO C 26 -10.29 1.29 -28.46
N MET C 27 -9.00 0.98 -28.22
CA MET C 27 -8.22 0.11 -29.11
C MET C 27 -8.24 -1.38 -28.72
N THR C 28 -8.61 -1.73 -27.47
CA THR C 28 -8.56 -3.09 -26.96
C THR C 28 -9.92 -3.69 -26.71
N LEU C 29 -10.99 -2.93 -27.01
CA LEU C 29 -12.40 -3.31 -26.85
C LEU C 29 -12.66 -3.65 -25.38
N GLN C 30 -13.01 -4.92 -25.04
CA GLN C 30 -13.30 -5.33 -23.65
C GLN C 30 -12.02 -5.65 -22.86
N GLY C 31 -10.91 -5.75 -23.56
CA GLY C 31 -9.63 -6.09 -22.98
C GLY C 31 -8.93 -7.05 -23.90
N THR C 32 -7.61 -7.27 -23.68
CA THR C 32 -6.81 -8.22 -24.45
C THR C 32 -7.32 -9.61 -24.14
N ASN C 33 -7.48 -10.42 -25.17
CA ASN C 33 -7.83 -11.82 -25.04
C ASN C 33 -6.52 -12.59 -24.98
N THR C 34 -6.25 -13.16 -23.79
CA THR C 34 -5.07 -14.00 -23.63
C THR C 34 -5.62 -15.42 -23.58
N TYR C 35 -4.87 -16.38 -24.10
CA TYR C 35 -5.38 -17.73 -24.14
C TYR C 35 -4.42 -18.74 -23.55
N LEU C 36 -4.98 -19.71 -22.83
CA LEU C 36 -4.25 -20.86 -22.31
C LEU C 36 -4.57 -22.05 -23.22
N VAL C 37 -3.57 -22.48 -24.02
CA VAL C 37 -3.74 -23.54 -25.03
C VAL C 37 -3.02 -24.83 -24.57
N GLY C 38 -3.74 -25.94 -24.66
CA GLY C 38 -3.29 -27.25 -24.23
C GLY C 38 -4.34 -27.95 -23.38
N THR C 39 -4.12 -29.24 -23.11
CA THR C 39 -5.02 -30.07 -22.32
C THR C 39 -4.34 -30.65 -21.06
N GLY C 40 -3.05 -30.35 -20.86
CA GLY C 40 -2.25 -30.89 -19.77
C GLY C 40 -1.92 -30.00 -18.60
N PRO C 41 -1.04 -30.49 -17.69
CA PRO C 41 -0.68 -29.70 -16.49
C PRO C 41 0.23 -28.49 -16.77
N ARG C 42 0.70 -28.36 -18.04
CA ARG C 42 1.52 -27.25 -18.51
CA ARG C 42 1.52 -27.25 -18.50
C ARG C 42 0.96 -26.78 -19.83
N ARG C 43 0.55 -25.50 -19.89
CA ARG C 43 -0.08 -24.96 -21.11
C ARG C 43 0.65 -23.74 -21.67
N ILE C 44 0.41 -23.45 -22.93
CA ILE C 44 1.01 -22.30 -23.58
C ILE C 44 0.09 -21.08 -23.34
N LEU C 45 0.70 -19.92 -22.97
CA LEU C 45 -0.05 -18.69 -22.79
C LEU C 45 0.21 -17.76 -23.97
N ILE C 46 -0.86 -17.44 -24.72
CA ILE C 46 -0.83 -16.54 -25.87
C ILE C 46 -1.26 -15.13 -25.40
N ASP C 47 -0.32 -14.16 -25.45
CA ASP C 47 -0.41 -12.76 -25.06
C ASP C 47 -0.50 -12.61 -23.51
N THR C 48 -0.17 -11.41 -22.99
CA THR C 48 -0.01 -11.18 -21.56
C THR C 48 -0.74 -9.95 -21.00
N GLY C 49 -1.53 -9.26 -21.81
CA GLY C 49 -2.18 -8.06 -21.33
C GLY C 49 -1.22 -6.88 -21.26
N GLU C 50 -1.67 -5.82 -20.59
CA GLU C 50 -0.96 -4.56 -20.43
C GLU C 50 -0.02 -4.58 -19.23
N PRO C 51 0.93 -3.61 -19.13
CA PRO C 51 1.76 -3.56 -17.92
C PRO C 51 0.97 -3.06 -16.72
N ALA C 52 1.30 -3.58 -15.53
CA ALA C 52 0.76 -3.17 -14.24
C ALA C 52 -0.79 -3.22 -14.11
N ILE C 53 -1.40 -4.34 -14.56
CA ILE C 53 -2.83 -4.59 -14.37
C ILE C 53 -2.90 -5.73 -13.35
N PRO C 54 -3.01 -5.45 -12.02
CA PRO C 54 -3.00 -6.54 -11.02
C PRO C 54 -4.20 -7.48 -11.08
N GLU C 55 -5.31 -7.00 -11.66
CA GLU C 55 -6.56 -7.74 -11.83
C GLU C 55 -6.35 -8.90 -12.78
N TYR C 56 -5.53 -8.72 -13.84
CA TYR C 56 -5.23 -9.76 -14.80
C TYR C 56 -4.45 -10.93 -14.17
N ILE C 57 -3.46 -10.62 -13.33
CA ILE C 57 -2.63 -11.62 -12.63
C ILE C 57 -3.53 -12.51 -11.75
N SER C 58 -4.56 -11.91 -11.10
CA SER C 58 -5.54 -12.61 -10.28
C SER C 58 -6.38 -13.55 -11.14
N CYS C 59 -6.83 -13.06 -12.33
CA CYS C 59 -7.61 -13.84 -13.29
C CYS C 59 -6.79 -15.01 -13.85
N LEU C 60 -5.50 -14.76 -14.14
CA LEU C 60 -4.59 -15.77 -14.66
C LEU C 60 -4.34 -16.83 -13.59
N LYS C 61 -4.19 -16.43 -12.32
CA LYS C 61 -4.00 -17.34 -11.18
C LYS C 61 -5.25 -18.18 -10.96
N GLN C 62 -6.45 -17.60 -11.17
CA GLN C 62 -7.76 -18.25 -11.04
C GLN C 62 -7.88 -19.36 -12.08
N ALA C 63 -7.54 -19.07 -13.35
CA ALA C 63 -7.55 -20.01 -14.48
C ALA C 63 -6.59 -21.18 -14.25
N LEU C 64 -5.37 -20.89 -13.87
CA LEU C 64 -4.37 -21.93 -13.61
C LEU C 64 -4.80 -22.84 -12.47
N THR C 65 -5.43 -22.28 -11.40
CA THR C 65 -5.93 -23.05 -10.25
C THR C 65 -7.16 -23.87 -10.68
N GLU C 66 -8.17 -23.20 -11.31
CA GLU C 66 -9.43 -23.75 -11.79
C GLU C 66 -9.21 -24.91 -12.74
N PHE C 67 -8.24 -24.76 -13.66
CA PHE C 67 -8.01 -25.75 -14.69
C PHE C 67 -6.80 -26.64 -14.37
N ASN C 68 -6.35 -26.58 -13.09
CA ASN C 68 -5.24 -27.35 -12.52
C ASN C 68 -4.06 -27.46 -13.53
N THR C 69 -3.51 -26.29 -13.89
CA THR C 69 -2.47 -26.18 -14.89
C THR C 69 -1.47 -25.10 -14.49
N ALA C 70 -0.42 -24.94 -15.33
CA ALA C 70 0.68 -24.02 -15.16
C ALA C 70 1.12 -23.51 -16.53
N ILE C 71 1.97 -22.46 -16.57
CA ILE C 71 2.47 -21.90 -17.83
C ILE C 71 3.71 -22.71 -18.24
N GLN C 72 3.72 -23.16 -19.49
CA GLN C 72 4.84 -23.90 -20.08
C GLN C 72 5.78 -22.90 -20.70
N GLU C 73 5.22 -21.97 -21.45
CA GLU C 73 5.90 -20.91 -22.17
C GLU C 73 4.88 -19.85 -22.56
N ILE C 74 5.40 -18.65 -22.84
CA ILE C 74 4.60 -17.49 -23.23
C ILE C 74 4.92 -17.16 -24.67
N VAL C 75 3.86 -16.95 -25.48
CA VAL C 75 3.92 -16.63 -26.91
C VAL C 75 3.23 -15.27 -27.10
N VAL C 76 3.95 -14.30 -27.68
CA VAL C 76 3.48 -12.90 -27.89
C VAL C 76 3.24 -12.69 -29.39
N THR C 77 2.04 -12.21 -29.76
CA THR C 77 1.69 -12.00 -31.16
C THR C 77 2.52 -10.85 -31.83
N HIS C 78 2.67 -9.73 -31.16
CA HIS C 78 3.38 -8.54 -31.66
C HIS C 78 3.77 -7.68 -30.45
N TRP C 79 4.60 -6.69 -30.67
CA TRP C 79 5.21 -5.85 -29.64
C TRP C 79 4.27 -4.90 -28.90
N HIS C 80 3.07 -4.63 -29.43
CA HIS C 80 2.15 -3.67 -28.81
C HIS C 80 1.96 -3.99 -27.34
N ARG C 81 2.07 -2.97 -26.45
CA ARG C 81 2.15 -3.10 -25.00
C ARG C 81 0.89 -3.72 -24.36
N ASP C 82 -0.23 -3.86 -25.09
CA ASP C 82 -1.42 -4.57 -24.58
C ASP C 82 -1.32 -6.08 -24.78
N HIS C 83 -0.24 -6.55 -25.44
CA HIS C 83 0.04 -7.92 -25.82
C HIS C 83 1.35 -8.40 -25.19
N SER C 84 2.40 -7.56 -25.16
CA SER C 84 3.70 -7.91 -24.55
C SER C 84 3.93 -7.24 -23.18
N GLY C 85 2.99 -6.42 -22.72
CA GLY C 85 3.14 -5.64 -21.49
C GLY C 85 3.13 -6.36 -20.17
N GLY C 86 2.44 -7.48 -20.06
CA GLY C 86 2.32 -8.18 -18.80
C GLY C 86 3.34 -9.24 -18.48
N ILE C 87 4.42 -9.40 -19.30
CA ILE C 87 5.45 -10.45 -19.13
C ILE C 87 6.17 -10.34 -17.81
N GLY C 88 6.76 -9.16 -17.54
CA GLY C 88 7.43 -8.90 -16.28
C GLY C 88 6.57 -9.20 -15.07
N ASP C 89 5.27 -8.87 -15.16
CA ASP C 89 4.28 -9.07 -14.09
C ASP C 89 4.03 -10.54 -13.84
N ILE C 90 3.93 -11.35 -14.92
CA ILE C 90 3.70 -12.81 -14.88
C ILE C 90 4.93 -13.49 -14.27
N CYS C 91 6.15 -13.09 -14.72
CA CYS C 91 7.36 -13.70 -14.20
C CYS C 91 7.53 -13.49 -12.70
N LYS C 92 7.23 -12.27 -12.21
CA LYS C 92 7.32 -11.92 -10.80
C LYS C 92 6.22 -12.52 -9.90
N SER C 93 4.96 -12.57 -10.42
CA SER C 93 3.78 -12.98 -9.66
C SER C 93 3.34 -14.43 -9.82
N ILE C 94 3.51 -15.04 -11.00
CA ILE C 94 3.06 -16.42 -11.20
C ILE C 94 4.31 -17.30 -11.01
N ASN C 95 4.51 -17.69 -9.72
CA ASN C 95 5.62 -18.52 -9.22
C ASN C 95 5.79 -19.79 -10.03
N ASN C 96 7.04 -20.12 -10.34
CA ASN C 96 7.41 -21.31 -11.11
C ASN C 96 8.78 -21.86 -10.65
N ASP C 97 9.04 -23.15 -10.95
CA ASP C 97 10.31 -23.81 -10.61
C ASP C 97 11.46 -23.17 -11.42
N THR C 98 11.22 -22.97 -12.74
CA THR C 98 12.16 -22.37 -13.69
C THR C 98 11.61 -21.00 -14.16
N THR C 99 12.48 -20.15 -14.75
CA THR C 99 12.07 -18.85 -15.31
C THR C 99 11.31 -19.12 -16.62
N TYR C 100 10.39 -18.21 -17.01
CA TYR C 100 9.57 -18.45 -18.23
C TYR C 100 10.31 -18.22 -19.52
N CYS C 101 9.96 -19.03 -20.51
CA CYS C 101 10.47 -18.89 -21.85
C CYS C 101 9.48 -18.07 -22.66
N ILE C 102 9.90 -16.89 -23.13
CA ILE C 102 9.00 -16.00 -23.87
C ILE C 102 9.40 -15.97 -25.35
N LYS C 103 8.45 -16.46 -26.21
CA LYS C 103 8.63 -16.63 -27.63
C LYS C 103 7.85 -15.60 -28.44
N LYS C 104 8.49 -15.07 -29.47
CA LYS C 104 7.96 -14.02 -30.30
C LYS C 104 8.65 -14.02 -31.65
N LEU C 105 8.07 -13.37 -32.66
CA LEU C 105 8.76 -13.18 -33.95
C LEU C 105 9.67 -11.94 -33.84
N PRO C 106 10.82 -11.86 -34.53
CA PRO C 106 11.64 -10.64 -34.41
C PRO C 106 11.01 -9.42 -35.10
N ARG C 107 11.51 -8.24 -34.76
CA ARG C 107 11.07 -7.03 -35.43
C ARG C 107 11.69 -7.02 -36.84
N ASN C 108 11.06 -6.34 -37.81
CA ASN C 108 11.58 -6.28 -39.16
C ASN C 108 11.65 -4.82 -39.66
N PRO C 109 12.84 -4.19 -39.72
CA PRO C 109 14.18 -4.71 -39.38
C PRO C 109 14.34 -4.98 -37.89
N GLN C 110 15.33 -5.81 -37.54
CA GLN C 110 15.63 -6.24 -36.17
C GLN C 110 15.92 -5.08 -35.26
N ARG C 111 15.48 -5.22 -34.02
CA ARG C 111 15.60 -4.22 -32.95
C ARG C 111 15.80 -4.89 -31.60
N GLU C 112 16.46 -4.18 -30.67
CA GLU C 112 16.59 -4.62 -29.30
C GLU C 112 15.22 -4.45 -28.62
N GLU C 113 14.67 -5.55 -28.04
CA GLU C 113 13.38 -5.56 -27.37
C GLU C 113 13.61 -5.96 -25.94
N ILE C 114 13.33 -5.03 -25.00
CA ILE C 114 13.54 -5.22 -23.58
C ILE C 114 12.26 -5.74 -22.92
N ILE C 115 12.41 -6.84 -22.15
CA ILE C 115 11.39 -7.47 -21.30
C ILE C 115 11.73 -7.10 -19.87
N GLY C 116 10.70 -6.70 -19.12
CA GLY C 116 10.80 -6.40 -17.68
C GLY C 116 11.91 -5.46 -17.31
N ASN C 117 12.77 -5.90 -16.40
CA ASN C 117 13.93 -5.17 -15.90
C ASN C 117 15.11 -5.18 -16.89
N GLY C 118 15.13 -6.13 -17.81
CA GLY C 118 16.13 -6.29 -18.85
C GLY C 118 16.93 -7.58 -18.80
N GLU C 119 16.73 -8.41 -17.76
CA GLU C 119 17.46 -9.66 -17.59
C GLU C 119 16.82 -10.84 -18.32
N GLN C 120 15.55 -10.69 -18.67
CA GLN C 120 14.80 -11.69 -19.46
C GLN C 120 14.95 -11.30 -20.96
N GLN C 121 15.01 -12.28 -21.84
CA GLN C 121 15.14 -12.09 -23.29
C GLN C 121 14.12 -12.88 -24.06
N TYR C 122 13.75 -12.42 -25.27
CA TYR C 122 12.86 -13.19 -26.12
C TYR C 122 13.62 -14.30 -26.83
N VAL C 123 12.93 -15.43 -27.06
CA VAL C 123 13.42 -16.52 -27.90
C VAL C 123 12.71 -16.24 -29.20
N TYR C 124 13.44 -15.91 -30.26
CA TYR C 124 12.80 -15.55 -31.53
C TYR C 124 12.52 -16.76 -32.38
N LEU C 125 11.32 -16.77 -32.96
CA LEU C 125 10.79 -17.81 -33.83
C LEU C 125 10.92 -17.34 -35.25
N LYS C 126 10.56 -18.21 -36.19
CA LYS C 126 10.51 -17.90 -37.62
C LYS C 126 9.19 -18.45 -38.15
N ASP C 127 8.75 -17.92 -39.32
CA ASP C 127 7.55 -18.39 -40.00
C ASP C 127 7.65 -19.89 -40.24
N GLY C 128 6.58 -20.60 -39.90
CA GLY C 128 6.49 -22.05 -40.06
C GLY C 128 6.91 -22.85 -38.86
N ASP C 129 7.45 -22.19 -37.82
CA ASP C 129 7.90 -22.86 -36.60
C ASP C 129 6.71 -23.48 -35.89
N VAL C 130 6.94 -24.59 -35.18
CA VAL C 130 5.86 -25.31 -34.47
C VAL C 130 6.10 -25.27 -32.98
N ILE C 131 5.07 -24.87 -32.21
CA ILE C 131 5.07 -24.83 -30.75
C ILE C 131 4.13 -25.95 -30.29
N LYS C 132 4.69 -26.96 -29.61
CA LYS C 132 3.93 -28.14 -29.15
C LYS C 132 3.76 -28.14 -27.65
N THR C 133 2.59 -28.61 -27.22
CA THR C 133 2.19 -28.81 -25.81
C THR C 133 1.32 -30.08 -25.75
N GLU C 134 0.99 -30.56 -24.54
CA GLU C 134 0.11 -31.71 -24.41
C GLU C 134 -1.27 -31.33 -24.91
N GLY C 135 -1.73 -32.01 -25.95
CA GLY C 135 -3.03 -31.79 -26.56
C GLY C 135 -3.14 -30.64 -27.55
N ALA C 136 -2.04 -29.96 -27.87
CA ALA C 136 -2.11 -28.84 -28.83
C ALA C 136 -0.80 -28.63 -29.58
N THR C 137 -0.92 -28.35 -30.90
CA THR C 137 0.16 -28.04 -31.83
C THR C 137 -0.14 -26.68 -32.49
N LEU C 138 0.74 -25.69 -32.30
CA LEU C 138 0.61 -24.35 -32.86
C LEU C 138 1.64 -24.07 -33.94
N ARG C 139 1.21 -23.82 -35.16
CA ARG C 139 2.12 -23.45 -36.25
C ARG C 139 2.20 -21.91 -36.29
N VAL C 140 3.43 -21.38 -36.35
CA VAL C 140 3.72 -19.94 -36.39
C VAL C 140 3.48 -19.39 -37.81
N LEU C 141 2.57 -18.41 -37.91
CA LEU C 141 2.22 -17.76 -39.18
C LEU C 141 2.62 -16.28 -39.12
N TYR C 142 3.65 -15.88 -39.92
CA TYR C 142 4.08 -14.49 -39.99
C TYR C 142 3.03 -13.69 -40.83
N THR C 143 2.28 -12.81 -40.15
CA THR C 143 1.22 -11.98 -40.74
C THR C 143 1.54 -10.49 -40.53
N PRO C 144 2.56 -9.94 -41.24
CA PRO C 144 2.87 -8.49 -41.07
C PRO C 144 1.79 -7.56 -41.65
N GLY C 145 1.78 -6.30 -41.26
CA GLY C 145 0.80 -5.33 -41.71
C GLY C 145 0.33 -4.44 -40.58
N HIS C 146 -0.22 -5.08 -39.54
CA HIS C 146 -0.65 -4.44 -38.29
C HIS C 146 0.64 -3.94 -37.63
N THR C 147 1.63 -4.84 -37.58
CA THR C 147 2.99 -4.59 -37.08
C THR C 147 3.95 -5.37 -37.97
N ASP C 148 5.24 -5.02 -37.96
CA ASP C 148 6.27 -5.72 -38.74
C ASP C 148 6.67 -7.08 -38.13
N ASP C 149 6.19 -7.38 -36.90
CA ASP C 149 6.52 -8.62 -36.15
C ASP C 149 5.34 -9.50 -35.89
N HIS C 150 4.18 -9.18 -36.49
CA HIS C 150 2.92 -9.81 -36.15
C HIS C 150 2.91 -11.26 -36.52
N MET C 151 2.53 -12.03 -35.51
CA MET C 151 2.41 -13.45 -35.53
C MET C 151 0.96 -13.86 -35.32
N ALA C 152 0.46 -14.71 -36.19
CA ALA C 152 -0.80 -15.41 -35.99
C ALA C 152 -0.40 -16.87 -35.71
N LEU C 153 -1.27 -17.61 -35.04
CA LEU C 153 -0.94 -19.01 -34.72
C LEU C 153 -2.02 -19.92 -35.19
N LEU C 154 -1.64 -21.05 -35.79
CA LEU C 154 -2.61 -22.05 -36.22
C LEU C 154 -2.62 -23.25 -35.25
N LEU C 155 -3.76 -23.44 -34.56
CA LEU C 155 -4.02 -24.56 -33.69
C LEU C 155 -4.50 -25.66 -34.60
N GLU C 156 -3.60 -26.60 -34.94
CA GLU C 156 -3.81 -27.66 -35.91
C GLU C 156 -4.95 -28.61 -35.53
N GLU C 157 -5.10 -28.94 -34.23
CA GLU C 157 -6.11 -29.86 -33.69
C GLU C 157 -7.55 -29.35 -33.80
N GLU C 158 -7.73 -28.05 -33.94
CA GLU C 158 -9.05 -27.41 -34.05
C GLU C 158 -9.25 -26.72 -35.41
N ASN C 159 -8.16 -26.51 -36.17
CA ASN C 159 -8.10 -25.74 -37.41
C ASN C 159 -8.60 -24.33 -37.06
N ALA C 160 -8.00 -23.78 -36.01
CA ALA C 160 -8.28 -22.49 -35.41
C ALA C 160 -7.10 -21.57 -35.54
N ILE C 161 -7.37 -20.28 -35.74
CA ILE C 161 -6.36 -19.26 -35.84
C ILE C 161 -6.47 -18.31 -34.64
N PHE C 162 -5.31 -18.02 -34.01
CA PHE C 162 -5.15 -17.00 -32.99
C PHE C 162 -4.65 -15.83 -33.80
N SER C 163 -5.53 -14.93 -34.16
CA SER C 163 -5.20 -13.86 -35.10
C SER C 163 -4.49 -12.65 -34.54
N GLY C 164 -4.35 -12.53 -33.21
CA GLY C 164 -3.83 -11.34 -32.57
C GLY C 164 -4.68 -10.13 -32.96
N ASP C 165 -4.03 -9.10 -33.51
CA ASP C 165 -4.72 -7.87 -33.89
C ASP C 165 -4.86 -7.76 -35.43
N CYS C 166 -4.51 -8.81 -36.14
CA CYS C 166 -4.69 -8.86 -37.58
C CYS C 166 -6.19 -8.88 -37.89
N ILE C 167 -6.96 -9.71 -37.14
CA ILE C 167 -8.41 -9.86 -37.25
C ILE C 167 -9.01 -9.74 -35.85
N LEU C 168 -9.95 -8.80 -35.66
CA LEU C 168 -10.62 -8.58 -34.36
C LEU C 168 -12.09 -9.13 -34.40
N GLY C 169 -12.61 -9.53 -33.25
CA GLY C 169 -13.95 -10.12 -33.13
C GLY C 169 -15.10 -9.16 -33.28
N GLU C 170 -14.81 -7.86 -33.20
CA GLU C 170 -15.78 -6.77 -33.41
C GLU C 170 -15.03 -5.60 -34.07
N GLY C 171 -15.66 -5.00 -35.07
CA GLY C 171 -15.11 -3.85 -35.79
C GLY C 171 -13.87 -4.13 -36.60
N THR C 172 -13.11 -3.08 -36.91
CA THR C 172 -11.88 -3.22 -37.69
C THR C 172 -10.64 -2.99 -36.83
N THR C 173 -9.48 -3.10 -37.43
CA THR C 173 -8.21 -2.91 -36.73
C THR C 173 -7.42 -1.82 -37.47
N VAL C 174 -6.28 -1.45 -36.92
CA VAL C 174 -5.39 -0.49 -37.52
C VAL C 174 -4.19 -1.25 -38.06
N PHE C 175 -3.39 -0.58 -38.90
CA PHE C 175 -2.19 -1.19 -39.49
C PHE C 175 -1.21 -0.12 -39.88
N GLU C 176 0.07 -0.53 -40.13
CA GLU C 176 1.21 0.30 -40.52
C GLU C 176 1.38 0.29 -42.04
N ASP C 177 1.26 -0.89 -42.67
CA ASP C 177 1.43 -1.10 -44.11
C ASP C 177 0.28 -1.89 -44.68
N LEU C 178 -0.56 -1.22 -45.51
CA LEU C 178 -1.71 -1.82 -46.17
C LEU C 178 -1.32 -2.95 -47.12
N TYR C 179 -0.21 -2.82 -47.86
CA TYR C 179 0.25 -3.84 -48.80
C TYR C 179 0.50 -5.17 -48.09
N ASP C 180 1.24 -5.18 -46.97
CA ASP C 180 1.51 -6.38 -46.20
C ASP C 180 0.27 -6.88 -45.49
N TYR C 181 -0.56 -5.97 -44.98
CA TYR C 181 -1.78 -6.29 -44.26
C TYR C 181 -2.73 -7.10 -45.15
N MET C 182 -2.99 -6.59 -46.36
CA MET C 182 -3.85 -7.25 -47.36
C MET C 182 -3.27 -8.59 -47.77
N ASN C 183 -1.96 -8.68 -47.87
CA ASN C 183 -1.28 -9.92 -48.22
C ASN C 183 -1.42 -10.98 -47.12
N SER C 184 -1.39 -10.56 -45.85
CA SER C 184 -1.54 -11.43 -44.68
C SER C 184 -2.98 -11.96 -44.59
N LEU C 185 -3.97 -11.09 -44.86
CA LEU C 185 -5.38 -11.49 -44.87
C LEU C 185 -5.63 -12.52 -45.95
N LYS C 186 -5.01 -12.34 -47.15
CA LYS C 186 -5.12 -13.27 -48.29
C LYS C 186 -4.49 -14.61 -47.95
N GLU C 187 -3.39 -14.61 -47.17
CA GLU C 187 -2.69 -15.81 -46.70
C GLU C 187 -3.53 -16.55 -45.69
N LEU C 188 -4.13 -15.84 -44.72
CA LEU C 188 -4.99 -16.44 -43.70
C LEU C 188 -6.22 -17.11 -44.32
N LEU C 189 -6.74 -16.55 -45.44
CA LEU C 189 -7.86 -17.09 -46.21
C LEU C 189 -7.53 -18.47 -46.77
N LYS C 190 -6.26 -18.68 -47.19
CA LYS C 190 -5.79 -19.95 -47.77
C LYS C 190 -5.75 -21.08 -46.72
N ILE C 191 -5.64 -20.74 -45.41
CA ILE C 191 -5.62 -21.71 -44.30
C ILE C 191 -6.98 -22.44 -44.21
N LYS C 192 -8.08 -21.71 -44.53
CA LYS C 192 -9.45 -22.20 -44.51
C LYS C 192 -9.78 -22.71 -43.12
N ALA C 193 -9.54 -21.85 -42.12
CA ALA C 193 -9.75 -22.14 -40.71
C ALA C 193 -11.23 -22.17 -40.39
N ASP C 194 -11.59 -22.94 -39.36
CA ASP C 194 -12.94 -23.12 -38.90
C ASP C 194 -13.34 -22.01 -37.92
N ILE C 195 -12.44 -21.65 -36.99
CA ILE C 195 -12.66 -20.63 -35.94
C ILE C 195 -11.45 -19.66 -35.84
N ILE C 196 -11.72 -18.41 -35.44
CA ILE C 196 -10.70 -17.42 -35.17
C ILE C 196 -10.86 -16.94 -33.70
N TYR C 197 -9.77 -17.04 -32.93
CA TYR C 197 -9.64 -16.54 -31.55
C TYR C 197 -8.88 -15.23 -31.66
N PRO C 198 -9.61 -14.09 -31.67
CA PRO C 198 -8.90 -12.81 -31.91
C PRO C 198 -8.23 -12.24 -30.65
N GLY C 199 -7.35 -11.27 -30.85
CA GLY C 199 -6.66 -10.59 -29.77
C GLY C 199 -7.59 -9.72 -28.95
N HIS C 200 -8.72 -9.28 -29.54
CA HIS C 200 -9.77 -8.48 -28.89
C HIS C 200 -11.11 -8.84 -29.51
N GLY C 201 -12.15 -8.80 -28.69
CA GLY C 201 -13.51 -9.05 -29.13
C GLY C 201 -13.90 -10.50 -28.99
N PRO C 202 -15.15 -10.84 -29.34
CA PRO C 202 -15.57 -12.23 -29.18
C PRO C 202 -14.98 -13.16 -30.24
N VAL C 203 -15.15 -14.47 -30.02
CA VAL C 203 -14.68 -15.55 -30.89
C VAL C 203 -15.36 -15.40 -32.26
N ILE C 204 -14.68 -15.74 -33.36
CA ILE C 204 -15.27 -15.67 -34.70
C ILE C 204 -15.51 -17.11 -35.16
N HIS C 205 -16.77 -17.50 -35.39
CA HIS C 205 -17.12 -18.85 -35.84
C HIS C 205 -17.16 -18.97 -37.37
N ASN C 206 -17.40 -17.87 -38.11
CA ASN C 206 -17.36 -17.87 -39.56
C ASN C 206 -16.12 -17.08 -40.03
N ALA C 207 -14.98 -17.77 -40.02
CA ALA C 207 -13.66 -17.22 -40.35
C ALA C 207 -13.58 -16.70 -41.78
N GLU C 208 -14.01 -17.49 -42.78
CA GLU C 208 -14.01 -17.12 -44.20
C GLU C 208 -14.77 -15.81 -44.42
N ALA C 209 -16.01 -15.69 -43.90
CA ALA C 209 -16.84 -14.50 -44.04
C ALA C 209 -16.19 -13.27 -43.38
N LYS C 210 -15.51 -13.45 -42.27
CA LYS C 210 -14.86 -12.34 -41.56
C LYS C 210 -13.63 -11.80 -42.30
N ILE C 211 -12.72 -12.71 -42.75
CA ILE C 211 -11.54 -12.32 -43.53
C ILE C 211 -11.99 -11.67 -44.84
N GLN C 212 -13.04 -12.22 -45.52
CA GLN C 212 -13.57 -11.62 -46.76
C GLN C 212 -14.18 -10.26 -46.50
N GLN C 213 -14.78 -10.04 -45.33
CA GLN C 213 -15.35 -8.74 -44.93
C GLN C 213 -14.23 -7.70 -44.81
N TYR C 214 -13.10 -8.11 -44.19
CA TYR C 214 -11.88 -7.30 -43.98
C TYR C 214 -11.21 -6.91 -45.31
N ILE C 215 -11.12 -7.86 -46.25
CA ILE C 215 -10.52 -7.67 -47.57
C ILE C 215 -11.38 -6.72 -48.41
N SER C 216 -12.71 -6.99 -48.48
CA SER C 216 -13.68 -6.22 -49.23
C SER C 216 -13.74 -4.76 -48.77
N HIS C 217 -13.70 -4.53 -47.45
CA HIS C 217 -13.72 -3.20 -46.81
C HIS C 217 -12.59 -2.31 -47.34
N ARG C 218 -11.38 -2.86 -47.39
CA ARG C 218 -10.20 -2.13 -47.86
C ARG C 218 -10.19 -2.00 -49.38
N ASN C 219 -10.59 -3.07 -50.10
CA ASN C 219 -10.64 -3.12 -51.57
C ASN C 219 -11.64 -2.14 -52.17
N ILE C 220 -12.79 -1.88 -51.49
CA ILE C 220 -13.83 -0.94 -51.98
C ILE C 220 -13.22 0.47 -52.03
N ARG C 221 -12.56 0.88 -50.94
CA ARG C 221 -11.90 2.18 -50.86
C ARG C 221 -10.74 2.31 -51.87
N GLU C 222 -9.92 1.23 -52.07
CA GLU C 222 -8.83 1.23 -53.05
C GLU C 222 -9.39 1.39 -54.44
N GLN C 223 -10.52 0.72 -54.75
CA GLN C 223 -11.18 0.82 -56.05
C GLN C 223 -11.70 2.21 -56.30
N GLN C 224 -12.22 2.89 -55.27
CA GLN C 224 -12.74 4.25 -55.35
C GLN C 224 -11.62 5.24 -55.70
N ILE C 225 -10.46 5.11 -55.02
CA ILE C 225 -9.27 5.95 -55.18
C ILE C 225 -8.68 5.75 -56.57
N LEU C 226 -8.49 4.48 -57.00
CA LEU C 226 -7.93 4.10 -58.29
C LEU C 226 -8.80 4.57 -59.45
N THR C 227 -10.14 4.48 -59.31
CA THR C 227 -11.11 4.94 -60.32
C THR C 227 -10.93 6.44 -60.55
N LEU C 228 -10.81 7.23 -59.45
CA LEU C 228 -10.63 8.69 -59.54
C LEU C 228 -9.36 9.04 -60.34
N PHE C 229 -8.23 8.33 -60.07
CA PHE C 229 -6.96 8.52 -60.75
C PHE C 229 -7.02 8.08 -62.21
N ARG C 230 -7.57 6.90 -62.49
CA ARG C 230 -7.60 6.37 -63.85
C ARG C 230 -8.62 7.09 -64.75
N GLU C 231 -9.70 7.66 -64.18
CA GLU C 231 -10.68 8.43 -64.94
C GLU C 231 -10.12 9.80 -65.27
N ASN C 232 -9.32 10.39 -64.35
CA ASN C 232 -8.68 11.71 -64.51
C ASN C 232 -7.16 11.50 -64.63
N PHE C 233 -6.76 10.66 -65.60
CA PHE C 233 -5.38 10.20 -65.83
C PHE C 233 -4.41 11.30 -66.25
N GLU C 234 -4.91 12.46 -66.70
CA GLU C 234 -4.07 13.61 -67.05
C GLU C 234 -3.87 14.55 -65.83
N LYS C 235 -4.75 14.45 -64.81
CA LYS C 235 -4.75 15.26 -63.60
C LYS C 235 -3.84 14.72 -62.49
N SER C 236 -3.31 15.65 -61.68
CA SER C 236 -2.49 15.40 -60.50
C SER C 236 -3.25 15.93 -59.29
N PHE C 237 -3.26 15.17 -58.18
CA PHE C 237 -4.03 15.56 -57.00
C PHE C 237 -3.16 15.68 -55.75
N THR C 238 -3.49 16.66 -54.89
CA THR C 238 -2.83 16.83 -53.59
C THR C 238 -3.59 15.95 -52.58
N VAL C 239 -3.04 15.74 -51.37
CA VAL C 239 -3.72 14.93 -50.34
C VAL C 239 -5.06 15.59 -49.97
N MET C 240 -5.05 16.92 -49.72
CA MET C 240 -6.24 17.71 -49.37
C MET C 240 -7.29 17.66 -50.49
N GLU C 241 -6.88 17.70 -51.78
CA GLU C 241 -7.81 17.56 -52.90
C GLU C 241 -8.49 16.19 -52.85
N LEU C 242 -7.69 15.11 -52.71
CA LEU C 242 -8.16 13.72 -52.65
C LEU C 242 -9.07 13.45 -51.42
N VAL C 243 -8.75 13.99 -50.24
CA VAL C 243 -9.54 13.80 -49.01
C VAL C 243 -10.95 14.40 -49.21
N LYS C 244 -11.04 15.62 -49.78
CA LYS C 244 -12.31 16.30 -50.03
C LYS C 244 -13.21 15.52 -51.02
N ILE C 245 -12.60 14.83 -52.02
CA ILE C 245 -13.32 14.05 -53.02
C ILE C 245 -13.72 12.66 -52.48
N ILE C 246 -12.74 11.84 -52.05
CA ILE C 246 -12.91 10.45 -51.62
C ILE C 246 -13.72 10.32 -50.32
N TYR C 247 -13.46 11.14 -49.31
CA TYR C 247 -14.13 11.02 -48.00
C TYR C 247 -15.17 12.13 -47.83
N LYS C 248 -16.05 12.28 -48.83
CA LYS C 248 -17.09 13.31 -48.85
C LYS C 248 -18.16 13.06 -47.78
N ASN C 249 -18.49 11.78 -47.55
CA ASN C 249 -19.55 11.38 -46.61
C ASN C 249 -19.07 11.20 -45.17
N THR C 250 -17.82 11.65 -44.85
CA THR C 250 -17.14 11.55 -43.56
C THR C 250 -17.15 12.92 -42.84
N PRO C 251 -17.56 13.00 -41.54
CA PRO C 251 -17.58 14.31 -40.85
C PRO C 251 -16.19 14.93 -40.65
N GLU C 252 -16.15 16.27 -40.49
CA GLU C 252 -14.94 17.09 -40.28
C GLU C 252 -14.15 16.67 -39.01
N ASN C 253 -14.83 16.09 -38.00
CA ASN C 253 -14.18 15.64 -36.78
C ASN C 253 -13.31 14.38 -37.04
N LEU C 254 -13.52 13.71 -38.19
CA LEU C 254 -12.76 12.52 -38.58
C LEU C 254 -11.78 12.81 -39.71
N HIS C 255 -11.50 14.10 -40.02
CA HIS C 255 -10.60 14.54 -41.08
C HIS C 255 -9.21 13.92 -41.00
N GLU C 256 -8.59 13.91 -39.81
CA GLU C 256 -7.25 13.39 -39.64
C GLU C 256 -7.19 11.86 -39.81
N MET C 257 -8.29 11.15 -39.48
CA MET C 257 -8.42 9.70 -39.63
C MET C 257 -8.55 9.36 -41.12
N ALA C 258 -9.32 10.16 -41.87
CA ALA C 258 -9.54 10.06 -43.30
C ALA C 258 -8.22 10.30 -44.05
N LYS C 259 -7.50 11.40 -43.72
CA LYS C 259 -6.23 11.79 -44.31
C LYS C 259 -5.21 10.68 -44.11
N HIS C 260 -5.20 10.06 -42.92
CA HIS C 260 -4.30 8.97 -42.56
C HIS C 260 -4.63 7.70 -43.37
N ASN C 261 -5.93 7.37 -43.47
CA ASN C 261 -6.44 6.24 -44.21
C ASN C 261 -6.07 6.35 -45.67
N LEU C 262 -6.29 7.54 -46.27
CA LEU C 262 -5.98 7.82 -47.65
C LEU C 262 -4.51 7.58 -47.95
N LEU C 263 -3.60 8.13 -47.10
CA LEU C 263 -2.15 7.98 -47.25
C LEU C 263 -1.69 6.52 -47.20
N LEU C 264 -2.34 5.67 -46.37
CA LEU C 264 -2.07 4.23 -46.28
C LEU C 264 -2.43 3.55 -47.59
N HIS C 265 -3.57 3.97 -48.18
CA HIS C 265 -4.05 3.49 -49.46
C HIS C 265 -3.14 3.95 -50.60
N LEU C 266 -2.66 5.21 -50.58
CA LEU C 266 -1.77 5.76 -51.61
C LEU C 266 -0.39 5.11 -51.60
N LYS C 267 0.15 4.75 -50.42
CA LYS C 267 1.46 4.09 -50.30
C LYS C 267 1.40 2.67 -50.90
N LYS C 268 0.23 1.97 -50.80
CA LYS C 268 0.00 0.62 -51.34
C LYS C 268 -0.03 0.69 -52.87
N LEU C 269 -0.82 1.64 -53.41
CA LEU C 269 -0.92 1.86 -54.87
C LEU C 269 0.40 2.37 -55.48
N GLU C 270 1.26 2.99 -54.68
CA GLU C 270 2.56 3.48 -55.13
C GLU C 270 3.52 2.30 -55.22
N LYS C 271 3.50 1.44 -54.18
CA LYS C 271 4.29 0.20 -54.07
C LYS C 271 3.94 -0.67 -55.24
N GLU C 272 2.65 -0.63 -55.63
CA GLU C 272 2.10 -1.42 -56.74
C GLU C 272 2.28 -0.78 -58.11
N GLY C 273 2.97 0.36 -58.17
CA GLY C 273 3.25 1.12 -59.39
C GLY C 273 2.03 1.60 -60.16
N LYS C 274 0.89 1.73 -59.48
CA LYS C 274 -0.39 2.15 -60.09
C LYS C 274 -0.49 3.65 -60.13
N ILE C 275 0.11 4.32 -59.14
CA ILE C 275 0.21 5.78 -59.04
C ILE C 275 1.66 6.19 -58.72
N PHE C 276 1.99 7.44 -59.01
CA PHE C 276 3.30 7.97 -58.69
C PHE C 276 3.17 9.38 -58.11
N SER C 277 4.10 9.77 -57.22
CA SER C 277 4.16 11.09 -56.61
C SER C 277 5.28 11.93 -57.24
N ASN C 278 5.25 13.26 -57.01
CA ASN C 278 6.24 14.21 -57.53
C ASN C 278 7.03 14.84 -56.37
N THR C 279 7.93 15.78 -56.70
CA THR C 279 8.82 16.46 -55.77
C THR C 279 8.30 17.85 -55.32
N ASP C 280 7.02 18.18 -55.65
CA ASP C 280 6.39 19.45 -55.27
C ASP C 280 6.32 19.63 -53.74
N PRO C 281 6.40 20.89 -53.21
CA PRO C 281 6.34 21.08 -51.74
C PRO C 281 5.04 20.50 -51.16
N ASP C 282 3.93 20.69 -51.90
CA ASP C 282 2.61 20.09 -51.68
C ASP C 282 2.53 18.95 -52.70
N LYS C 283 3.04 17.77 -52.28
CA LYS C 283 3.16 16.51 -53.03
C LYS C 283 1.87 16.18 -53.82
N LYS C 284 2.03 15.99 -55.13
CA LYS C 284 0.94 15.67 -56.05
C LYS C 284 1.06 14.21 -56.51
N TRP C 285 -0.08 13.54 -56.64
CA TRP C 285 -0.24 12.14 -57.05
C TRP C 285 -0.93 12.04 -58.40
N LYS C 286 -0.35 11.27 -59.32
CA LYS C 286 -0.93 11.08 -60.66
C LYS C 286 -0.92 9.60 -60.98
N ALA C 287 -1.89 9.15 -61.80
CA ALA C 287 -1.98 7.76 -62.24
C ALA C 287 -0.72 7.43 -63.09
N HIS C 288 -0.24 6.17 -63.07
CA HIS C 288 0.94 5.82 -63.89
C HIS C 288 0.61 5.87 -65.40
N LEU C 289 -0.47 5.17 -65.85
CA LEU C 289 -0.98 5.18 -67.24
C LEU C 289 -2.24 4.30 -67.37
N MET D 2 -5.86 -26.13 -4.63
CA MET D 2 -7.25 -26.60 -4.62
C MET D 2 -8.24 -25.49 -4.19
N ALA D 3 -7.84 -24.55 -3.31
CA ALA D 3 -8.70 -23.43 -2.89
C ALA D 3 -8.96 -22.48 -4.09
N ALA D 4 -10.23 -22.05 -4.28
CA ALA D 4 -10.63 -21.15 -5.38
C ALA D 4 -10.04 -19.75 -5.22
N VAL D 5 -9.67 -19.15 -6.36
CA VAL D 5 -9.12 -17.80 -6.42
C VAL D 5 -10.27 -16.86 -6.76
N LEU D 6 -10.74 -16.13 -5.75
CA LEU D 6 -11.82 -15.14 -5.84
C LEU D 6 -11.27 -13.77 -6.32
N GLN D 7 -12.02 -13.10 -7.20
CA GLN D 7 -11.61 -11.78 -7.63
C GLN D 7 -12.03 -10.76 -6.60
N ARG D 8 -11.34 -9.61 -6.51
CA ARG D 8 -11.62 -8.60 -5.48
C ARG D 8 -13.04 -7.97 -5.62
N VAL D 9 -13.45 -7.57 -6.84
CA VAL D 9 -14.79 -6.97 -7.08
C VAL D 9 -15.47 -7.87 -8.09
N GLU D 10 -16.68 -8.35 -7.81
CA GLU D 10 -17.41 -9.25 -8.72
C GLU D 10 -18.94 -9.19 -8.56
N ARG D 11 -19.64 -9.04 -9.70
CA ARG D 11 -21.11 -9.06 -9.83
C ARG D 11 -21.52 -10.53 -9.85
N LEU D 12 -22.17 -11.01 -8.78
CA LEU D 12 -22.57 -12.41 -8.66
C LEU D 12 -23.99 -12.65 -9.22
N SER D 13 -24.85 -11.61 -9.19
CA SER D 13 -26.20 -11.63 -9.73
C SER D 13 -26.66 -10.21 -10.06
N ASN D 14 -27.92 -10.06 -10.51
CA ASN D 14 -28.52 -8.74 -10.81
C ASN D 14 -28.61 -7.86 -9.56
N ARG D 15 -28.60 -8.50 -8.36
CA ARG D 15 -28.76 -7.82 -7.08
C ARG D 15 -27.55 -7.90 -6.15
N VAL D 16 -26.58 -8.80 -6.41
CA VAL D 16 -25.45 -8.99 -5.51
C VAL D 16 -24.11 -8.76 -6.21
N VAL D 17 -23.31 -7.84 -5.65
CA VAL D 17 -21.94 -7.49 -6.02
C VAL D 17 -21.08 -7.87 -4.83
N ARG D 18 -19.95 -8.55 -5.02
CA ARG D 18 -19.12 -8.96 -3.88
C ARG D 18 -17.74 -8.30 -3.89
N VAL D 19 -17.38 -7.71 -2.75
CA VAL D 19 -16.10 -7.06 -2.56
C VAL D 19 -15.33 -7.86 -1.55
N LEU D 20 -14.15 -8.40 -1.91
CA LEU D 20 -13.31 -9.12 -0.95
C LEU D 20 -12.65 -8.14 0.02
N GLY D 21 -12.55 -8.55 1.28
CA GLY D 21 -11.94 -7.79 2.37
C GLY D 21 -10.45 -7.54 2.25
N CYS D 22 -9.75 -8.29 1.37
CA CYS D 22 -8.28 -8.20 1.11
C CYS D 22 -7.52 -8.56 2.38
N ASN D 23 -8.12 -9.45 3.18
CA ASN D 23 -7.62 -9.93 4.45
C ASN D 23 -7.53 -11.47 4.43
N PRO D 24 -6.76 -12.11 3.52
CA PRO D 24 -6.65 -13.57 3.56
C PRO D 24 -5.94 -14.05 4.83
N GLY D 25 -6.28 -15.24 5.27
CA GLY D 25 -5.68 -15.81 6.46
C GLY D 25 -6.26 -17.16 6.78
N PRO D 26 -5.73 -17.85 7.82
CA PRO D 26 -6.23 -19.20 8.13
C PRO D 26 -7.71 -19.23 8.49
N MET D 27 -8.24 -18.18 9.14
CA MET D 27 -9.65 -18.14 9.56
C MET D 27 -10.57 -17.44 8.58
N THR D 28 -10.05 -16.56 7.72
CA THR D 28 -10.82 -15.76 6.76
C THR D 28 -10.75 -16.29 5.31
N LEU D 29 -9.98 -17.35 5.07
CA LEU D 29 -9.77 -17.99 3.78
C LEU D 29 -9.16 -16.95 2.82
N GLN D 30 -9.82 -16.60 1.73
CA GLN D 30 -9.31 -15.61 0.75
C GLN D 30 -9.55 -14.17 1.21
N GLY D 31 -10.36 -14.02 2.24
CA GLY D 31 -10.71 -12.75 2.86
C GLY D 31 -12.17 -12.74 3.23
N THR D 32 -12.64 -11.65 3.86
CA THR D 32 -14.07 -11.50 4.20
C THR D 32 -14.82 -11.17 2.92
N ASN D 33 -15.96 -11.81 2.73
CA ASN D 33 -16.83 -11.54 1.60
C ASN D 33 -17.82 -10.51 2.08
N THR D 34 -17.67 -9.29 1.58
CA THR D 34 -18.58 -8.20 1.86
C THR D 34 -19.45 -8.08 0.61
N TYR D 35 -20.76 -7.83 0.78
CA TYR D 35 -21.68 -7.78 -0.37
C TYR D 35 -22.44 -6.47 -0.45
N LEU D 36 -22.60 -5.97 -1.69
CA LEU D 36 -23.46 -4.84 -2.00
C LEU D 36 -24.74 -5.40 -2.61
N VAL D 37 -25.85 -5.30 -1.86
CA VAL D 37 -27.16 -5.85 -2.24
C VAL D 37 -28.11 -4.71 -2.67
N GLY D 38 -28.77 -4.91 -3.80
CA GLY D 38 -29.70 -3.95 -4.37
C GLY D 38 -29.45 -3.73 -5.85
N THR D 39 -30.35 -3.02 -6.51
CA THR D 39 -30.26 -2.73 -7.96
C THR D 39 -30.23 -1.22 -8.24
N GLY D 40 -30.34 -0.40 -7.19
CA GLY D 40 -30.42 1.05 -7.30
C GLY D 40 -29.18 1.87 -6.98
N PRO D 41 -29.33 3.23 -6.96
CA PRO D 41 -28.19 4.10 -6.70
C PRO D 41 -27.73 4.12 -5.24
N ARG D 42 -28.49 3.44 -4.35
CA ARG D 42 -28.18 3.28 -2.91
C ARG D 42 -28.36 1.78 -2.57
N ARG D 43 -27.30 1.11 -2.12
CA ARG D 43 -27.34 -0.32 -1.82
C ARG D 43 -26.95 -0.66 -0.36
N ILE D 44 -27.38 -1.84 0.14
CA ILE D 44 -27.02 -2.34 1.48
C ILE D 44 -25.66 -2.98 1.41
N LEU D 45 -24.77 -2.68 2.38
CA LEU D 45 -23.46 -3.31 2.47
C LEU D 45 -23.48 -4.32 3.61
N ILE D 46 -23.26 -5.59 3.30
CA ILE D 46 -23.19 -6.69 4.28
C ILE D 46 -21.73 -6.96 4.60
N ASP D 47 -21.34 -6.71 5.87
CA ASP D 47 -19.99 -6.83 6.48
C ASP D 47 -19.00 -5.77 5.92
N THR D 48 -17.92 -5.51 6.66
CA THR D 48 -16.98 -4.42 6.38
C THR D 48 -15.50 -4.82 6.38
N GLY D 49 -15.22 -6.11 6.55
CA GLY D 49 -13.86 -6.60 6.64
C GLY D 49 -13.18 -6.31 7.96
N GLU D 50 -11.85 -6.31 7.92
CA GLU D 50 -11.00 -6.08 9.08
C GLU D 50 -10.66 -4.62 9.30
N PRO D 51 -10.19 -4.22 10.50
CA PRO D 51 -9.79 -2.83 10.68
C PRO D 51 -8.48 -2.56 9.98
N ALA D 52 -8.28 -1.33 9.50
CA ALA D 52 -7.04 -0.82 8.87
C ALA D 52 -6.54 -1.62 7.65
N ILE D 53 -7.43 -1.99 6.73
CA ILE D 53 -7.06 -2.64 5.46
C ILE D 53 -7.32 -1.58 4.37
N PRO D 54 -6.31 -0.73 3.98
CA PRO D 54 -6.57 0.34 3.00
C PRO D 54 -6.96 -0.15 1.60
N GLU D 55 -6.54 -1.37 1.25
CA GLU D 55 -6.80 -2.02 -0.03
C GLU D 55 -8.30 -2.29 -0.20
N TYR D 56 -9.01 -2.66 0.88
CA TYR D 56 -10.45 -2.91 0.85
C TYR D 56 -11.25 -1.64 0.52
N ILE D 57 -10.87 -0.48 1.13
CA ILE D 57 -11.52 0.81 0.92
C ILE D 57 -11.43 1.19 -0.58
N SER D 58 -10.26 0.93 -1.21
CA SER D 58 -10.03 1.14 -2.64
C SER D 58 -10.95 0.25 -3.50
N CYS D 59 -11.07 -1.04 -3.13
CA CYS D 59 -11.94 -2.02 -3.80
C CYS D 59 -13.41 -1.63 -3.65
N LEU D 60 -13.82 -1.20 -2.45
CA LEU D 60 -15.18 -0.76 -2.17
C LEU D 60 -15.52 0.49 -2.97
N LYS D 61 -14.57 1.44 -3.07
CA LYS D 61 -14.73 2.67 -3.85
C LYS D 61 -14.84 2.37 -5.35
N GLN D 62 -14.09 1.35 -5.83
CA GLN D 62 -14.09 0.88 -7.23
C GLN D 62 -15.45 0.27 -7.55
N ALA D 63 -16.01 -0.60 -6.68
CA ALA D 63 -17.34 -1.21 -6.84
C ALA D 63 -18.45 -0.18 -6.89
N LEU D 64 -18.45 0.78 -5.94
CA LEU D 64 -19.45 1.85 -5.91
C LEU D 64 -19.39 2.71 -7.17
N THR D 65 -18.18 3.00 -7.71
CA THR D 65 -17.98 3.78 -8.93
C THR D 65 -18.42 2.93 -10.15
N GLU D 66 -17.89 1.69 -10.26
CA GLU D 66 -18.15 0.72 -11.33
C GLU D 66 -19.64 0.42 -11.47
N PHE D 67 -20.34 0.28 -10.34
CA PHE D 67 -21.75 -0.09 -10.35
C PHE D 67 -22.66 1.12 -10.10
N ASN D 68 -22.08 2.33 -10.21
CA ASN D 68 -22.72 3.64 -10.06
C ASN D 68 -23.74 3.64 -8.91
N THR D 69 -23.23 3.39 -7.72
CA THR D 69 -24.04 3.28 -6.52
C THR D 69 -23.31 3.89 -5.30
N ALA D 70 -24.01 3.85 -4.15
CA ALA D 70 -23.56 4.35 -2.86
C ALA D 70 -24.08 3.41 -1.76
N ILE D 71 -23.57 3.56 -0.52
CA ILE D 71 -24.03 2.75 0.61
C ILE D 71 -25.30 3.41 1.19
N GLN D 72 -26.37 2.62 1.32
CA GLN D 72 -27.64 2.99 1.95
C GLN D 72 -27.52 2.85 3.48
N GLU D 73 -27.01 1.69 3.92
CA GLU D 73 -26.82 1.30 5.29
C GLU D 73 -25.86 0.12 5.31
N ILE D 74 -25.25 -0.13 6.48
CA ILE D 74 -24.33 -1.22 6.70
C ILE D 74 -24.98 -2.24 7.66
N VAL D 75 -24.89 -3.52 7.30
CA VAL D 75 -25.44 -4.64 8.06
C VAL D 75 -24.27 -5.55 8.42
N VAL D 76 -24.09 -5.86 9.72
CA VAL D 76 -22.98 -6.67 10.25
C VAL D 76 -23.54 -8.03 10.75
N THR D 77 -22.99 -9.17 10.26
CA THR D 77 -23.46 -10.52 10.61
C THR D 77 -23.15 -10.86 12.08
N HIS D 78 -21.95 -10.48 12.55
CA HIS D 78 -21.54 -10.73 13.93
C HIS D 78 -20.38 -9.83 14.32
N TRP D 79 -20.07 -9.83 15.62
CA TRP D 79 -19.08 -8.96 16.24
C TRP D 79 -17.62 -9.23 15.84
N HIS D 80 -17.27 -10.42 15.34
CA HIS D 80 -15.91 -10.79 14.98
C HIS D 80 -15.30 -9.70 14.10
N ARG D 81 -14.08 -9.23 14.46
CA ARG D 81 -13.42 -8.06 13.83
C ARG D 81 -13.18 -8.18 12.31
N ASP D 82 -13.31 -9.37 11.72
CA ASP D 82 -13.13 -9.53 10.28
C ASP D 82 -14.47 -9.20 9.53
N HIS D 83 -15.56 -8.92 10.29
CA HIS D 83 -16.87 -8.59 9.77
C HIS D 83 -17.29 -7.18 10.25
N SER D 84 -16.79 -6.74 11.41
CA SER D 84 -17.16 -5.43 11.95
C SER D 84 -15.96 -4.46 12.06
N GLY D 85 -14.78 -4.85 11.62
CA GLY D 85 -13.58 -4.04 11.76
C GLY D 85 -13.50 -2.79 10.94
N GLY D 86 -14.02 -2.84 9.74
CA GLY D 86 -13.94 -1.70 8.83
C GLY D 86 -15.00 -0.62 8.95
N ILE D 87 -15.94 -0.74 9.91
CA ILE D 87 -17.03 0.24 10.05
C ILE D 87 -16.46 1.66 10.13
N GLY D 88 -15.51 1.91 11.03
CA GLY D 88 -14.85 3.20 11.19
C GLY D 88 -14.11 3.71 9.97
N ASP D 89 -13.44 2.79 9.24
CA ASP D 89 -12.68 3.10 8.00
C ASP D 89 -13.59 3.55 6.88
N ILE D 90 -14.78 2.93 6.73
CA ILE D 90 -15.82 3.23 5.69
C ILE D 90 -16.49 4.57 5.99
N CYS D 91 -16.74 4.85 7.27
CA CYS D 91 -17.35 6.12 7.65
C CYS D 91 -16.42 7.29 7.32
N LYS D 92 -15.11 7.14 7.63
CA LYS D 92 -14.10 8.16 7.40
C LYS D 92 -13.71 8.33 5.93
N SER D 93 -13.67 7.23 5.16
CA SER D 93 -13.16 7.23 3.78
C SER D 93 -14.23 7.24 2.67
N ILE D 94 -15.39 6.60 2.87
CA ILE D 94 -16.41 6.58 1.83
C ILE D 94 -17.42 7.71 2.16
N ASN D 95 -17.09 8.92 1.63
CA ASN D 95 -17.82 10.17 1.78
C ASN D 95 -19.30 10.00 1.46
N ASN D 96 -20.16 10.63 2.27
CA ASN D 96 -21.62 10.58 2.11
C ASN D 96 -22.26 11.89 2.63
N ASP D 97 -23.51 12.17 2.18
CA ASP D 97 -24.27 13.34 2.61
C ASP D 97 -24.61 13.23 4.11
N THR D 98 -25.10 12.03 4.53
CA THR D 98 -25.47 11.70 5.90
C THR D 98 -24.49 10.68 6.48
N THR D 99 -24.47 10.54 7.85
CA THR D 99 -23.65 9.55 8.56
C THR D 99 -24.23 8.15 8.28
N TYR D 100 -23.41 7.07 8.31
CA TYR D 100 -23.94 5.74 8.02
C TYR D 100 -24.70 5.11 9.16
N CYS D 101 -25.75 4.40 8.81
CA CYS D 101 -26.56 3.65 9.73
C CYS D 101 -26.04 2.22 9.74
N ILE D 102 -25.55 1.77 10.90
CA ILE D 102 -24.96 0.44 11.04
C ILE D 102 -25.88 -0.42 11.89
N LYS D 103 -26.41 -1.47 11.26
CA LYS D 103 -27.36 -2.41 11.87
C LYS D 103 -26.69 -3.73 12.17
N LYS D 104 -27.13 -4.36 13.25
CA LYS D 104 -26.62 -5.63 13.76
C LYS D 104 -27.62 -6.22 14.73
N LEU D 105 -27.52 -7.52 15.05
CA LEU D 105 -28.29 -8.14 16.14
C LEU D 105 -27.56 -7.88 17.48
N PRO D 106 -28.26 -7.74 18.63
CA PRO D 106 -27.53 -7.48 19.87
C PRO D 106 -26.76 -8.71 20.37
N ARG D 107 -25.83 -8.50 21.31
CA ARG D 107 -25.14 -9.60 21.93
C ARG D 107 -26.15 -10.30 22.86
N ASN D 108 -25.97 -11.60 23.09
CA ASN D 108 -26.85 -12.36 23.97
C ASN D 108 -26.03 -13.11 25.05
N PRO D 109 -25.99 -12.64 26.33
CA PRO D 109 -26.63 -11.43 26.91
C PRO D 109 -26.05 -10.13 26.35
N GLN D 110 -26.83 -9.04 26.49
CA GLN D 110 -26.51 -7.70 25.99
C GLN D 110 -25.19 -7.18 26.57
N ARG D 111 -24.47 -6.42 25.74
CA ARG D 111 -23.18 -5.81 26.00
C ARG D 111 -23.03 -4.51 25.22
N GLU D 112 -22.19 -3.60 25.73
CA GLU D 112 -21.79 -2.39 25.05
C GLU D 112 -20.80 -2.76 23.92
N GLU D 113 -21.09 -2.33 22.69
CA GLU D 113 -20.23 -2.56 21.54
C GLU D 113 -19.84 -1.20 20.98
N ILE D 114 -18.54 -0.91 20.94
CA ILE D 114 -18.03 0.38 20.49
C ILE D 114 -17.63 0.34 19.01
N ILE D 115 -18.15 1.30 18.24
CA ILE D 115 -17.85 1.53 16.83
C ILE D 115 -16.90 2.73 16.77
N GLY D 116 -15.81 2.58 15.99
CA GLY D 116 -14.84 3.63 15.73
C GLY D 116 -14.33 4.34 16.97
N ASN D 117 -14.55 5.69 17.02
CA ASN D 117 -14.11 6.55 18.12
C ASN D 117 -15.04 6.47 19.33
N GLY D 118 -16.27 6.02 19.11
CA GLY D 118 -17.29 5.85 20.15
C GLY D 118 -18.52 6.71 20.00
N GLU D 119 -18.54 7.61 18.99
CA GLU D 119 -19.66 8.52 18.73
C GLU D 119 -20.73 7.89 17.84
N GLN D 120 -20.38 6.82 17.12
CA GLN D 120 -21.29 6.07 16.28
C GLN D 120 -21.84 4.90 17.12
N GLN D 121 -23.11 4.53 16.91
CA GLN D 121 -23.77 3.43 17.63
C GLN D 121 -24.46 2.47 16.68
N TYR D 122 -24.64 1.20 17.10
CA TYR D 122 -25.38 0.22 16.33
C TYR D 122 -26.86 0.42 16.49
N VAL D 123 -27.62 0.18 15.41
CA VAL D 123 -29.08 0.13 15.44
C VAL D 123 -29.34 -1.37 15.57
N TYR D 124 -29.93 -1.80 16.69
CA TYR D 124 -30.13 -3.23 16.90
C TYR D 124 -31.43 -3.72 16.30
N LEU D 125 -31.34 -4.83 15.59
CA LEU D 125 -32.43 -5.52 14.94
C LEU D 125 -32.91 -6.65 15.83
N LYS D 126 -33.99 -7.33 15.39
CA LYS D 126 -34.54 -8.51 16.03
C LYS D 126 -34.82 -9.52 14.94
N ASP D 127 -34.91 -10.80 15.32
CA ASP D 127 -35.24 -11.90 14.41
C ASP D 127 -36.54 -11.59 13.68
N GLY D 128 -36.55 -11.78 12.37
CA GLY D 128 -37.71 -11.52 11.53
C GLY D 128 -37.81 -10.11 10.98
N ASP D 129 -36.88 -9.19 11.38
CA ASP D 129 -36.88 -7.81 10.88
C ASP D 129 -36.56 -7.81 9.39
N VAL D 130 -37.08 -6.82 8.67
CA VAL D 130 -36.90 -6.74 7.22
C VAL D 130 -36.11 -5.48 6.86
N ILE D 131 -35.03 -5.66 6.08
CA ILE D 131 -34.18 -4.57 5.57
C ILE D 131 -34.48 -4.45 4.06
N LYS D 132 -35.07 -3.33 3.63
CA LYS D 132 -35.46 -3.09 2.25
C LYS D 132 -34.57 -2.08 1.55
N THR D 133 -34.34 -2.30 0.25
CA THR D 133 -33.60 -1.43 -0.67
C THR D 133 -34.25 -1.57 -2.04
N GLU D 134 -33.86 -0.72 -3.02
CA GLU D 134 -34.39 -0.80 -4.37
C GLU D 134 -33.90 -2.13 -4.97
N GLY D 135 -34.85 -2.98 -5.32
CA GLY D 135 -34.61 -4.27 -5.93
C GLY D 135 -34.24 -5.41 -5.01
N ALA D 136 -34.24 -5.19 -3.67
CA ALA D 136 -33.86 -6.27 -2.73
C ALA D 136 -34.49 -6.11 -1.35
N THR D 137 -34.97 -7.23 -0.81
CA THR D 137 -35.61 -7.36 0.51
C THR D 137 -34.87 -8.43 1.31
N LEU D 138 -34.30 -8.04 2.46
CA LEU D 138 -33.54 -8.93 3.33
C LEU D 138 -34.27 -9.20 4.65
N ARG D 139 -34.64 -10.46 4.92
CA ARG D 139 -35.25 -10.84 6.19
C ARG D 139 -34.13 -11.27 7.14
N VAL D 140 -34.13 -10.72 8.38
CA VAL D 140 -33.13 -10.99 9.41
C VAL D 140 -33.43 -12.34 10.07
N LEU D 141 -32.44 -13.27 9.99
CA LEU D 141 -32.52 -14.61 10.59
C LEU D 141 -31.49 -14.74 11.71
N TYR D 142 -31.94 -14.85 12.97
CA TYR D 142 -31.08 -15.04 14.14
C TYR D 142 -30.60 -16.49 14.15
N THR D 143 -29.29 -16.68 13.90
CA THR D 143 -28.68 -17.99 13.80
C THR D 143 -27.49 -18.09 14.80
N PRO D 144 -27.79 -18.15 16.13
CA PRO D 144 -26.69 -18.24 17.11
C PRO D 144 -25.93 -19.58 17.05
N GLY D 145 -24.77 -19.65 17.67
CA GLY D 145 -23.91 -20.83 17.67
C GLY D 145 -22.48 -20.45 17.37
N HIS D 146 -22.27 -19.82 16.19
CA HIS D 146 -20.97 -19.32 15.78
C HIS D 146 -20.61 -18.24 16.75
N THR D 147 -21.60 -17.34 17.03
CA THR D 147 -21.52 -16.25 18.02
C THR D 147 -22.92 -16.04 18.57
N ASP D 148 -23.05 -15.44 19.75
CA ASP D 148 -24.35 -15.23 20.39
C ASP D 148 -25.22 -14.18 19.70
N ASP D 149 -24.66 -13.43 18.77
CA ASP D 149 -25.36 -12.35 18.04
C ASP D 149 -25.45 -12.64 16.55
N HIS D 150 -25.18 -13.89 16.14
CA HIS D 150 -25.06 -14.26 14.73
C HIS D 150 -26.35 -14.15 13.91
N MET D 151 -26.25 -13.35 12.86
CA MET D 151 -27.30 -13.01 11.95
C MET D 151 -27.02 -13.47 10.54
N ALA D 152 -27.94 -14.27 9.98
CA ALA D 152 -27.98 -14.68 8.57
C ALA D 152 -29.08 -13.84 7.93
N LEU D 153 -28.98 -13.60 6.63
CA LEU D 153 -29.99 -12.76 5.98
C LEU D 153 -30.59 -13.48 4.80
N LEU D 154 -31.90 -13.38 4.65
CA LEU D 154 -32.58 -14.00 3.52
C LEU D 154 -32.94 -12.96 2.49
N LEU D 155 -32.32 -13.05 1.29
CA LEU D 155 -32.64 -12.22 0.13
C LEU D 155 -33.81 -12.88 -0.53
N GLU D 156 -35.01 -12.35 -0.27
CA GLU D 156 -36.31 -12.90 -0.70
C GLU D 156 -36.44 -13.03 -2.20
N GLU D 157 -35.95 -12.05 -2.99
CA GLU D 157 -36.03 -12.00 -4.47
C GLU D 157 -35.23 -13.08 -5.17
N GLU D 158 -34.24 -13.67 -4.50
CA GLU D 158 -33.37 -14.71 -5.05
C GLU D 158 -33.52 -16.04 -4.31
N ASN D 159 -34.15 -16.02 -3.12
CA ASN D 159 -34.26 -17.14 -2.18
C ASN D 159 -32.81 -17.58 -1.85
N ALA D 160 -32.01 -16.57 -1.47
CA ALA D 160 -30.60 -16.67 -1.17
C ALA D 160 -30.34 -16.30 0.28
N ILE D 161 -29.36 -16.97 0.91
CA ILE D 161 -28.99 -16.66 2.28
C ILE D 161 -27.56 -16.11 2.32
N PHE D 162 -27.36 -15.04 3.08
CA PHE D 162 -26.07 -14.48 3.43
C PHE D 162 -25.78 -15.15 4.77
N SER D 163 -24.96 -16.21 4.77
CA SER D 163 -24.78 -17.04 5.94
C SER D 163 -23.77 -16.56 6.95
N GLY D 164 -23.01 -15.52 6.64
CA GLY D 164 -21.95 -15.04 7.53
C GLY D 164 -20.95 -16.14 7.78
N ASP D 165 -20.66 -16.42 9.06
CA ASP D 165 -19.70 -17.46 9.39
C ASP D 165 -20.36 -18.78 9.86
N CYS D 166 -21.70 -18.88 9.74
CA CYS D 166 -22.50 -20.05 10.06
C CYS D 166 -22.21 -21.19 9.04
N ILE D 167 -22.12 -20.83 7.75
CA ILE D 167 -21.82 -21.74 6.64
C ILE D 167 -20.75 -21.04 5.79
N LEU D 168 -19.65 -21.73 5.52
CA LEU D 168 -18.52 -21.22 4.73
C LEU D 168 -18.45 -21.91 3.37
N GLY D 169 -18.00 -21.16 2.37
CA GLY D 169 -17.88 -21.63 1.00
C GLY D 169 -16.95 -22.79 0.79
N GLU D 170 -15.92 -22.92 1.61
CA GLU D 170 -15.03 -24.06 1.58
C GLU D 170 -14.55 -24.36 2.99
N GLY D 171 -14.46 -25.65 3.29
CA GLY D 171 -14.08 -26.14 4.61
C GLY D 171 -15.19 -26.02 5.65
N THR D 172 -14.80 -26.14 6.92
CA THR D 172 -15.76 -26.06 8.02
C THR D 172 -15.53 -24.77 8.78
N THR D 173 -16.42 -24.51 9.73
CA THR D 173 -16.32 -23.30 10.52
C THR D 173 -16.17 -23.70 12.00
N VAL D 174 -15.94 -22.68 12.83
CA VAL D 174 -15.83 -22.80 14.24
C VAL D 174 -17.14 -22.19 14.85
N PHE D 175 -17.37 -22.47 16.14
CA PHE D 175 -18.54 -22.02 16.85
C PHE D 175 -18.20 -22.08 18.33
N GLU D 176 -18.99 -21.34 19.12
CA GLU D 176 -18.91 -21.25 20.58
C GLU D 176 -19.79 -22.32 21.20
N ASP D 177 -21.01 -22.53 20.63
CA ASP D 177 -22.01 -23.47 21.17
C ASP D 177 -22.55 -24.36 20.08
N LEU D 178 -22.16 -25.65 20.12
CA LEU D 178 -22.59 -26.68 19.14
C LEU D 178 -24.16 -26.90 19.19
N TYR D 179 -24.82 -26.77 20.37
CA TYR D 179 -26.27 -26.92 20.49
C TYR D 179 -27.02 -25.87 19.67
N ASP D 180 -26.64 -24.59 19.79
CA ASP D 180 -27.30 -23.51 19.06
C ASP D 180 -26.92 -23.54 17.59
N TYR D 181 -25.66 -23.90 17.31
CA TYR D 181 -25.15 -23.99 15.95
C TYR D 181 -25.94 -25.03 15.14
N MET D 182 -26.11 -26.27 15.68
CA MET D 182 -26.88 -27.35 15.05
C MET D 182 -28.34 -26.94 14.89
N ASN D 183 -28.85 -26.19 15.82
CA ASN D 183 -30.24 -25.75 15.75
C ASN D 183 -30.43 -24.71 14.65
N SER D 184 -29.43 -23.83 14.43
CA SER D 184 -29.43 -22.81 13.38
C SER D 184 -29.32 -23.48 11.99
N LEU D 185 -28.48 -24.52 11.87
CA LEU D 185 -28.34 -25.30 10.64
C LEU D 185 -29.68 -25.97 10.27
N LYS D 186 -30.40 -26.52 11.27
CA LYS D 186 -31.73 -27.14 11.11
C LYS D 186 -32.81 -26.11 10.69
N GLU D 187 -32.67 -24.87 11.17
CA GLU D 187 -33.56 -23.77 10.83
C GLU D 187 -33.32 -23.30 9.42
N LEU D 188 -32.04 -23.15 9.02
CA LEU D 188 -31.71 -22.73 7.66
C LEU D 188 -32.18 -23.78 6.61
N LEU D 189 -32.39 -25.04 7.02
CA LEU D 189 -32.87 -26.10 6.14
C LEU D 189 -34.34 -25.89 5.82
N LYS D 190 -35.08 -25.34 6.79
CA LYS D 190 -36.50 -25.09 6.65
C LYS D 190 -36.78 -23.93 5.65
N ILE D 191 -35.81 -23.01 5.43
CA ILE D 191 -35.91 -21.90 4.46
C ILE D 191 -35.95 -22.46 3.03
N LYS D 192 -35.20 -23.56 2.77
CA LYS D 192 -35.12 -24.26 1.48
C LYS D 192 -34.56 -23.29 0.43
N ALA D 193 -33.42 -22.62 0.78
CA ALA D 193 -32.76 -21.63 -0.06
C ALA D 193 -32.11 -22.26 -1.25
N ASP D 194 -31.98 -21.48 -2.33
CA ASP D 194 -31.41 -21.90 -3.61
C ASP D 194 -29.91 -21.74 -3.64
N ILE D 195 -29.41 -20.61 -3.10
CA ILE D 195 -27.99 -20.25 -3.04
C ILE D 195 -27.60 -19.72 -1.64
N ILE D 196 -26.33 -19.90 -1.27
CA ILE D 196 -25.76 -19.36 -0.05
C ILE D 196 -24.56 -18.47 -0.43
N TYR D 197 -24.60 -17.20 0.01
CA TYR D 197 -23.49 -16.24 -0.11
C TYR D 197 -22.76 -16.23 1.25
N PRO D 198 -21.65 -16.98 1.40
CA PRO D 198 -21.02 -17.08 2.74
C PRO D 198 -20.14 -15.88 3.10
N GLY D 199 -19.76 -15.80 4.38
CA GLY D 199 -18.87 -14.78 4.91
C GLY D 199 -17.44 -14.96 4.42
N HIS D 200 -17.07 -16.20 4.07
CA HIS D 200 -15.76 -16.57 3.52
C HIS D 200 -15.91 -17.70 2.52
N GLY D 201 -15.07 -17.71 1.51
CA GLY D 201 -15.08 -18.75 0.48
C GLY D 201 -16.01 -18.48 -0.69
N PRO D 202 -16.04 -19.39 -1.68
CA PRO D 202 -16.92 -19.16 -2.85
C PRO D 202 -18.40 -19.36 -2.54
N VAL D 203 -19.25 -18.97 -3.49
CA VAL D 203 -20.70 -19.06 -3.48
C VAL D 203 -21.11 -20.54 -3.41
N ILE D 204 -22.19 -20.86 -2.70
CA ILE D 204 -22.66 -22.26 -2.52
C ILE D 204 -23.91 -22.39 -3.30
N HIS D 205 -23.92 -23.21 -4.34
CA HIS D 205 -25.13 -23.39 -5.17
C HIS D 205 -26.00 -24.54 -4.68
N ASN D 206 -25.37 -25.53 -4.01
CA ASN D 206 -26.04 -26.71 -3.46
C ASN D 206 -26.06 -26.58 -1.97
N ALA D 207 -26.85 -25.60 -1.53
CA ALA D 207 -27.10 -25.20 -0.15
C ALA D 207 -27.61 -26.37 0.74
N GLU D 208 -28.62 -27.15 0.28
CA GLU D 208 -29.17 -28.23 1.10
C GLU D 208 -28.11 -29.31 1.43
N ALA D 209 -27.43 -29.86 0.44
CA ALA D 209 -26.38 -30.87 0.65
C ALA D 209 -25.26 -30.34 1.53
N LYS D 210 -24.83 -29.04 1.37
CA LYS D 210 -23.80 -28.38 2.18
C LYS D 210 -24.20 -28.39 3.66
N ILE D 211 -25.45 -27.97 3.98
CA ILE D 211 -25.96 -27.89 5.34
C ILE D 211 -26.01 -29.31 5.90
N GLN D 212 -26.54 -30.26 5.12
CA GLN D 212 -26.65 -31.67 5.54
C GLN D 212 -25.28 -32.29 5.77
N GLN D 213 -24.25 -31.86 5.01
CA GLN D 213 -22.85 -32.27 5.18
C GLN D 213 -22.31 -31.79 6.52
N TYR D 214 -22.61 -30.51 6.88
CA TYR D 214 -22.27 -29.84 8.13
C TYR D 214 -22.92 -30.56 9.34
N ILE D 215 -24.21 -30.96 9.23
CA ILE D 215 -24.98 -31.64 10.28
C ILE D 215 -24.44 -33.06 10.50
N SER D 216 -24.25 -33.82 9.43
CA SER D 216 -23.76 -35.20 9.45
C SER D 216 -22.36 -35.30 10.08
N HIS D 217 -21.47 -34.34 9.78
CA HIS D 217 -20.10 -34.25 10.29
C HIS D 217 -20.06 -34.21 11.83
N ARG D 218 -20.97 -33.42 12.43
CA ARG D 218 -21.06 -33.24 13.87
C ARG D 218 -21.80 -34.40 14.52
N ASN D 219 -22.83 -34.91 13.82
CA ASN D 219 -23.67 -36.01 14.32
C ASN D 219 -22.92 -37.32 14.39
N ILE D 220 -22.00 -37.62 13.43
CA ILE D 220 -21.19 -38.86 13.43
C ILE D 220 -20.29 -38.87 14.71
N ARG D 221 -19.61 -37.76 15.01
CA ARG D 221 -18.78 -37.63 16.21
C ARG D 221 -19.62 -37.70 17.50
N GLU D 222 -20.83 -37.08 17.53
CA GLU D 222 -21.74 -37.14 18.68
C GLU D 222 -22.18 -38.58 18.92
N GLN D 223 -22.45 -39.33 17.85
CA GLN D 223 -22.86 -40.72 17.95
C GLN D 223 -21.73 -41.58 18.52
N GLN D 224 -20.48 -41.28 18.15
CA GLN D 224 -19.29 -41.99 18.64
C GLN D 224 -19.13 -41.80 20.15
N ILE D 225 -19.28 -40.55 20.63
CA ILE D 225 -19.16 -40.14 22.03
C ILE D 225 -20.27 -40.77 22.86
N LEU D 226 -21.54 -40.68 22.41
CA LEU D 226 -22.73 -41.25 23.08
C LEU D 226 -22.66 -42.78 23.20
N THR D 227 -22.15 -43.47 22.15
CA THR D 227 -21.94 -44.92 22.15
C THR D 227 -20.95 -45.31 23.27
N LEU D 228 -19.85 -44.56 23.43
CA LEU D 228 -18.85 -44.83 24.47
C LEU D 228 -19.47 -44.73 25.88
N PHE D 229 -20.32 -43.70 26.11
CA PHE D 229 -21.02 -43.48 27.37
C PHE D 229 -22.06 -44.55 27.64
N ARG D 230 -22.89 -44.89 26.63
CA ARG D 230 -23.96 -45.89 26.81
C ARG D 230 -23.42 -47.33 26.93
N GLU D 231 -22.26 -47.64 26.33
CA GLU D 231 -21.61 -48.95 26.45
C GLU D 231 -20.94 -49.09 27.83
N ASN D 232 -20.40 -47.99 28.38
CA ASN D 232 -19.76 -47.94 29.69
C ASN D 232 -20.54 -47.01 30.65
N PHE D 233 -21.86 -47.22 30.77
CA PHE D 233 -22.76 -46.43 31.64
C PHE D 233 -22.22 -46.22 33.08
N GLU D 234 -21.75 -47.31 33.69
CA GLU D 234 -21.29 -47.31 35.09
C GLU D 234 -20.02 -46.47 35.29
N LYS D 235 -19.32 -46.16 34.18
CA LYS D 235 -18.07 -45.42 34.20
C LYS D 235 -18.25 -43.91 34.06
N SER D 236 -17.34 -43.15 34.69
CA SER D 236 -17.20 -41.70 34.65
C SER D 236 -15.90 -41.41 33.95
N PHE D 237 -15.89 -40.46 33.02
CA PHE D 237 -14.71 -40.19 32.24
C PHE D 237 -14.23 -38.77 32.38
N THR D 238 -12.92 -38.60 32.39
CA THR D 238 -12.31 -37.28 32.39
C THR D 238 -12.15 -36.88 30.91
N VAL D 239 -11.85 -35.61 30.64
CA VAL D 239 -11.61 -35.14 29.27
C VAL D 239 -10.40 -35.89 28.66
N MET D 240 -9.28 -36.03 29.41
CA MET D 240 -8.07 -36.74 28.95
C MET D 240 -8.37 -38.21 28.64
N GLU D 241 -9.22 -38.88 29.46
CA GLU D 241 -9.62 -40.26 29.22
C GLU D 241 -10.37 -40.36 27.88
N LEU D 242 -11.37 -39.48 27.69
CA LEU D 242 -12.22 -39.41 26.50
C LEU D 242 -11.44 -39.05 25.24
N VAL D 243 -10.49 -38.11 25.32
CA VAL D 243 -9.66 -37.66 24.17
C VAL D 243 -8.82 -38.84 23.65
N LYS D 244 -8.19 -39.62 24.54
CA LYS D 244 -7.37 -40.80 24.20
C LYS D 244 -8.20 -41.87 23.49
N ILE D 245 -9.48 -42.06 23.88
CA ILE D 245 -10.36 -43.07 23.30
C ILE D 245 -11.01 -42.58 21.97
N ILE D 246 -11.74 -41.45 21.99
CA ILE D 246 -12.51 -40.90 20.87
C ILE D 246 -11.60 -40.42 19.70
N TYR D 247 -10.53 -39.68 20.01
CA TYR D 247 -9.66 -39.10 18.97
C TYR D 247 -8.36 -39.90 18.85
N LYS D 248 -8.49 -41.23 18.70
CA LYS D 248 -7.38 -42.16 18.54
C LYS D 248 -6.65 -41.94 17.20
N ASN D 249 -7.41 -41.56 16.13
CA ASN D 249 -6.90 -41.32 14.78
C ASN D 249 -6.45 -39.84 14.55
N THR D 250 -6.12 -39.12 15.65
CA THR D 250 -5.67 -37.73 15.66
C THR D 250 -4.22 -37.65 16.17
N PRO D 251 -3.30 -36.95 15.45
CA PRO D 251 -1.91 -36.82 15.94
C PRO D 251 -1.78 -35.97 17.20
N GLU D 252 -0.69 -36.15 17.97
CA GLU D 252 -0.38 -35.44 19.22
C GLU D 252 -0.26 -33.92 19.04
N ASN D 253 0.12 -33.46 17.82
CA ASN D 253 0.24 -32.03 17.52
C ASN D 253 -1.17 -31.34 17.44
N LEU D 254 -2.24 -32.15 17.33
CA LEU D 254 -3.60 -31.64 17.27
C LEU D 254 -4.40 -31.98 18.57
N HIS D 255 -3.70 -32.36 19.67
CA HIS D 255 -4.29 -32.70 20.96
C HIS D 255 -5.24 -31.63 21.52
N GLU D 256 -4.80 -30.36 21.51
CA GLU D 256 -5.59 -29.26 22.04
C GLU D 256 -6.82 -28.97 21.18
N MET D 257 -6.76 -29.25 19.87
CA MET D 257 -7.87 -29.05 18.94
C MET D 257 -8.95 -30.13 19.20
N ALA D 258 -8.49 -31.38 19.45
CA ALA D 258 -9.31 -32.54 19.77
C ALA D 258 -10.03 -32.34 21.09
N LYS D 259 -9.28 -31.92 22.14
CA LYS D 259 -9.77 -31.64 23.48
C LYS D 259 -10.85 -30.55 23.42
N HIS D 260 -10.63 -29.53 22.60
CA HIS D 260 -11.56 -28.42 22.41
C HIS D 260 -12.86 -28.91 21.72
N ASN D 261 -12.70 -29.72 20.66
CA ASN D 261 -13.78 -30.30 19.91
C ASN D 261 -14.65 -31.16 20.81
N LEU D 262 -14.02 -32.04 21.59
CA LEU D 262 -14.69 -32.94 22.52
C LEU D 262 -15.54 -32.19 23.51
N LEU D 263 -15.00 -31.14 24.14
CA LEU D 263 -15.70 -30.29 25.10
C LEU D 263 -16.92 -29.62 24.49
N LEU D 264 -16.87 -29.19 23.22
CA LEU D 264 -18.01 -28.59 22.49
C LEU D 264 -19.11 -29.63 22.34
N HIS D 265 -18.73 -30.88 22.02
CA HIS D 265 -19.64 -32.02 21.90
C HIS D 265 -20.25 -32.43 23.25
N LEU D 266 -19.45 -32.40 24.33
CA LEU D 266 -19.92 -32.73 25.69
C LEU D 266 -20.91 -31.70 26.22
N LYS D 267 -20.67 -30.40 25.92
CA LYS D 267 -21.56 -29.31 26.35
C LYS D 267 -22.94 -29.44 25.66
N LYS D 268 -22.97 -29.93 24.40
CA LYS D 268 -24.21 -30.15 23.64
C LYS D 268 -25.03 -31.27 24.34
N LEU D 269 -24.40 -32.44 24.57
CA LEU D 269 -25.02 -33.60 25.24
C LEU D 269 -25.45 -33.31 26.69
N GLU D 270 -24.71 -32.40 27.40
CA GLU D 270 -25.00 -31.95 28.76
C GLU D 270 -26.24 -31.08 28.78
N LYS D 271 -26.37 -30.17 27.80
CA LYS D 271 -27.50 -29.28 27.64
C LYS D 271 -28.77 -30.06 27.33
N GLU D 272 -28.64 -31.16 26.59
CA GLU D 272 -29.76 -32.04 26.23
C GLU D 272 -30.09 -33.03 27.34
N GLY D 273 -29.31 -33.04 28.42
CA GLY D 273 -29.53 -33.95 29.54
C GLY D 273 -29.22 -35.40 29.27
N LYS D 274 -28.37 -35.69 28.28
CA LYS D 274 -27.98 -37.05 27.93
C LYS D 274 -26.83 -37.52 28.81
N ILE D 275 -25.93 -36.58 29.16
CA ILE D 275 -24.81 -36.81 30.07
C ILE D 275 -24.82 -35.72 31.14
N PHE D 276 -24.35 -36.02 32.34
CA PHE D 276 -24.23 -35.02 33.36
C PHE D 276 -22.79 -34.98 33.80
N SER D 277 -22.29 -33.81 34.24
CA SER D 277 -20.93 -33.69 34.78
C SER D 277 -20.94 -33.47 36.31
N ASN D 278 -19.76 -33.53 36.95
CA ASN D 278 -19.59 -33.34 38.38
C ASN D 278 -18.73 -32.10 38.67
N THR D 279 -18.42 -31.84 39.94
CA THR D 279 -17.67 -30.64 40.35
C THR D 279 -16.24 -31.01 40.76
N ASP D 280 -15.76 -32.19 40.35
CA ASP D 280 -14.38 -32.65 40.61
C ASP D 280 -13.33 -31.68 40.00
N PRO D 281 -12.12 -31.51 40.61
CA PRO D 281 -11.12 -30.59 40.03
C PRO D 281 -10.78 -30.99 38.60
N ASP D 282 -10.70 -32.34 38.36
CA ASP D 282 -10.59 -32.95 37.02
C ASP D 282 -12.00 -33.48 36.71
N LYS D 283 -12.83 -32.59 36.11
CA LYS D 283 -14.25 -32.75 35.78
C LYS D 283 -14.56 -34.10 35.12
N LYS D 284 -15.63 -34.76 35.59
CA LYS D 284 -16.02 -36.06 35.04
C LYS D 284 -17.43 -36.06 34.48
N TRP D 285 -17.62 -36.72 33.35
CA TRP D 285 -18.94 -36.89 32.75
C TRP D 285 -19.33 -38.33 32.83
N LYS D 286 -20.61 -38.59 33.03
CA LYS D 286 -21.17 -39.92 33.16
C LYS D 286 -22.54 -39.94 32.51
N ALA D 287 -22.94 -41.14 32.02
CA ALA D 287 -24.26 -41.40 31.44
C ALA D 287 -25.27 -41.44 32.64
N HIS D 288 -26.54 -41.07 32.41
CA HIS D 288 -27.55 -40.96 33.47
C HIS D 288 -28.87 -41.75 33.18
N LEU D 289 -29.62 -42.13 34.27
CA LEU D 289 -30.94 -42.80 34.34
C LEU D 289 -30.87 -44.29 34.78
N ALA E 3 -17.02 26.06 4.71
CA ALA E 3 -16.30 25.67 5.94
C ALA E 3 -14.85 26.18 5.93
N ALA E 4 -14.36 26.60 7.12
CA ALA E 4 -13.02 27.16 7.35
C ALA E 4 -11.93 26.12 7.13
N VAL E 5 -10.83 26.49 6.43
CA VAL E 5 -9.68 25.58 6.23
C VAL E 5 -8.65 25.89 7.32
N LEU E 6 -8.58 25.03 8.36
CA LEU E 6 -7.68 25.23 9.49
C LEU E 6 -6.26 24.70 9.15
N GLN E 7 -5.21 25.48 9.48
CA GLN E 7 -3.81 25.08 9.28
C GLN E 7 -3.41 24.17 10.43
N ARG E 8 -2.51 23.20 10.19
CA ARG E 8 -2.10 22.14 11.14
C ARG E 8 -1.48 22.65 12.47
N VAL E 9 -0.52 23.59 12.41
CA VAL E 9 0.12 24.16 13.61
C VAL E 9 -0.19 25.67 13.60
N GLU E 10 -0.76 26.20 14.70
CA GLU E 10 -1.16 27.61 14.79
C GLU E 10 -1.20 28.12 16.23
N ARG E 11 -0.58 29.30 16.45
CA ARG E 11 -0.57 30.03 17.71
C ARG E 11 -1.88 30.84 17.74
N LEU E 12 -2.77 30.48 18.65
CA LEU E 12 -4.08 31.13 18.78
C LEU E 12 -4.06 32.31 19.77
N SER E 13 -3.12 32.27 20.74
CA SER E 13 -2.91 33.32 21.74
C SER E 13 -1.51 33.18 22.32
N ASN E 14 -1.15 34.06 23.27
CA ASN E 14 0.14 34.05 23.96
C ASN E 14 0.33 32.77 24.78
N ARG E 15 -0.77 32.06 25.09
CA ARG E 15 -0.78 30.87 25.91
C ARG E 15 -1.27 29.61 25.20
N VAL E 16 -1.95 29.73 24.04
CA VAL E 16 -2.54 28.56 23.37
C VAL E 16 -2.01 28.38 21.94
N VAL E 17 -1.57 27.14 21.63
CA VAL E 17 -1.11 26.68 20.32
C VAL E 17 -1.99 25.50 19.94
N ARG E 18 -2.60 25.52 18.77
CA ARG E 18 -3.42 24.40 18.33
C ARG E 18 -2.66 23.58 17.29
N VAL E 19 -2.70 22.26 17.47
CA VAL E 19 -2.13 21.26 16.57
C VAL E 19 -3.30 20.38 16.13
N LEU E 20 -3.59 20.34 14.84
CA LEU E 20 -4.69 19.53 14.32
C LEU E 20 -4.32 18.07 14.34
N GLY E 21 -5.30 17.23 14.68
CA GLY E 21 -5.13 15.79 14.80
C GLY E 21 -4.83 15.06 13.50
N CYS E 22 -5.01 15.74 12.34
CA CYS E 22 -4.79 15.23 10.96
C CYS E 22 -5.70 14.02 10.72
N ASN E 23 -6.86 14.04 11.38
CA ASN E 23 -7.87 12.99 11.37
C ASN E 23 -9.23 13.57 10.93
N PRO E 24 -9.37 14.10 9.70
CA PRO E 24 -10.70 14.59 9.28
C PRO E 24 -11.70 13.45 9.14
N GLY E 25 -12.98 13.77 9.30
CA GLY E 25 -14.03 12.77 9.20
C GLY E 25 -15.39 13.35 9.47
N PRO E 26 -16.46 12.55 9.33
CA PRO E 26 -17.83 13.06 9.59
C PRO E 26 -18.04 13.57 11.02
N MET E 27 -17.41 12.93 12.01
CA MET E 27 -17.54 13.30 13.43
C MET E 27 -16.44 14.25 13.93
N THR E 28 -15.23 14.22 13.34
CA THR E 28 -14.11 15.06 13.79
C THR E 28 -13.96 16.36 12.97
N LEU E 29 -14.73 16.50 11.88
CA LEU E 29 -14.68 17.64 10.94
C LEU E 29 -13.27 17.70 10.30
N GLN E 30 -12.48 18.76 10.55
CA GLN E 30 -11.13 18.86 9.97
C GLN E 30 -10.13 18.01 10.75
N GLY E 31 -10.54 17.62 11.95
CA GLY E 31 -9.74 16.80 12.83
C GLY E 31 -9.86 17.24 14.27
N THR E 32 -9.17 16.53 15.17
CA THR E 32 -9.18 16.88 16.59
C THR E 32 -8.27 18.08 16.81
N ASN E 33 -8.79 19.06 17.53
CA ASN E 33 -8.02 20.22 17.93
C ASN E 33 -7.30 19.86 19.21
N THR E 34 -5.97 19.75 19.16
CA THR E 34 -5.19 19.48 20.37
C THR E 34 -4.49 20.79 20.69
N TYR E 35 -4.41 21.13 21.97
CA TYR E 35 -3.84 22.40 22.33
C TYR E 35 -2.67 22.28 23.27
N LEU E 36 -1.65 23.13 23.02
CA LEU E 36 -0.49 23.30 23.88
C LEU E 36 -0.72 24.58 24.68
N VAL E 37 -0.97 24.43 26.00
CA VAL E 37 -1.29 25.55 26.89
C VAL E 37 -0.10 25.83 27.83
N GLY E 38 0.26 27.11 27.93
CA GLY E 38 1.38 27.59 28.72
C GLY E 38 2.26 28.55 27.94
N THR E 39 3.20 29.21 28.63
CA THR E 39 4.11 30.17 28.03
C THR E 39 5.59 29.78 28.22
N GLY E 40 5.83 28.67 28.91
CA GLY E 40 7.18 28.20 29.23
C GLY E 40 7.76 27.05 28.43
N PRO E 41 8.95 26.56 28.84
CA PRO E 41 9.59 25.45 28.11
C PRO E 41 8.91 24.08 28.30
N ARG E 42 7.91 24.00 29.20
CA ARG E 42 7.10 22.80 29.47
C ARG E 42 5.62 23.23 29.47
N ARG E 43 4.81 22.64 28.56
CA ARG E 43 3.40 23.02 28.40
C ARG E 43 2.44 21.85 28.56
N ILE E 44 1.18 22.16 28.88
CA ILE E 44 0.15 21.13 29.01
C ILE E 44 -0.44 20.83 27.60
N LEU E 45 -0.62 19.53 27.28
CA LEU E 45 -1.23 19.13 26.02
C LEU E 45 -2.66 18.65 26.29
N ILE E 46 -3.63 19.34 25.71
CA ILE E 46 -5.05 19.01 25.83
C ILE E 46 -5.46 18.20 24.58
N ASP E 47 -5.80 16.90 24.80
CA ASP E 47 -6.22 15.90 23.82
C ASP E 47 -5.02 15.44 22.96
N THR E 48 -5.14 14.23 22.38
CA THR E 48 -4.03 13.55 21.69
C THR E 48 -4.34 13.06 20.29
N GLY E 49 -5.54 13.32 19.80
CA GLY E 49 -5.98 12.84 18.49
C GLY E 49 -6.30 11.36 18.50
N GLU E 50 -6.30 10.78 17.30
CA GLU E 50 -6.64 9.38 17.09
C GLU E 50 -5.43 8.45 17.21
N PRO E 51 -5.65 7.12 17.38
CA PRO E 51 -4.51 6.20 17.40
C PRO E 51 -3.93 6.04 16.00
N ALA E 52 -2.60 5.84 15.93
CA ALA E 52 -1.83 5.52 14.71
C ALA E 52 -1.95 6.56 13.56
N ILE E 53 -1.90 7.85 13.87
CA ILE E 53 -1.87 8.91 12.86
C ILE E 53 -0.42 9.49 12.92
N PRO E 54 0.53 8.96 12.08
CA PRO E 54 1.94 9.44 12.15
C PRO E 54 2.12 10.91 11.80
N GLU E 55 1.19 11.47 10.98
CA GLU E 55 1.20 12.85 10.54
C GLU E 55 1.03 13.80 11.74
N TYR E 56 0.21 13.43 12.75
CA TYR E 56 -0.01 14.24 13.94
C TYR E 56 1.25 14.36 14.79
N ILE E 57 1.99 13.25 14.98
CA ILE E 57 3.22 13.20 15.75
C ILE E 57 4.25 14.15 15.14
N SER E 58 4.32 14.22 13.77
CA SER E 58 5.19 15.14 13.02
C SER E 58 4.80 16.60 13.29
N CYS E 59 3.48 16.91 13.26
CA CYS E 59 2.92 18.24 13.52
C CYS E 59 3.20 18.64 14.97
N LEU E 60 3.03 17.69 15.92
CA LEU E 60 3.28 17.95 17.34
C LEU E 60 4.77 18.21 17.59
N LYS E 61 5.65 17.46 16.92
CA LYS E 61 7.10 17.65 17.01
C LYS E 61 7.52 19.01 16.42
N GLN E 62 6.84 19.45 15.33
CA GLN E 62 7.06 20.73 14.66
C GLN E 62 6.70 21.87 15.61
N ALA E 63 5.52 21.80 16.27
CA ALA E 63 5.04 22.79 17.24
C ALA E 63 5.98 22.92 18.43
N LEU E 64 6.39 21.79 19.03
CA LEU E 64 7.31 21.79 20.16
C LEU E 64 8.65 22.39 19.80
N THR E 65 9.16 22.13 18.58
CA THR E 65 10.43 22.68 18.09
C THR E 65 10.26 24.19 17.79
N GLU E 66 9.23 24.54 16.98
CA GLU E 66 8.86 25.90 16.56
C GLU E 66 8.64 26.84 17.77
N PHE E 67 7.90 26.37 18.77
CA PHE E 67 7.58 27.15 19.96
C PHE E 67 8.50 26.81 21.16
N ASN E 68 9.68 26.18 20.88
CA ASN E 68 10.76 25.81 21.81
C ASN E 68 10.23 25.35 23.17
N THR E 69 9.44 24.27 23.14
CA THR E 69 8.77 23.75 24.33
C THR E 69 8.76 22.21 24.31
N ALA E 70 8.17 21.63 25.36
CA ALA E 70 8.01 20.21 25.61
C ALA E 70 6.69 19.96 26.32
N ILE E 71 6.26 18.68 26.43
CA ILE E 71 5.01 18.34 27.11
C ILE E 71 5.30 18.18 28.61
N GLN E 72 4.52 18.89 29.44
CA GLN E 72 4.56 18.84 30.91
C GLN E 72 3.73 17.66 31.40
N GLU E 73 2.50 17.58 30.88
CA GLU E 73 1.49 16.57 31.17
C GLU E 73 0.46 16.60 30.08
N ILE E 74 -0.31 15.51 29.98
CA ILE E 74 -1.38 15.36 29.00
C ILE E 74 -2.72 15.33 29.75
N VAL E 75 -3.70 16.10 29.25
CA VAL E 75 -5.05 16.21 29.80
C VAL E 75 -6.02 15.77 28.69
N VAL E 76 -6.87 14.78 28.98
CA VAL E 76 -7.83 14.20 28.02
C VAL E 76 -9.27 14.61 28.41
N THR E 77 -10.02 15.26 27.49
CA THR E 77 -11.37 15.76 27.77
C THR E 77 -12.37 14.60 28.02
N HIS E 78 -12.30 13.52 27.24
CA HIS E 78 -13.21 12.38 27.38
C HIS E 78 -12.58 11.14 26.71
N TRP E 79 -13.15 9.96 26.99
CA TRP E 79 -12.63 8.68 26.55
C TRP E 79 -12.64 8.43 25.03
N HIS E 80 -13.45 9.16 24.23
CA HIS E 80 -13.56 8.93 22.80
C HIS E 80 -12.19 8.92 22.17
N ARG E 81 -11.91 7.89 21.35
CA ARG E 81 -10.60 7.57 20.76
C ARG E 81 -10.00 8.68 19.89
N ASP E 82 -10.76 9.71 19.49
CA ASP E 82 -10.24 10.84 18.71
C ASP E 82 -9.65 11.88 19.64
N HIS E 83 -9.71 11.62 20.95
CA HIS E 83 -9.22 12.52 22.00
C HIS E 83 -8.24 11.83 22.92
N SER E 84 -8.39 10.51 23.15
CA SER E 84 -7.47 9.77 24.00
C SER E 84 -6.66 8.71 23.23
N GLY E 85 -6.82 8.67 21.91
CA GLY E 85 -6.20 7.66 21.07
C GLY E 85 -4.70 7.69 20.89
N GLY E 86 -4.16 8.91 20.80
CA GLY E 86 -2.76 9.18 20.54
C GLY E 86 -1.84 9.17 21.73
N ILE E 87 -2.37 8.85 22.95
CA ILE E 87 -1.58 8.80 24.18
C ILE E 87 -0.37 7.88 23.98
N GLY E 88 -0.58 6.61 23.65
CA GLY E 88 0.51 5.66 23.43
C GLY E 88 1.54 6.11 22.39
N ASP E 89 1.07 6.75 21.30
CA ASP E 89 1.91 7.22 20.19
C ASP E 89 2.84 8.36 20.63
N ILE E 90 2.32 9.29 21.48
CA ILE E 90 3.06 10.42 22.04
C ILE E 90 4.15 9.90 22.99
N CYS E 91 3.82 8.95 23.86
CA CYS E 91 4.76 8.40 24.82
C CYS E 91 5.92 7.74 24.13
N LYS E 92 5.66 6.98 23.06
CA LYS E 92 6.66 6.25 22.28
C LYS E 92 7.53 7.18 21.41
N SER E 93 6.91 8.19 20.75
CA SER E 93 7.55 9.03 19.75
C SER E 93 8.08 10.38 20.24
N ILE E 94 7.41 11.03 21.22
CA ILE E 94 7.88 12.32 21.71
C ILE E 94 8.72 12.05 22.97
N ASN E 95 10.03 11.79 22.73
CA ASN E 95 11.07 11.46 23.72
C ASN E 95 11.05 12.42 24.88
N ASN E 96 11.20 11.87 26.11
CA ASN E 96 11.22 12.67 27.35
C ASN E 96 12.09 11.99 28.41
N ASP E 97 12.62 12.80 29.36
CA ASP E 97 13.46 12.33 30.45
C ASP E 97 12.63 11.44 31.40
N THR E 98 11.41 11.91 31.75
CA THR E 98 10.44 11.20 32.61
C THR E 98 9.24 10.73 31.77
N THR E 99 8.49 9.72 32.27
CA THR E 99 7.28 9.21 31.59
C THR E 99 6.17 10.28 31.69
N TYR E 100 5.21 10.31 30.72
CA TYR E 100 4.16 11.34 30.77
C TYR E 100 3.08 11.03 31.76
N CYS E 101 2.60 12.11 32.43
CA CYS E 101 1.50 12.06 33.35
C CYS E 101 0.23 12.38 32.56
N ILE E 102 -0.70 11.41 32.51
CA ILE E 102 -1.93 11.58 31.73
C ILE E 102 -3.10 11.70 32.69
N LYS E 103 -3.75 12.87 32.67
CA LYS E 103 -4.85 13.21 33.55
C LYS E 103 -6.16 13.22 32.79
N LYS E 104 -7.21 12.82 33.49
CA LYS E 104 -8.56 12.67 32.95
C LYS E 104 -9.57 12.61 34.09
N LEU E 105 -10.87 12.85 33.82
CA LEU E 105 -11.93 12.62 34.80
C LEU E 105 -12.32 11.13 34.78
N PRO E 106 -12.72 10.50 35.90
CA PRO E 106 -13.08 9.08 35.82
C PRO E 106 -14.40 8.84 35.09
N ARG E 107 -14.62 7.59 34.65
CA ARG E 107 -15.89 7.23 34.04
C ARG E 107 -16.96 7.21 35.13
N ASN E 108 -18.23 7.47 34.77
CA ASN E 108 -19.33 7.44 35.73
C ASN E 108 -20.46 6.52 35.25
N PRO E 109 -20.62 5.29 35.81
CA PRO E 109 -19.84 4.69 36.91
C PRO E 109 -18.42 4.33 36.47
N GLN E 110 -17.53 4.12 37.45
CA GLN E 110 -16.11 3.83 37.25
C GLN E 110 -15.90 2.57 36.44
N ARG E 111 -14.87 2.61 35.60
CA ARG E 111 -14.45 1.54 34.67
C ARG E 111 -12.96 1.51 34.54
N GLU E 112 -12.40 0.33 34.19
CA GLU E 112 -10.99 0.16 33.90
C GLU E 112 -10.71 0.80 32.55
N GLU E 113 -9.78 1.74 32.46
CA GLU E 113 -9.46 2.41 31.19
C GLU E 113 -8.01 2.12 30.83
N ILE E 114 -7.79 1.45 29.70
CA ILE E 114 -6.45 1.02 29.30
C ILE E 114 -5.79 2.03 28.36
N ILE E 115 -4.57 2.45 28.72
CA ILE E 115 -3.68 3.32 27.95
C ILE E 115 -2.59 2.43 27.35
N GLY E 116 -2.33 2.58 26.06
CA GLY E 116 -1.26 1.88 25.34
C GLY E 116 -1.23 0.38 25.56
N ASN E 117 -0.09 -0.13 26.07
CA ASN E 117 0.14 -1.55 26.32
C ASN E 117 -0.52 -2.03 27.62
N GLY E 118 -0.82 -1.09 28.50
CA GLY E 118 -1.49 -1.32 29.77
C GLY E 118 -0.68 -0.99 31.00
N GLU E 119 0.60 -0.60 30.83
CA GLU E 119 1.52 -0.28 31.92
C GLU E 119 1.41 1.18 32.34
N GLN E 120 0.82 2.03 31.48
CA GLN E 120 0.56 3.43 31.79
C GLN E 120 -0.87 3.52 32.37
N GLN E 121 -1.08 4.39 33.35
CA GLN E 121 -2.41 4.59 33.97
C GLN E 121 -2.81 6.07 34.00
N TYR E 122 -4.11 6.34 34.05
CA TYR E 122 -4.60 7.72 34.18
C TYR E 122 -4.48 8.18 35.62
N VAL E 123 -4.20 9.47 35.80
CA VAL E 123 -4.28 10.14 37.09
C VAL E 123 -5.66 10.79 37.04
N TYR E 124 -6.57 10.38 37.89
CA TYR E 124 -7.93 10.90 37.81
C TYR E 124 -8.10 12.15 38.63
N LEU E 125 -8.76 13.12 38.00
CA LEU E 125 -9.07 14.42 38.56
C LEU E 125 -10.50 14.41 39.08
N LYS E 126 -10.91 15.51 39.68
CA LYS E 126 -12.27 15.74 40.20
C LYS E 126 -12.67 17.12 39.80
N ASP E 127 -13.98 17.38 39.75
CA ASP E 127 -14.52 18.71 39.43
C ASP E 127 -13.92 19.76 40.37
N GLY E 128 -13.45 20.85 39.79
CA GLY E 128 -12.83 21.92 40.57
C GLY E 128 -11.34 21.84 40.75
N ASP E 129 -10.71 20.75 40.29
CA ASP E 129 -9.25 20.57 40.39
C ASP E 129 -8.55 21.59 39.51
N VAL E 130 -7.34 21.99 39.89
CA VAL E 130 -6.59 23.00 39.15
C VAL E 130 -5.30 22.39 38.59
N ILE E 131 -5.05 22.60 37.29
CA ILE E 131 -3.85 22.17 36.57
C ILE E 131 -3.03 23.44 36.28
N LYS E 132 -1.84 23.55 36.86
CA LYS E 132 -0.99 24.73 36.71
C LYS E 132 0.26 24.44 35.86
N THR E 133 0.66 25.44 35.08
CA THR E 133 1.86 25.44 34.24
C THR E 133 2.39 26.89 34.23
N GLU E 134 3.59 27.12 33.67
CA GLU E 134 4.14 28.46 33.57
C GLU E 134 3.26 29.25 32.61
N GLY E 135 2.64 30.31 33.11
CA GLY E 135 1.78 31.18 32.34
C GLY E 135 0.34 30.73 32.11
N ALA E 136 -0.09 29.61 32.72
CA ALA E 136 -1.47 29.15 32.54
C ALA E 136 -1.99 28.33 33.72
N THR E 137 -3.25 28.61 34.13
CA THR E 137 -3.98 27.96 35.24
C THR E 137 -5.29 27.43 34.66
N LEU E 138 -5.47 26.10 34.74
CA LEU E 138 -6.63 25.42 34.17
C LEU E 138 -7.52 24.80 35.26
N ARG E 139 -8.76 25.29 35.40
CA ARG E 139 -9.71 24.74 36.36
C ARG E 139 -10.52 23.65 35.65
N VAL E 140 -10.62 22.46 36.28
CA VAL E 140 -11.33 21.28 35.76
C VAL E 140 -12.85 21.47 35.97
N LEU E 141 -13.60 21.44 34.87
CA LEU E 141 -15.06 21.56 34.87
C LEU E 141 -15.69 20.27 34.39
N TYR E 142 -16.39 19.54 35.28
CA TYR E 142 -17.11 18.32 34.93
C TYR E 142 -18.35 18.70 34.15
N THR E 143 -18.36 18.39 32.83
CA THR E 143 -19.46 18.71 31.94
C THR E 143 -20.00 17.42 31.32
N PRO E 144 -20.73 16.58 32.10
CA PRO E 144 -21.28 15.34 31.51
C PRO E 144 -22.43 15.65 30.55
N GLY E 145 -22.73 14.73 29.64
CA GLY E 145 -23.78 14.89 28.67
C GLY E 145 -23.35 14.19 27.40
N HIS E 146 -22.26 14.68 26.81
CA HIS E 146 -21.66 14.10 25.61
C HIS E 146 -21.20 12.65 25.93
N THR E 147 -20.51 12.51 27.10
CA THR E 147 -19.98 11.30 27.71
C THR E 147 -20.09 11.48 29.23
N ASP E 148 -19.96 10.40 30.02
CA ASP E 148 -20.12 10.44 31.48
C ASP E 148 -18.85 10.97 32.23
N ASP E 149 -17.72 11.08 31.50
CA ASP E 149 -16.42 11.51 32.00
C ASP E 149 -16.00 12.87 31.41
N HIS E 150 -16.89 13.48 30.60
CA HIS E 150 -16.60 14.68 29.84
C HIS E 150 -16.13 15.82 30.72
N MET E 151 -14.98 16.37 30.36
CA MET E 151 -14.34 17.44 31.09
C MET E 151 -14.05 18.61 30.19
N ALA E 152 -14.42 19.80 30.65
CA ALA E 152 -14.13 21.07 30.03
C ALA E 152 -13.09 21.76 30.92
N LEU E 153 -12.27 22.62 30.36
CA LEU E 153 -11.25 23.27 31.18
C LEU E 153 -11.35 24.78 31.07
N LEU E 154 -11.19 25.47 32.21
CA LEU E 154 -11.24 26.92 32.21
C LEU E 154 -9.83 27.47 32.38
N LEU E 155 -9.36 28.18 31.33
CA LEU E 155 -8.08 28.87 31.32
C LEU E 155 -8.36 30.21 31.95
N GLU E 156 -8.02 30.34 33.24
CA GLU E 156 -8.29 31.51 34.09
C GLU E 156 -7.70 32.80 33.55
N GLU E 157 -6.47 32.76 33.00
CA GLU E 157 -5.71 33.92 32.48
C GLU E 157 -6.34 34.57 31.24
N GLU E 158 -7.19 33.81 30.52
CA GLU E 158 -7.86 34.27 29.30
C GLU E 158 -9.39 34.31 29.44
N ASN E 159 -9.94 33.66 30.50
CA ASN E 159 -11.38 33.44 30.71
C ASN E 159 -11.90 32.68 29.45
N ALA E 160 -11.17 31.60 29.14
CA ALA E 160 -11.37 30.74 27.97
C ALA E 160 -11.74 29.35 28.40
N ILE E 161 -12.64 28.72 27.64
CA ILE E 161 -13.07 27.35 27.89
C ILE E 161 -12.59 26.43 26.79
N PHE E 162 -11.95 25.32 27.18
CA PHE E 162 -11.58 24.22 26.31
C PHE E 162 -12.76 23.29 26.45
N SER E 163 -13.65 23.41 25.49
CA SER E 163 -14.95 22.78 25.45
C SER E 163 -14.95 21.27 25.26
N GLY E 164 -13.95 20.71 24.57
CA GLY E 164 -13.94 19.31 24.20
C GLY E 164 -15.03 19.09 23.16
N ASP E 165 -15.85 18.03 23.31
CA ASP E 165 -16.93 17.80 22.36
C ASP E 165 -18.33 18.24 22.89
N CYS E 166 -18.35 19.10 23.91
CA CYS E 166 -19.60 19.59 24.47
C CYS E 166 -20.18 20.77 23.62
N ILE E 167 -19.29 21.64 23.12
CA ILE E 167 -19.59 22.77 22.26
C ILE E 167 -18.55 22.75 21.16
N LEU E 168 -19.00 22.65 19.89
CA LEU E 168 -18.11 22.60 18.73
C LEU E 168 -18.09 23.91 17.98
N GLY E 169 -17.03 24.11 17.21
CA GLY E 169 -16.85 25.29 16.39
C GLY E 169 -17.87 25.37 15.28
N GLU E 170 -18.02 24.26 14.52
CA GLU E 170 -18.93 24.12 13.39
C GLU E 170 -19.91 22.98 13.63
N GLY E 171 -21.16 23.27 13.33
CA GLY E 171 -22.28 22.36 13.50
C GLY E 171 -22.65 22.05 14.94
N THR E 172 -23.40 20.95 15.11
CA THR E 172 -23.86 20.51 16.41
C THR E 172 -23.06 19.27 16.85
N THR E 173 -23.29 18.83 18.08
CA THR E 173 -22.60 17.69 18.62
C THR E 173 -23.63 16.63 19.02
N VAL E 174 -23.13 15.46 19.41
CA VAL E 174 -23.92 14.33 19.87
C VAL E 174 -23.73 14.24 21.40
N PHE E 175 -24.59 13.47 22.07
CA PHE E 175 -24.60 13.30 23.52
C PHE E 175 -25.28 12.00 23.91
N GLU E 176 -24.86 11.42 25.02
CA GLU E 176 -25.43 10.19 25.55
C GLU E 176 -26.67 10.47 26.41
N ASP E 177 -26.63 11.59 27.19
CA ASP E 177 -27.72 12.01 28.08
C ASP E 177 -28.02 13.48 27.89
N LEU E 178 -29.21 13.79 27.32
CA LEU E 178 -29.64 15.16 27.06
C LEU E 178 -29.86 15.94 28.36
N TYR E 179 -30.35 15.27 29.43
CA TYR E 179 -30.58 15.95 30.72
C TYR E 179 -29.27 16.54 31.26
N ASP E 180 -28.18 15.75 31.28
CA ASP E 180 -26.89 16.21 31.77
C ASP E 180 -26.25 17.19 30.81
N TYR E 181 -26.41 16.98 29.50
CA TYR E 181 -25.87 17.84 28.47
C TYR E 181 -26.41 19.27 28.60
N MET E 182 -27.75 19.42 28.66
CA MET E 182 -28.44 20.71 28.81
C MET E 182 -28.07 21.38 30.12
N ASN E 183 -27.81 20.59 31.18
CA ASN E 183 -27.41 21.10 32.47
C ASN E 183 -25.97 21.64 32.44
N SER E 184 -25.09 20.99 31.67
CA SER E 184 -23.68 21.38 31.50
C SER E 184 -23.59 22.67 30.68
N LEU E 185 -24.42 22.80 29.64
CA LEU E 185 -24.50 24.02 28.82
C LEU E 185 -24.94 25.21 29.70
N LYS E 186 -25.92 24.99 30.60
CA LYS E 186 -26.44 26.01 31.52
C LYS E 186 -25.35 26.43 32.53
N GLU E 187 -24.50 25.47 32.97
CA GLU E 187 -23.38 25.71 33.87
C GLU E 187 -22.28 26.49 33.16
N LEU E 188 -21.95 26.14 31.88
CA LEU E 188 -20.93 26.83 31.08
C LEU E 188 -21.36 28.28 30.80
N LEU E 189 -22.69 28.54 30.69
CA LEU E 189 -23.26 29.88 30.52
C LEU E 189 -22.94 30.78 31.71
N LYS E 190 -22.92 30.20 32.93
CA LYS E 190 -22.65 30.94 34.17
C LYS E 190 -21.18 31.39 34.25
N ILE E 191 -20.25 30.69 33.56
CA ILE E 191 -18.81 31.02 33.54
C ILE E 191 -18.61 32.39 32.85
N LYS E 192 -19.44 32.69 31.81
CA LYS E 192 -19.44 33.93 31.03
C LYS E 192 -18.06 34.10 30.39
N ALA E 193 -17.60 33.04 29.71
CA ALA E 193 -16.30 32.96 29.06
C ALA E 193 -16.24 33.90 27.86
N ASP E 194 -15.03 34.35 27.53
CA ASP E 194 -14.76 35.26 26.44
C ASP E 194 -14.62 34.51 25.13
N ILE E 195 -13.83 33.42 25.14
CA ILE E 195 -13.54 32.58 23.98
C ILE E 195 -13.70 31.11 24.34
N ILE E 196 -14.15 30.27 23.39
CA ILE E 196 -14.28 28.82 23.54
C ILE E 196 -13.35 28.13 22.50
N TYR E 197 -12.45 27.27 22.99
CA TYR E 197 -11.55 26.45 22.18
C TYR E 197 -12.20 25.07 22.07
N PRO E 198 -12.78 24.69 20.92
CA PRO E 198 -13.53 23.42 20.86
C PRO E 198 -12.66 22.22 20.48
N GLY E 199 -13.23 21.03 20.67
CA GLY E 199 -12.57 19.76 20.34
C GLY E 199 -12.45 19.57 18.84
N HIS E 200 -13.38 20.19 18.10
CA HIS E 200 -13.41 20.17 16.63
C HIS E 200 -13.94 21.50 16.13
N GLY E 201 -13.37 21.98 15.03
CA GLY E 201 -13.80 23.21 14.38
C GLY E 201 -13.04 24.47 14.78
N PRO E 202 -13.43 25.63 14.18
CA PRO E 202 -12.72 26.88 14.53
C PRO E 202 -13.05 27.41 15.92
N VAL E 203 -12.23 28.36 16.39
CA VAL E 203 -12.34 29.01 17.70
C VAL E 203 -13.70 29.75 17.78
N ILE E 204 -14.31 29.82 18.97
CA ILE E 204 -15.60 30.50 19.13
C ILE E 204 -15.33 31.78 19.90
N HIS E 205 -15.55 32.94 19.27
CA HIS E 205 -15.32 34.25 19.89
C HIS E 205 -16.56 34.76 20.62
N ASN E 206 -17.75 34.35 20.18
CA ASN E 206 -19.01 34.75 20.81
C ASN E 206 -19.58 33.51 21.54
N ALA E 207 -19.01 33.25 22.73
CA ALA E 207 -19.35 32.13 23.61
C ALA E 207 -20.83 32.17 24.04
N GLU E 208 -21.33 33.34 24.54
CA GLU E 208 -22.72 33.53 24.98
C GLU E 208 -23.71 33.14 23.88
N ALA E 209 -23.55 33.72 22.67
CA ALA E 209 -24.40 33.42 21.51
C ALA E 209 -24.38 31.92 21.11
N LYS E 210 -23.20 31.25 21.14
CA LYS E 210 -23.10 29.83 20.77
C LYS E 210 -23.86 28.95 21.75
N ILE E 211 -23.53 29.00 23.06
CA ILE E 211 -24.20 28.23 24.12
C ILE E 211 -25.72 28.49 24.08
N GLN E 212 -26.17 29.75 23.83
CA GLN E 212 -27.61 30.05 23.75
C GLN E 212 -28.23 29.43 22.49
N GLN E 213 -27.46 29.34 21.38
CA GLN E 213 -27.92 28.72 20.13
C GLN E 213 -28.09 27.22 20.35
N TYR E 214 -27.16 26.59 21.08
CA TYR E 214 -27.15 25.18 21.46
C TYR E 214 -28.34 24.83 22.37
N ILE E 215 -28.65 25.70 23.35
CA ILE E 215 -29.73 25.52 24.31
C ILE E 215 -31.08 25.65 23.58
N SER E 216 -31.25 26.72 22.78
CA SER E 216 -32.46 27.02 22.01
C SER E 216 -32.83 25.90 21.03
N HIS E 217 -31.81 25.31 20.35
CA HIS E 217 -31.95 24.21 19.38
C HIS E 217 -32.63 23.00 20.02
N ARG E 218 -32.18 22.62 21.22
CA ARG E 218 -32.73 21.48 21.96
C ARG E 218 -34.06 21.82 22.63
N ASN E 219 -34.22 23.06 23.14
CA ASN E 219 -35.43 23.52 23.80
C ASN E 219 -36.63 23.66 22.85
N ILE E 220 -36.39 24.05 21.56
CA ILE E 220 -37.44 24.18 20.55
C ILE E 220 -38.07 22.80 20.30
N ARG E 221 -37.23 21.75 20.09
CA ARG E 221 -37.69 20.37 19.88
C ARG E 221 -38.43 19.86 21.12
N GLU E 222 -37.89 20.16 22.32
CA GLU E 222 -38.47 19.78 23.61
C GLU E 222 -39.89 20.35 23.72
N GLN E 223 -40.06 21.65 23.36
CA GLN E 223 -41.34 22.34 23.38
C GLN E 223 -42.29 21.70 22.37
N GLN E 224 -41.80 21.27 21.19
CA GLN E 224 -42.59 20.63 20.14
C GLN E 224 -43.13 19.28 20.63
N ILE E 225 -42.26 18.47 21.29
CA ILE E 225 -42.60 17.14 21.80
C ILE E 225 -43.61 17.27 22.95
N LEU E 226 -43.36 18.19 23.91
CA LEU E 226 -44.22 18.44 25.08
C LEU E 226 -45.60 18.94 24.67
N THR E 227 -45.67 19.81 23.63
CA THR E 227 -46.93 20.34 23.08
C THR E 227 -47.79 19.19 22.56
N LEU E 228 -47.17 18.23 21.82
CA LEU E 228 -47.88 17.08 21.26
C LEU E 228 -48.51 16.22 22.38
N PHE E 229 -47.75 15.99 23.47
CA PHE E 229 -48.20 15.23 24.63
C PHE E 229 -49.29 15.95 25.40
N ARG E 230 -49.11 17.25 25.69
CA ARG E 230 -50.07 18.02 26.49
C ARG E 230 -51.37 18.30 25.71
N GLU E 231 -51.31 18.40 24.37
CA GLU E 231 -52.50 18.61 23.53
C GLU E 231 -53.30 17.30 23.42
N ASN E 232 -52.61 16.17 23.36
CA ASN E 232 -53.22 14.83 23.29
C ASN E 232 -52.93 14.07 24.60
N PHE E 233 -53.29 14.71 25.75
CA PHE E 233 -53.07 14.26 27.13
C PHE E 233 -53.75 12.93 27.49
N GLU E 234 -54.78 12.52 26.74
CA GLU E 234 -55.49 11.25 26.96
C GLU E 234 -54.85 10.11 26.13
N LYS E 235 -54.05 10.47 25.11
CA LYS E 235 -53.42 9.53 24.18
C LYS E 235 -52.03 9.08 24.62
N SER E 236 -51.68 7.84 24.22
CA SER E 236 -50.37 7.20 24.42
C SER E 236 -49.74 7.03 23.05
N PHE E 237 -48.44 7.32 22.94
CA PHE E 237 -47.75 7.24 21.66
C PHE E 237 -46.57 6.29 21.68
N THR E 238 -46.36 5.56 20.57
CA THR E 238 -45.20 4.68 20.37
C THR E 238 -44.08 5.57 19.80
N VAL E 239 -42.83 5.08 19.79
CA VAL E 239 -41.71 5.83 19.23
C VAL E 239 -41.95 6.08 17.71
N MET E 240 -42.39 5.03 16.96
CA MET E 240 -42.69 5.13 15.52
C MET E 240 -43.81 6.16 15.25
N GLU E 241 -44.86 6.19 16.11
CA GLU E 241 -45.94 7.17 16.00
C GLU E 241 -45.39 8.58 16.14
N LEU E 242 -44.60 8.81 17.20
CA LEU E 242 -43.97 10.08 17.54
C LEU E 242 -42.98 10.57 16.48
N VAL E 243 -42.16 9.67 15.90
CA VAL E 243 -41.18 10.02 14.87
C VAL E 243 -41.88 10.58 13.62
N LYS E 244 -42.97 9.90 13.17
CA LYS E 244 -43.75 10.32 12.01
C LYS E 244 -44.39 11.71 12.20
N ILE E 245 -44.81 12.04 13.46
CA ILE E 245 -45.45 13.33 13.80
C ILE E 245 -44.43 14.45 14.02
N ILE E 246 -43.48 14.26 14.96
CA ILE E 246 -42.49 15.27 15.39
C ILE E 246 -41.47 15.61 14.29
N TYR E 247 -40.93 14.59 13.60
CA TYR E 247 -39.88 14.79 12.60
C TYR E 247 -40.48 14.69 11.18
N LYS E 248 -41.55 15.48 10.94
CA LYS E 248 -42.27 15.54 9.67
C LYS E 248 -41.39 16.18 8.57
N ASN E 249 -40.55 17.17 8.94
CA ASN E 249 -39.66 17.88 8.02
C ASN E 249 -38.26 17.21 7.88
N THR E 250 -38.16 15.91 8.23
CA THR E 250 -36.93 15.09 8.16
C THR E 250 -37.10 14.00 7.07
N PRO E 251 -36.11 13.80 6.17
CA PRO E 251 -36.26 12.76 5.14
C PRO E 251 -36.17 11.33 5.73
N GLU E 252 -36.75 10.34 5.00
CA GLU E 252 -36.79 8.92 5.39
C GLU E 252 -35.38 8.30 5.51
N ASN E 253 -34.36 8.87 4.82
CA ASN E 253 -32.98 8.39 4.91
C ASN E 253 -32.35 8.73 6.29
N LEU E 254 -32.96 9.67 7.03
CA LEU E 254 -32.50 10.08 8.35
C LEU E 254 -33.42 9.57 9.48
N HIS E 255 -34.31 8.59 9.19
CA HIS E 255 -35.26 8.00 10.13
C HIS E 255 -34.62 7.50 11.44
N GLU E 256 -33.50 6.76 11.33
CA GLU E 256 -32.84 6.20 12.50
C GLU E 256 -32.17 7.29 13.37
N MET E 257 -31.76 8.40 12.76
CA MET E 257 -31.15 9.55 13.45
C MET E 257 -32.23 10.29 14.24
N ALA E 258 -33.41 10.45 13.62
CA ALA E 258 -34.59 11.10 14.17
C ALA E 258 -35.11 10.30 15.37
N LYS E 259 -35.26 8.97 15.19
CA LYS E 259 -35.71 8.01 16.21
C LYS E 259 -34.78 8.06 17.41
N HIS E 260 -33.46 8.16 17.16
CA HIS E 260 -32.45 8.23 18.21
C HIS E 260 -32.53 9.56 18.97
N ASN E 261 -32.70 10.67 18.22
CA ASN E 261 -32.85 12.02 18.77
C ASN E 261 -34.07 12.09 19.68
N LEU E 262 -35.21 11.57 19.19
CA LEU E 262 -36.47 11.54 19.93
C LEU E 262 -36.31 10.81 21.26
N LEU E 263 -35.70 9.61 21.25
CA LEU E 263 -35.47 8.80 22.45
C LEU E 263 -34.61 9.53 23.49
N LEU E 264 -33.62 10.34 23.04
CA LEU E 264 -32.79 11.16 23.93
C LEU E 264 -33.64 12.23 24.58
N HIS E 265 -34.62 12.80 23.83
CA HIS E 265 -35.56 13.82 24.31
C HIS E 265 -36.60 13.22 25.25
N LEU E 266 -37.09 12.00 24.96
CA LEU E 266 -38.05 11.28 25.79
C LEU E 266 -37.44 10.88 27.15
N LYS E 267 -36.15 10.50 27.18
CA LYS E 267 -35.47 10.09 28.40
C LYS E 267 -35.27 11.28 29.33
N LYS E 268 -34.98 12.49 28.77
CA LYS E 268 -34.81 13.71 29.56
C LYS E 268 -36.14 14.11 30.21
N LEU E 269 -37.24 14.12 29.41
CA LEU E 269 -38.59 14.47 29.88
C LEU E 269 -39.10 13.44 30.90
N GLU E 270 -38.73 12.14 30.74
CA GLU E 270 -39.09 11.05 31.65
C GLU E 270 -38.41 11.26 33.00
N LYS E 271 -37.11 11.65 32.98
CA LYS E 271 -36.28 11.93 34.16
C LYS E 271 -36.86 13.11 34.92
N GLU E 272 -37.39 14.11 34.18
CA GLU E 272 -37.99 15.32 34.74
C GLU E 272 -39.44 15.08 35.20
N GLY E 273 -39.99 13.89 34.96
CA GLY E 273 -41.35 13.51 35.32
C GLY E 273 -42.45 14.19 34.53
N LYS E 274 -42.12 14.69 33.32
CA LYS E 274 -43.07 15.37 32.45
C LYS E 274 -43.88 14.37 31.63
N ILE E 275 -43.25 13.23 31.27
CA ILE E 275 -43.90 12.11 30.56
C ILE E 275 -43.55 10.81 31.27
N PHE E 276 -44.39 9.78 31.08
CA PHE E 276 -44.24 8.45 31.67
C PHE E 276 -44.41 7.36 30.63
N SER E 277 -43.59 6.29 30.72
CA SER E 277 -43.68 5.13 29.82
C SER E 277 -44.42 3.98 30.49
N ASN E 278 -44.84 2.97 29.69
CA ASN E 278 -45.55 1.79 30.19
C ASN E 278 -44.71 0.52 29.97
N THR E 279 -45.20 -0.62 30.47
CA THR E 279 -44.52 -1.92 30.39
C THR E 279 -45.21 -2.82 29.38
N PRO E 281 -44.10 -4.37 25.74
CA PRO E 281 -43.94 -4.81 24.35
C PRO E 281 -43.48 -3.65 23.46
N ASP E 282 -44.43 -2.92 22.82
CA ASP E 282 -44.18 -1.73 22.02
C ASP E 282 -44.44 -0.52 22.93
N LYS E 283 -43.37 -0.12 23.67
CA LYS E 283 -43.35 0.94 24.69
C LYS E 283 -44.11 2.20 24.26
N LYS E 284 -45.09 2.60 25.10
CA LYS E 284 -45.93 3.77 24.87
C LYS E 284 -45.63 4.85 25.89
N TRP E 285 -45.56 6.11 25.44
CA TRP E 285 -45.37 7.29 26.28
C TRP E 285 -46.66 8.09 26.36
N LYS E 286 -46.96 8.59 27.56
CA LYS E 286 -48.14 9.41 27.84
C LYS E 286 -47.77 10.56 28.75
N ALA E 287 -48.59 11.62 28.71
CA ALA E 287 -48.40 12.84 29.50
C ALA E 287 -48.61 12.62 30.99
N VAL F 5 22.65 -1.53 22.66
CA VAL F 5 21.94 -1.74 21.38
C VAL F 5 21.83 -3.25 21.11
N LEU F 6 20.64 -3.84 21.37
CA LEU F 6 20.38 -5.27 21.19
C LEU F 6 20.12 -5.56 19.69
N GLN F 7 20.79 -6.60 19.07
CA GLN F 7 20.51 -6.96 17.66
C GLN F 7 19.16 -7.73 17.64
N ARG F 8 18.37 -7.59 16.54
CA ARG F 8 17.01 -8.11 16.42
C ARG F 8 16.89 -9.64 16.54
N VAL F 9 17.78 -10.43 15.91
CA VAL F 9 17.75 -11.90 16.00
C VAL F 9 19.09 -12.34 16.57
N GLU F 10 19.08 -13.13 17.67
CA GLU F 10 20.31 -13.55 18.34
C GLU F 10 20.13 -14.85 19.14
N ARG F 11 21.08 -15.78 18.96
CA ARG F 11 21.16 -17.06 19.65
C ARG F 11 21.84 -16.80 20.97
N LEU F 12 21.12 -16.95 22.07
CA LEU F 12 21.65 -16.68 23.42
C LEU F 12 22.28 -17.92 24.09
N SER F 13 21.79 -19.13 23.72
CA SER F 13 22.26 -20.43 24.19
C SER F 13 21.88 -21.50 23.17
N ASN F 14 22.19 -22.77 23.46
CA ASN F 14 21.86 -23.90 22.61
C ASN F 14 20.35 -24.10 22.53
N ARG F 15 19.62 -23.58 23.50
CA ARG F 15 18.17 -23.74 23.57
C ARG F 15 17.38 -22.46 23.42
N VAL F 16 18.01 -21.27 23.50
CA VAL F 16 17.29 -19.99 23.46
C VAL F 16 17.79 -19.08 22.33
N VAL F 17 16.86 -18.57 21.51
CA VAL F 17 17.06 -17.58 20.44
C VAL F 17 16.17 -16.39 20.80
N ARG F 18 16.71 -15.17 20.90
CA ARG F 18 15.88 -14.01 21.18
C ARG F 18 15.60 -13.17 19.91
N VAL F 19 14.30 -12.89 19.70
CA VAL F 19 13.81 -12.04 18.61
C VAL F 19 13.26 -10.76 19.25
N LEU F 20 13.81 -9.59 18.90
CA LEU F 20 13.30 -8.35 19.48
C LEU F 20 11.99 -7.96 18.82
N GLY F 21 11.05 -7.41 19.62
CA GLY F 21 9.75 -6.96 19.17
C GLY F 21 9.72 -5.77 18.22
N CYS F 22 10.85 -5.02 18.12
CA CYS F 22 11.05 -3.83 17.24
C CYS F 22 10.06 -2.74 17.65
N ASN F 23 9.73 -2.73 18.94
CA ASN F 23 8.81 -1.80 19.59
C ASN F 23 9.52 -1.06 20.76
N PRO F 24 10.57 -0.26 20.51
CA PRO F 24 11.22 0.43 21.63
C PRO F 24 10.31 1.51 22.20
N GLY F 25 10.48 1.79 23.47
CA GLY F 25 9.66 2.81 24.12
C GLY F 25 10.07 2.99 25.56
N PRO F 26 9.46 3.98 26.26
CA PRO F 26 9.81 4.19 27.68
C PRO F 26 9.53 2.98 28.57
N MET F 27 8.46 2.20 28.28
CA MET F 27 8.09 1.03 29.09
C MET F 27 8.70 -0.30 28.58
N THR F 28 9.06 -0.40 27.30
CA THR F 28 9.54 -1.62 26.65
C THR F 28 11.05 -1.64 26.43
N LEU F 29 11.73 -0.55 26.79
CA LEU F 29 13.19 -0.35 26.63
C LEU F 29 13.53 -0.47 25.14
N GLN F 30 14.35 -1.45 24.72
CA GLN F 30 14.75 -1.58 23.30
C GLN F 30 13.69 -2.34 22.48
N GLY F 31 12.69 -2.89 23.16
CA GLY F 31 11.59 -3.63 22.58
C GLY F 31 11.32 -4.85 23.44
N THR F 32 10.22 -5.60 23.13
CA THR F 32 9.87 -6.83 23.84
C THR F 32 10.88 -7.91 23.40
N ASN F 33 11.35 -8.67 24.36
CA ASN F 33 12.23 -9.79 24.12
C ASN F 33 11.32 -11.01 23.97
N THR F 34 11.27 -11.55 22.72
CA THR F 34 10.48 -12.75 22.47
C THR F 34 11.51 -13.84 22.33
N TYR F 35 11.20 -15.04 22.80
CA TYR F 35 12.20 -16.11 22.75
C TYR F 35 11.69 -17.35 22.07
N LEU F 36 12.57 -17.99 21.29
CA LEU F 36 12.33 -19.29 20.67
C LEU F 36 13.12 -20.31 21.50
N VAL F 37 12.40 -21.15 22.25
CA VAL F 37 12.98 -22.15 23.17
C VAL F 37 12.80 -23.57 22.59
N GLY F 38 13.90 -24.31 22.59
CA GLY F 38 13.98 -25.67 22.07
C GLY F 38 15.19 -25.85 21.19
N THR F 39 15.48 -27.11 20.82
CA THR F 39 16.63 -27.47 19.99
C THR F 39 16.21 -28.16 18.69
N GLY F 40 14.90 -28.37 18.49
CA GLY F 40 14.36 -29.09 17.33
C GLY F 40 13.70 -28.30 16.23
N PRO F 41 13.04 -29.01 15.26
CA PRO F 41 12.39 -28.33 14.12
C PRO F 41 11.10 -27.59 14.49
N ARG F 42 10.64 -27.75 15.76
CA ARG F 42 9.44 -27.09 16.30
CA ARG F 42 9.44 -27.09 16.30
C ARG F 42 9.82 -26.54 17.68
N ARG F 43 9.69 -25.22 17.85
CA ARG F 43 10.09 -24.57 19.10
C ARG F 43 8.95 -23.76 19.74
N ILE F 44 9.06 -23.53 21.04
CA ILE F 44 8.09 -22.74 21.77
C ILE F 44 8.45 -21.27 21.63
N LEU F 45 7.43 -20.43 21.36
CA LEU F 45 7.65 -18.99 21.30
C LEU F 45 7.07 -18.33 22.55
N ILE F 46 7.94 -17.64 23.30
CA ILE F 46 7.58 -16.91 24.49
C ILE F 46 7.42 -15.43 24.14
N ASP F 47 6.19 -14.91 24.26
CA ASP F 47 5.72 -13.54 23.97
C ASP F 47 5.72 -13.26 22.44
N THR F 48 4.94 -12.25 22.01
CA THR F 48 4.68 -11.99 20.59
C THR F 48 4.84 -10.53 20.17
N GLY F 49 5.29 -9.68 21.07
CA GLY F 49 5.44 -8.26 20.77
C GLY F 49 4.12 -7.51 20.72
N GLU F 50 4.16 -6.33 20.10
CA GLU F 50 3.02 -5.44 20.02
C GLU F 50 2.15 -5.72 18.80
N PRO F 51 0.90 -5.19 18.78
CA PRO F 51 0.06 -5.41 17.58
C PRO F 51 0.54 -4.54 16.44
N ALA F 52 0.41 -5.04 15.21
CA ALA F 52 0.72 -4.34 13.97
C ALA F 52 2.18 -3.80 13.84
N ILE F 53 3.18 -4.61 14.23
CA ILE F 53 4.60 -4.27 14.02
C ILE F 53 5.09 -5.21 12.91
N PRO F 54 5.05 -4.80 11.60
CA PRO F 54 5.45 -5.72 10.51
C PRO F 54 6.92 -6.12 10.51
N GLU F 55 7.78 -5.28 11.11
CA GLU F 55 9.21 -5.51 11.26
C GLU F 55 9.49 -6.73 12.12
N TYR F 56 8.68 -6.96 13.18
CA TYR F 56 8.84 -8.12 14.06
C TYR F 56 8.56 -9.45 13.33
N ILE F 57 7.50 -9.49 12.48
CA ILE F 57 7.12 -10.66 11.71
C ILE F 57 8.29 -11.06 10.76
N SER F 58 8.98 -10.05 10.16
CA SER F 58 10.15 -10.26 9.32
C SER F 58 11.31 -10.87 10.12
N CYS F 59 11.55 -10.34 11.33
CA CYS F 59 12.59 -10.83 12.25
C CYS F 59 12.29 -12.26 12.70
N LEU F 60 11.00 -12.55 13.00
CA LEU F 60 10.57 -13.88 13.41
C LEU F 60 10.74 -14.87 12.26
N LYS F 61 10.41 -14.47 11.02
CA LYS F 61 10.58 -15.28 9.82
C LYS F 61 12.06 -15.57 9.55
N GLN F 62 12.94 -14.57 9.77
CA GLN F 62 14.40 -14.67 9.67
C GLN F 62 14.93 -15.70 10.64
N ALA F 63 14.52 -15.66 11.94
CA ALA F 63 14.92 -16.61 12.98
C ALA F 63 14.51 -18.04 12.67
N LEU F 64 13.25 -18.23 12.27
CA LEU F 64 12.73 -19.55 11.90
C LEU F 64 13.45 -20.13 10.71
N THR F 65 13.81 -19.29 9.71
CA THR F 65 14.58 -19.73 8.53
C THR F 65 16.04 -20.03 8.93
N GLU F 66 16.71 -19.05 9.61
CA GLU F 66 18.08 -19.11 10.08
C GLU F 66 18.34 -20.33 10.95
N PHE F 67 17.39 -20.65 11.84
CA PHE F 67 17.57 -21.74 12.79
C PHE F 67 16.79 -22.99 12.37
N ASN F 68 16.35 -23.01 11.11
CA ASN F 68 15.61 -24.09 10.46
C ASN F 68 14.59 -24.73 11.43
N THR F 69 13.63 -23.89 11.88
CA THR F 69 12.63 -24.28 12.85
C THR F 69 11.28 -23.65 12.51
N ALA F 70 10.28 -23.96 13.34
CA ALA F 70 8.89 -23.54 13.23
C ALA F 70 8.32 -23.35 14.63
N ILE F 71 7.14 -22.71 14.74
CA ILE F 71 6.50 -22.49 16.05
C ILE F 71 5.68 -23.75 16.40
N GLN F 72 5.95 -24.31 17.58
CA GLN F 72 5.24 -25.45 18.16
C GLN F 72 3.95 -24.96 18.81
N GLU F 73 4.09 -23.93 19.66
CA GLU F 73 3.04 -23.27 20.42
C GLU F 73 3.55 -21.93 20.88
N ILE F 74 2.61 -21.05 21.25
CA ILE F 74 2.92 -19.69 21.73
C ILE F 74 2.51 -19.61 23.18
N VAL F 75 3.41 -19.07 24.02
CA VAL F 75 3.25 -18.91 25.46
C VAL F 75 3.36 -17.41 25.75
N VAL F 76 2.35 -16.82 26.38
CA VAL F 76 2.26 -15.39 26.71
C VAL F 76 2.43 -15.21 28.24
N THR F 77 3.37 -14.35 28.68
CA THR F 77 3.66 -14.11 30.10
C THR F 77 2.51 -13.40 30.83
N HIS F 78 1.91 -12.39 30.24
CA HIS F 78 0.78 -11.64 30.83
C HIS F 78 0.01 -10.98 29.71
N TRP F 79 -1.11 -10.35 30.01
CA TRP F 79 -2.03 -9.76 29.04
C TRP F 79 -1.56 -8.48 28.37
N HIS F 80 -0.51 -7.82 28.91
CA HIS F 80 -0.08 -6.54 28.35
C HIS F 80 0.17 -6.65 26.85
N ARG F 81 -0.37 -5.68 26.07
CA ARG F 81 -0.37 -5.68 24.61
C ARG F 81 1.02 -5.73 23.96
N ASP F 82 2.12 -5.48 24.71
CA ASP F 82 3.50 -5.60 24.18
C ASP F 82 3.98 -7.04 24.25
N HIS F 83 3.15 -7.94 24.83
CA HIS F 83 3.45 -9.36 25.07
C HIS F 83 2.42 -10.24 24.37
N SER F 84 1.14 -9.87 24.48
CA SER F 84 0.06 -10.62 23.83
C SER F 84 -0.41 -10.00 22.48
N GLY F 85 0.14 -8.85 22.12
CA GLY F 85 -0.30 -8.13 20.94
C GLY F 85 -0.08 -8.66 19.54
N GLY F 86 0.95 -9.44 19.30
CA GLY F 86 1.22 -9.89 17.94
C GLY F 86 0.75 -11.29 17.60
N ILE F 87 -0.30 -11.82 18.31
CA ILE F 87 -0.77 -13.19 18.10
C ILE F 87 -1.48 -13.26 16.77
N GLY F 88 -2.47 -12.38 16.58
CA GLY F 88 -3.20 -12.27 15.33
C GLY F 88 -2.28 -12.17 14.13
N ASP F 89 -1.22 -11.35 14.24
CA ASP F 89 -0.22 -11.09 13.20
C ASP F 89 0.59 -12.35 12.88
N ILE F 90 0.97 -13.15 13.90
CA ILE F 90 1.75 -14.40 13.75
C ILE F 90 0.87 -15.44 13.05
N CYS F 91 -0.43 -15.50 13.44
CA CYS F 91 -1.35 -16.50 12.87
C CYS F 91 -1.69 -16.22 11.43
N LYS F 92 -1.68 -14.96 11.00
CA LYS F 92 -1.92 -14.56 9.62
C LYS F 92 -0.68 -14.68 8.75
N SER F 93 0.50 -14.28 9.29
CA SER F 93 1.74 -14.16 8.54
C SER F 93 2.72 -15.35 8.61
N ILE F 94 2.78 -16.05 9.75
CA ILE F 94 3.73 -17.17 9.84
C ILE F 94 2.94 -18.45 9.55
N ASN F 95 2.89 -18.78 8.24
CA ASN F 95 2.21 -19.94 7.64
C ASN F 95 2.52 -21.23 8.38
N ASN F 96 1.48 -22.03 8.63
CA ASN F 96 1.55 -23.32 9.32
C ASN F 96 0.47 -24.28 8.79
N ASP F 97 0.71 -25.60 8.96
CA ASP F 97 -0.22 -26.65 8.53
C ASP F 97 -1.51 -26.56 9.37
N THR F 98 -1.34 -26.42 10.70
CA THR F 98 -2.43 -26.31 11.67
C THR F 98 -2.44 -24.88 12.28
N THR F 99 -3.57 -24.49 12.93
CA THR F 99 -3.69 -23.20 13.64
C THR F 99 -2.80 -23.25 14.90
N TYR F 100 -2.29 -22.08 15.38
CA TYR F 100 -1.40 -22.09 16.56
C TYR F 100 -2.14 -22.27 17.86
N CYS F 101 -1.47 -22.96 18.81
CA CYS F 101 -1.98 -23.14 20.15
C CYS F 101 -1.37 -22.08 21.02
N ILE F 102 -2.20 -21.27 21.69
CA ILE F 102 -1.71 -20.16 22.50
C ILE F 102 -1.99 -20.41 24.00
N LYS F 103 -0.92 -20.59 24.77
CA LYS F 103 -1.02 -20.89 26.19
C LYS F 103 -0.69 -19.64 27.04
N LYS F 104 -1.48 -19.44 28.10
CA LYS F 104 -1.40 -18.30 29.00
C LYS F 104 -2.01 -18.69 30.33
N LEU F 105 -1.72 -17.95 31.42
CA LEU F 105 -2.40 -18.14 32.71
C LEU F 105 -3.72 -17.35 32.67
N PRO F 106 -4.81 -17.78 33.34
CA PRO F 106 -6.04 -16.97 33.28
C PRO F 106 -5.92 -15.66 34.08
N ARG F 107 -6.82 -14.72 33.81
CA ARG F 107 -6.86 -13.51 34.60
C ARG F 107 -7.40 -13.86 35.99
N ASN F 108 -7.05 -13.06 37.01
CA ASN F 108 -7.53 -13.29 38.38
C ASN F 108 -8.16 -12.02 38.97
N PRO F 109 -9.50 -11.91 39.07
CA PRO F 109 -10.53 -12.88 38.67
C PRO F 109 -10.60 -13.09 37.17
N GLN F 110 -11.22 -14.21 36.74
CA GLN F 110 -11.35 -14.61 35.34
C GLN F 110 -12.09 -13.58 34.52
N ARG F 111 -11.68 -13.44 33.28
CA ARG F 111 -12.16 -12.48 32.27
C ARG F 111 -12.10 -13.05 30.87
N GLU F 112 -12.98 -12.57 29.98
CA GLU F 112 -12.97 -12.91 28.56
C GLU F 112 -11.79 -12.18 27.94
N GLU F 113 -10.89 -12.93 27.27
CA GLU F 113 -9.69 -12.38 26.62
C GLU F 113 -9.77 -12.71 25.14
N ILE F 114 -9.87 -11.67 24.30
CA ILE F 114 -10.03 -11.82 22.86
C ILE F 114 -8.68 -11.79 22.15
N ILE F 115 -8.44 -12.82 21.32
CA ILE F 115 -7.27 -12.96 20.42
C ILE F 115 -7.75 -12.63 19.00
N GLY F 116 -7.00 -11.79 18.31
CA GLY F 116 -7.23 -11.39 16.92
C GLY F 116 -8.63 -10.93 16.63
N ASN F 117 -9.29 -11.61 15.67
CA ASN F 117 -10.65 -11.33 15.24
C ASN F 117 -11.70 -11.91 16.20
N GLY F 118 -11.30 -12.85 17.06
CA GLY F 118 -12.13 -13.50 18.07
C GLY F 118 -12.38 -14.99 17.86
N GLU F 119 -11.86 -15.59 16.76
CA GLU F 119 -12.08 -17.00 16.46
C GLU F 119 -11.04 -17.90 17.11
N GLN F 120 -9.91 -17.32 17.51
CA GLN F 120 -8.84 -17.99 18.23
C GLN F 120 -9.10 -17.80 19.75
N GLN F 121 -8.77 -18.79 20.58
CA GLN F 121 -8.93 -18.74 22.04
C GLN F 121 -7.67 -19.16 22.76
N TYR F 122 -7.46 -18.70 23.99
CA TYR F 122 -6.30 -19.13 24.79
C TYR F 122 -6.55 -20.47 25.41
N VAL F 123 -5.49 -21.28 25.52
CA VAL F 123 -5.51 -22.52 26.29
C VAL F 123 -4.93 -22.10 27.63
N TYR F 124 -5.72 -22.16 28.71
CA TYR F 124 -5.26 -21.68 30.01
C TYR F 124 -4.51 -22.75 30.78
N LEU F 125 -3.40 -22.35 31.35
CA LEU F 125 -2.52 -23.17 32.17
C LEU F 125 -2.82 -22.90 33.63
N LYS F 126 -2.13 -23.62 34.51
CA LYS F 126 -2.18 -23.42 35.95
C LYS F 126 -0.73 -23.47 36.45
N ASP F 127 -0.49 -22.92 37.64
CA ASP F 127 0.81 -22.95 38.30
C ASP F 127 1.29 -24.39 38.42
N GLY F 128 2.53 -24.61 38.05
CA GLY F 128 3.16 -25.92 38.11
C GLY F 128 3.06 -26.72 36.84
N ASP F 129 2.29 -26.25 35.85
CA ASP F 129 2.12 -26.94 34.57
C ASP F 129 3.45 -27.00 33.83
N VAL F 130 3.68 -28.04 33.06
CA VAL F 130 4.94 -28.22 32.33
C VAL F 130 4.70 -28.17 30.81
N ILE F 131 5.49 -27.34 30.11
CA ILE F 131 5.45 -27.18 28.66
C ILE F 131 6.75 -27.81 28.13
N LYS F 132 6.63 -28.90 27.36
CA LYS F 132 7.76 -29.65 26.83
C LYS F 132 7.91 -29.48 25.34
N THR F 133 9.17 -29.42 24.89
CA THR F 133 9.58 -29.34 23.48
C THR F 133 10.89 -30.16 23.34
N GLU F 134 11.34 -30.41 22.11
CA GLU F 134 12.59 -31.12 21.89
C GLU F 134 13.72 -30.25 22.44
N GLY F 135 14.44 -30.80 23.43
CA GLY F 135 15.56 -30.14 24.08
C GLY F 135 15.23 -29.11 25.15
N ALA F 136 13.95 -28.92 25.52
CA ALA F 136 13.62 -27.93 26.56
C ALA F 136 12.33 -28.28 27.29
N THR F 137 12.35 -28.10 28.62
CA THR F 137 11.24 -28.31 29.56
C THR F 137 11.01 -27.00 30.32
N LEU F 138 9.80 -26.41 30.19
CA LEU F 138 9.41 -25.17 30.85
C LEU F 138 8.36 -25.40 31.93
N ARG F 139 8.69 -25.12 33.19
CA ARG F 139 7.71 -25.22 34.28
C ARG F 139 7.03 -23.84 34.45
N VAL F 140 5.69 -23.85 34.53
CA VAL F 140 4.88 -22.62 34.67
C VAL F 140 4.89 -22.13 36.13
N LEU F 141 5.34 -20.88 36.32
CA LEU F 141 5.43 -20.27 37.64
C LEU F 141 4.52 -19.07 37.68
N TYR F 142 3.43 -19.14 38.49
CA TYR F 142 2.50 -18.04 38.68
C TYR F 142 3.17 -16.96 39.56
N THR F 143 3.52 -15.80 38.96
CA THR F 143 4.21 -14.72 39.67
C THR F 143 3.36 -13.44 39.58
N PRO F 144 2.19 -13.36 40.30
CA PRO F 144 1.35 -12.14 40.23
C PRO F 144 1.96 -10.91 40.90
N GLY F 145 1.44 -9.72 40.63
CA GLY F 145 1.94 -8.47 41.20
C GLY F 145 2.03 -7.41 40.13
N HIS F 146 2.81 -7.70 39.07
CA HIS F 146 2.93 -6.87 37.87
C HIS F 146 1.55 -6.75 37.22
N THR F 147 0.90 -7.93 37.04
CA THR F 147 -0.44 -8.18 36.51
C THR F 147 -0.93 -9.37 37.30
N ASP F 148 -2.24 -9.61 37.35
CA ASP F 148 -2.88 -10.70 38.08
C ASP F 148 -2.76 -12.10 37.38
N ASP F 149 -2.25 -12.14 36.13
CA ASP F 149 -2.10 -13.33 35.27
C ASP F 149 -0.66 -13.58 34.95
N HIS F 150 0.26 -12.80 35.58
CA HIS F 150 1.69 -12.86 35.31
C HIS F 150 2.26 -14.24 35.54
N MET F 151 3.01 -14.66 34.53
CA MET F 151 3.68 -15.94 34.46
C MET F 151 5.19 -15.78 34.18
N ALA F 152 6.00 -16.44 34.98
CA ALA F 152 7.40 -16.62 34.67
C ALA F 152 7.51 -18.08 34.22
N LEU F 153 8.62 -18.45 33.60
CA LEU F 153 8.82 -19.83 33.17
C LEU F 153 10.17 -20.29 33.55
N LEU F 154 10.26 -21.51 34.04
CA LEU F 154 11.54 -22.10 34.42
C LEU F 154 11.99 -23.11 33.38
N LEU F 155 13.09 -22.79 32.69
CA LEU F 155 13.76 -23.66 31.73
C LEU F 155 14.66 -24.56 32.59
N GLU F 156 14.19 -25.80 32.83
CA GLU F 156 14.82 -26.77 33.71
C GLU F 156 16.22 -27.17 33.28
N GLU F 157 16.48 -27.28 31.96
CA GLU F 157 17.76 -27.71 31.37
C GLU F 157 18.89 -26.70 31.55
N GLU F 158 18.55 -25.44 31.80
CA GLU F 158 19.51 -24.35 31.97
C GLU F 158 19.47 -23.74 33.39
N ASN F 159 18.40 -24.05 34.17
CA ASN F 159 18.07 -23.46 35.45
C ASN F 159 17.98 -21.93 35.21
N ALA F 160 17.18 -21.58 34.20
CA ALA F 160 16.95 -20.23 33.70
C ALA F 160 15.51 -19.86 33.88
N ILE F 161 15.26 -18.57 34.16
CA ILE F 161 13.92 -18.03 34.31
C ILE F 161 13.65 -17.03 33.18
N PHE F 162 12.48 -17.16 32.56
CA PHE F 162 11.89 -16.22 31.62
C PHE F 162 10.99 -15.40 32.50
N SER F 163 11.46 -14.24 32.92
CA SER F 163 10.76 -13.46 33.95
C SER F 163 9.66 -12.58 33.48
N GLY F 164 9.45 -12.45 32.17
CA GLY F 164 8.46 -11.50 31.63
C GLY F 164 8.78 -10.10 32.11
N ASP F 165 7.81 -9.46 32.76
CA ASP F 165 8.00 -8.11 33.27
C ASP F 165 8.12 -8.08 34.83
N CYS F 166 8.23 -9.24 35.44
CA CYS F 166 8.45 -9.33 36.89
C CYS F 166 9.82 -8.71 37.17
N ILE F 167 10.85 -9.15 36.39
CA ILE F 167 12.22 -8.70 36.48
C ILE F 167 12.65 -8.24 35.08
N LEU F 168 13.19 -7.01 34.96
CA LEU F 168 13.69 -6.45 33.70
C LEU F 168 15.24 -6.39 33.71
N GLY F 169 15.83 -6.48 32.53
CA GLY F 169 17.27 -6.48 32.31
C GLY F 169 17.98 -5.20 32.68
N GLU F 170 17.26 -4.07 32.62
CA GLU F 170 17.77 -2.74 32.97
C GLU F 170 16.67 -2.00 33.70
N GLY F 171 17.02 -1.29 34.75
CA GLY F 171 16.09 -0.50 35.55
C GLY F 171 15.04 -1.30 36.32
N THR F 172 13.93 -0.63 36.69
CA THR F 172 12.87 -1.28 37.45
C THR F 172 11.61 -1.49 36.58
N THR F 173 10.60 -2.11 37.17
CA THR F 173 9.35 -2.38 36.50
C THR F 173 8.22 -1.75 37.32
N VAL F 174 7.01 -1.82 36.79
CA VAL F 174 5.80 -1.34 37.44
C VAL F 174 5.01 -2.56 37.90
N PHE F 175 3.98 -2.36 38.72
CA PHE F 175 3.14 -3.42 39.27
C PHE F 175 1.86 -2.80 39.77
N GLU F 176 0.82 -3.64 39.88
CA GLU F 176 -0.53 -3.31 40.33
C GLU F 176 -0.64 -3.51 41.84
N ASP F 177 -0.04 -4.61 42.37
CA ASP F 177 -0.11 -4.98 43.79
C ASP F 177 1.26 -5.30 44.31
N LEU F 178 1.78 -4.42 45.21
CA LEU F 178 3.08 -4.59 45.83
C LEU F 178 3.16 -5.84 46.71
N TYR F 179 2.08 -6.21 47.41
CA TYR F 179 2.06 -7.37 48.29
C TYR F 179 2.33 -8.65 47.49
N ASP F 180 1.63 -8.85 46.35
CA ASP F 180 1.82 -10.02 45.51
C ASP F 180 3.15 -9.97 44.77
N TYR F 181 3.57 -8.76 44.33
CA TYR F 181 4.82 -8.56 43.62
C TYR F 181 6.01 -8.99 44.48
N MET F 182 6.06 -8.51 45.74
CA MET F 182 7.13 -8.84 46.68
C MET F 182 7.14 -10.34 46.98
N ASN F 183 5.96 -10.94 47.04
CA ASN F 183 5.83 -12.36 47.30
C ASN F 183 6.35 -13.19 46.13
N SER F 184 6.12 -12.74 44.88
CA SER F 184 6.59 -13.39 43.65
C SER F 184 8.12 -13.31 43.53
N LEU F 185 8.71 -12.15 43.90
CA LEU F 185 10.16 -11.95 43.92
C LEU F 185 10.80 -12.90 44.92
N LYS F 186 10.15 -13.08 46.12
CA LYS F 186 10.63 -13.96 47.18
C LYS F 186 10.57 -15.41 46.71
N GLU F 187 9.54 -15.78 45.90
CA GLU F 187 9.36 -17.11 45.34
C GLU F 187 10.39 -17.40 44.28
N LEU F 188 10.65 -16.43 43.37
CA LEU F 188 11.67 -16.58 42.32
C LEU F 188 13.07 -16.75 42.91
N LEU F 189 13.36 -16.05 44.02
CA LEU F 189 14.63 -16.14 44.73
C LEU F 189 14.89 -17.57 45.19
N LYS F 190 13.83 -18.31 45.66
CA LYS F 190 13.92 -19.69 46.15
C LYS F 190 14.32 -20.67 45.04
N ILE F 191 14.03 -20.34 43.74
CA ILE F 191 14.38 -21.16 42.56
C ILE F 191 15.93 -21.28 42.45
N LYS F 192 16.66 -20.21 42.79
CA LYS F 192 18.11 -20.10 42.76
C LYS F 192 18.59 -20.34 41.35
N ALA F 193 17.99 -19.60 40.41
CA ALA F 193 18.29 -19.69 38.99
C ALA F 193 19.67 -19.15 38.67
N ASP F 194 20.27 -19.65 37.61
CA ASP F 194 21.60 -19.26 37.15
C ASP F 194 21.52 -18.01 36.25
N ILE F 195 20.51 -17.93 35.36
CA ILE F 195 20.30 -16.83 34.41
C ILE F 195 18.82 -16.42 34.36
N ILE F 196 18.56 -15.14 34.04
CA ILE F 196 17.22 -14.59 33.83
C ILE F 196 17.15 -13.99 32.41
N TYR F 197 16.21 -14.45 31.62
CA TYR F 197 15.85 -13.94 30.29
C TYR F 197 14.63 -13.03 30.47
N PRO F 198 14.84 -11.70 30.59
CA PRO F 198 13.71 -10.84 30.92
C PRO F 198 12.83 -10.48 29.70
N GLY F 199 11.66 -9.92 29.98
CA GLY F 199 10.73 -9.48 28.93
C GLY F 199 11.26 -8.27 28.19
N HIS F 200 12.12 -7.46 28.85
CA HIS F 200 12.80 -6.29 28.24
C HIS F 200 14.17 -6.14 28.85
N GLY F 201 15.10 -5.65 28.06
CA GLY F 201 16.46 -5.37 28.48
C GLY F 201 17.37 -6.53 28.25
N PRO F 202 18.67 -6.37 28.57
CA PRO F 202 19.62 -7.47 28.34
C PRO F 202 19.44 -8.64 29.32
N VAL F 203 20.10 -9.76 29.00
CA VAL F 203 20.10 -10.99 29.78
C VAL F 203 20.68 -10.71 31.15
N ILE F 204 20.21 -11.37 32.21
CA ILE F 204 20.75 -11.17 33.57
C ILE F 204 21.52 -12.42 33.94
N HIS F 205 22.83 -12.30 34.15
CA HIS F 205 23.70 -13.43 34.50
C HIS F 205 23.81 -13.64 36.02
N ASN F 206 23.59 -12.59 36.82
CA ASN F 206 23.59 -12.74 38.28
C ASN F 206 22.14 -12.52 38.77
N ALA F 207 21.36 -13.59 38.68
CA ALA F 207 19.95 -13.65 39.04
C ALA F 207 19.71 -13.31 40.53
N GLU F 208 20.41 -13.96 41.46
CA GLU F 208 20.31 -13.73 42.91
C GLU F 208 20.51 -12.25 43.24
N ALA F 209 21.62 -11.62 42.77
CA ALA F 209 21.90 -10.20 42.99
C ALA F 209 20.76 -9.28 42.41
N LYS F 210 20.20 -9.61 41.26
CA LYS F 210 19.15 -8.81 40.63
C LYS F 210 17.83 -8.86 41.40
N ILE F 211 17.38 -10.07 41.79
CA ILE F 211 16.15 -10.23 42.58
C ILE F 211 16.33 -9.54 43.93
N GLN F 212 17.53 -9.71 44.59
CA GLN F 212 17.81 -9.06 45.87
C GLN F 212 17.83 -7.54 45.72
N GLN F 213 18.29 -7.00 44.57
CA GLN F 213 18.31 -5.56 44.29
C GLN F 213 16.88 -5.03 44.23
N TYR F 214 15.98 -5.79 43.56
CA TYR F 214 14.53 -5.51 43.43
C TYR F 214 13.78 -5.52 44.77
N ILE F 215 14.11 -6.51 45.65
CA ILE F 215 13.52 -6.67 46.97
C ILE F 215 13.96 -5.53 47.88
N SER F 216 15.27 -5.27 47.95
CA SER F 216 15.89 -4.23 48.77
C SER F 216 15.36 -2.82 48.42
N HIS F 217 15.19 -2.51 47.12
CA HIS F 217 14.69 -1.25 46.61
C HIS F 217 13.35 -0.90 47.20
N ARG F 218 12.43 -1.89 47.22
CA ARG F 218 11.08 -1.71 47.72
C ARG F 218 11.09 -1.70 49.20
N ASN F 219 11.85 -2.60 49.85
CA ASN F 219 11.96 -2.74 51.32
C ASN F 219 12.52 -1.49 52.00
N ILE F 220 13.46 -0.77 51.36
CA ILE F 220 14.04 0.47 51.91
C ILE F 220 12.94 1.53 52.05
N ARG F 221 12.14 1.72 50.99
CA ARG F 221 11.03 2.66 50.99
C ARG F 221 9.93 2.24 51.98
N GLU F 222 9.58 0.93 52.08
CA GLU F 222 8.59 0.43 53.04
C GLU F 222 9.08 0.69 54.47
N GLN F 223 10.38 0.48 54.75
CA GLN F 223 10.98 0.72 56.06
C GLN F 223 10.92 2.20 56.40
N GLN F 224 11.11 3.09 55.44
CA GLN F 224 11.04 4.55 55.62
C GLN F 224 9.63 4.98 56.04
N ILE F 225 8.61 4.47 55.34
CA ILE F 225 7.19 4.77 55.54
C ILE F 225 6.74 4.23 56.91
N LEU F 226 7.02 2.95 57.20
CA LEU F 226 6.68 2.29 58.46
C LEU F 226 7.38 2.91 59.69
N THR F 227 8.61 3.43 59.56
CA THR F 227 9.34 4.13 60.62
C THR F 227 8.61 5.45 60.96
N LEU F 228 8.18 6.21 59.91
CA LEU F 228 7.46 7.48 60.10
C LEU F 228 6.17 7.27 60.92
N PHE F 229 5.37 6.23 60.57
CA PHE F 229 4.11 5.88 61.22
C PHE F 229 4.30 5.37 62.63
N ARG F 230 5.32 4.52 62.86
CA ARG F 230 5.55 3.93 64.18
C ARG F 230 6.25 4.89 65.16
N GLU F 231 7.05 5.85 64.65
CA GLU F 231 7.68 6.87 65.48
C GLU F 231 6.65 7.90 65.91
N ASN F 232 5.70 8.25 65.03
CA ASN F 232 4.63 9.21 65.27
C ASN F 232 3.30 8.46 65.34
N PHE F 233 3.23 7.46 66.26
CA PHE F 233 2.10 6.53 66.43
C PHE F 233 0.82 7.18 66.93
N GLU F 234 0.90 8.40 67.46
CA GLU F 234 -0.27 9.16 67.92
C GLU F 234 -0.83 10.04 66.77
N LYS F 235 -0.02 10.29 65.71
CA LYS F 235 -0.36 11.12 64.56
C LYS F 235 -1.02 10.34 63.42
N SER F 236 -1.90 11.03 62.69
CA SER F 236 -2.59 10.56 61.49
C SER F 236 -2.10 11.41 60.33
N PHE F 237 -1.82 10.79 59.18
CA PHE F 237 -1.29 11.52 58.04
C PHE F 237 -2.17 11.37 56.80
N THR F 238 -2.27 12.46 56.02
CA THR F 238 -2.96 12.45 54.72
C THR F 238 -1.93 12.02 53.66
N VAL F 239 -2.37 11.68 52.42
CA VAL F 239 -1.45 11.29 51.34
C VAL F 239 -0.49 12.46 51.04
N MET F 240 -1.03 13.69 50.91
CA MET F 240 -0.26 14.92 50.64
C MET F 240 0.78 15.16 51.74
N GLU F 241 0.41 14.96 53.02
CA GLU F 241 1.34 15.09 54.15
C GLU F 241 2.50 14.10 53.99
N LEU F 242 2.18 12.81 53.77
CA LEU F 242 3.14 11.72 53.60
C LEU F 242 4.06 11.91 52.38
N VAL F 243 3.54 12.36 51.23
CA VAL F 243 4.31 12.58 50.00
C VAL F 243 5.39 13.67 50.25
N LYS F 244 5.00 14.77 50.91
CA LYS F 244 5.92 15.88 51.22
C LYS F 244 7.06 15.43 52.16
N ILE F 245 6.78 14.49 53.11
CA ILE F 245 7.77 13.98 54.08
C ILE F 245 8.66 12.89 53.44
N ILE F 246 8.05 11.80 52.91
CA ILE F 246 8.75 10.61 52.39
C ILE F 246 9.54 10.91 51.10
N TYR F 247 8.95 11.63 50.14
CA TYR F 247 9.61 11.88 48.86
C TYR F 247 10.13 13.32 48.80
N LYS F 248 10.91 13.72 49.83
CA LYS F 248 11.48 15.06 49.94
C LYS F 248 12.55 15.33 48.87
N ASN F 249 13.32 14.29 48.51
CA ASN F 249 14.41 14.37 47.54
C ASN F 249 13.97 14.12 46.07
N THR F 250 12.65 14.20 45.81
CA THR F 250 12.00 13.96 44.50
C THR F 250 11.53 15.29 43.91
N PRO F 251 11.85 15.57 42.60
CA PRO F 251 11.38 16.83 42.00
C PRO F 251 9.85 16.89 41.81
N GLU F 252 9.28 18.12 41.75
CA GLU F 252 7.86 18.40 41.59
C GLU F 252 7.27 17.79 40.28
N ASN F 253 8.11 17.59 39.24
CA ASN F 253 7.67 17.02 37.98
C ASN F 253 7.35 15.52 38.13
N LEU F 254 7.81 14.88 39.23
CA LEU F 254 7.58 13.47 39.51
C LEU F 254 6.60 13.27 40.66
N HIS F 255 5.84 14.33 41.06
CA HIS F 255 4.87 14.30 42.16
C HIS F 255 3.83 13.19 42.01
N GLU F 256 3.24 13.02 40.82
CA GLU F 256 2.21 12.02 40.60
C GLU F 256 2.75 10.60 40.65
N MET F 257 4.03 10.42 40.29
CA MET F 257 4.71 9.12 40.31
C MET F 257 4.99 8.74 41.75
N ALA F 258 5.43 9.72 42.56
CA ALA F 258 5.70 9.58 44.00
C ALA F 258 4.41 9.23 44.76
N LYS F 259 3.33 9.98 44.52
CA LYS F 259 2.01 9.80 45.12
C LYS F 259 1.49 8.40 44.81
N HIS F 260 1.73 7.92 43.58
CA HIS F 260 1.30 6.60 43.11
C HIS F 260 2.09 5.51 43.82
N ASN F 261 3.42 5.70 43.93
CA ASN F 261 4.35 4.79 44.58
C ASN F 261 3.98 4.64 46.04
N LEU F 262 3.73 5.77 46.72
CA LEU F 262 3.34 5.83 48.13
C LEU F 262 2.07 5.01 48.38
N LEU F 263 1.04 5.22 47.56
CA LEU F 263 -0.24 4.52 47.68
C LEU F 263 -0.09 3.00 47.49
N LEU F 264 0.83 2.55 46.64
CA LEU F 264 1.12 1.11 46.43
C LEU F 264 1.73 0.53 47.71
N HIS F 265 2.60 1.31 48.35
CA HIS F 265 3.24 0.97 49.61
C HIS F 265 2.26 0.97 50.75
N LEU F 266 1.31 1.95 50.80
CA LEU F 266 0.28 2.04 51.86
C LEU F 266 -0.72 0.89 51.78
N LYS F 267 -1.10 0.46 50.59
CA LYS F 267 -2.05 -0.65 50.39
C LYS F 267 -1.44 -1.97 50.88
N LYS F 268 -0.11 -2.16 50.74
CA LYS F 268 0.59 -3.36 51.20
C LYS F 268 0.61 -3.40 52.75
N LEU F 269 1.00 -2.27 53.36
CA LEU F 269 1.04 -2.13 54.82
C LEU F 269 -0.36 -2.24 55.46
N GLU F 270 -1.41 -1.84 54.72
CA GLU F 270 -2.80 -1.92 55.15
C GLU F 270 -3.26 -3.38 55.12
N LYS F 271 -2.89 -4.12 54.06
CA LYS F 271 -3.20 -5.54 53.84
C LYS F 271 -2.57 -6.36 54.96
N GLU F 272 -1.35 -5.97 55.36
CA GLU F 272 -0.55 -6.62 56.41
C GLU F 272 -0.98 -6.19 57.81
N GLY F 273 -1.92 -5.26 57.93
CA GLY F 273 -2.45 -4.76 59.20
C GLY F 273 -1.50 -3.91 60.01
N LYS F 274 -0.49 -3.32 59.38
CA LYS F 274 0.54 -2.50 60.03
C LYS F 274 0.07 -1.08 60.18
N ILE F 275 -0.77 -0.61 59.24
CA ILE F 275 -1.39 0.71 59.23
C ILE F 275 -2.87 0.57 58.92
N PHE F 276 -3.65 1.56 59.33
CA PHE F 276 -5.08 1.58 59.07
C PHE F 276 -5.49 2.96 58.62
N SER F 277 -6.51 2.99 57.76
CA SER F 277 -7.08 4.21 57.22
C SER F 277 -8.43 4.50 57.89
N ASN F 278 -8.91 5.76 57.76
CA ASN F 278 -10.17 6.20 58.31
C ASN F 278 -11.17 6.54 57.19
N THR F 279 -12.37 7.04 57.60
CA THR F 279 -13.49 7.37 56.71
C THR F 279 -13.52 8.87 56.34
N ASP F 280 -12.51 9.67 56.74
CA ASP F 280 -12.40 11.11 56.46
C ASP F 280 -12.44 11.41 54.94
N PRO F 281 -13.03 12.56 54.49
CA PRO F 281 -13.06 12.87 53.04
C PRO F 281 -11.65 12.91 52.45
N ASP F 282 -10.70 13.47 53.23
CA ASP F 282 -9.26 13.45 52.98
C ASP F 282 -8.71 12.34 53.90
N LYS F 283 -8.72 11.10 53.39
CA LYS F 283 -8.31 9.84 54.04
C LYS F 283 -7.01 10.00 54.82
N LYS F 284 -7.06 9.65 56.11
CA LYS F 284 -5.91 9.69 57.01
C LYS F 284 -5.44 8.28 57.37
N TRP F 285 -4.11 8.06 57.36
CA TRP F 285 -3.48 6.82 57.76
C TRP F 285 -2.78 6.99 59.10
N LYS F 286 -2.86 5.98 59.95
CA LYS F 286 -2.24 5.96 61.26
C LYS F 286 -1.66 4.57 61.50
N ALA F 287 -0.59 4.44 62.30
CA ALA F 287 -0.03 3.12 62.64
C ALA F 287 -1.08 2.26 63.39
N HIS F 288 -1.04 0.95 63.16
CA HIS F 288 -1.97 0.03 63.80
C HIS F 288 -1.33 -0.65 64.98
N LEU F 289 -1.09 0.13 66.04
CA LEU F 289 -0.47 -0.40 67.25
C LEU F 289 0.99 0.02 67.36
ZN ZN G . 19.48 -6.80 -10.57
ZN ZN H . 21.11 -6.75 -13.72
C1 EDO I . 28.25 -22.81 -16.60
O1 EDO I . 27.91 -21.85 -17.59
C2 EDO I . 27.07 -23.75 -16.45
O2 EDO I . 26.95 -24.48 -17.64
ZN ZN J . 7.36 20.29 -17.62
ZN ZN K . 9.89 19.92 -20.06
ZN ZN L . -4.31 -5.02 -29.31
ZN ZN M . -1.87 -4.26 -31.82
ZN ZN N . -15.15 -14.65 9.70
ZN ZN O . -16.69 -15.39 12.82
C1 EDO P . -25.56 -28.02 31.39
O1 EDO P . -25.02 -27.18 30.39
C2 EDO P . -26.59 -27.22 32.17
O2 EDO P . -25.98 -26.00 32.57
C1 EDO Q . -17.03 -33.26 14.51
O1 EDO Q . -17.07 -32.18 15.43
C2 EDO Q . -15.58 -33.58 14.21
O2 EDO Q . -15.03 -34.15 15.38
ZN ZN R . -14.39 14.38 19.08
ZN ZN S . -16.59 12.84 21.49
ZN ZN T . 6.37 -5.34 28.83
ZN ZN U . 3.97 -5.61 31.40
C1 EDO V . 11.23 3.10 45.91
O1 EDO V . 10.34 4.16 46.18
C2 EDO V . 10.54 1.78 46.23
O2 EDO V . 9.18 1.76 45.82
#